data_4GQV
# 
_entry.id   4GQV 
# 
_audit_conform.dict_name       mmcif_pdbx.dic 
_audit_conform.dict_version    5.388 
_audit_conform.dict_location   http://mmcif.pdb.org/dictionaries/ascii/mmcif_pdbx.dic 
# 
loop_
_database_2.database_id 
_database_2.database_code 
_database_2.pdbx_database_accession 
_database_2.pdbx_DOI 
PDB   4GQV         pdb_00004gqv 10.2210/pdb4gqv/pdb 
RCSB  RCSB074524   ?            ?                   
WWPDB D_1000074524 ?            ?                   
# 
loop_
_pdbx_audit_revision_history.ordinal 
_pdbx_audit_revision_history.data_content_type 
_pdbx_audit_revision_history.major_revision 
_pdbx_audit_revision_history.minor_revision 
_pdbx_audit_revision_history.revision_date 
1 'Structure model' 1 0 2013-01-16 
2 'Structure model' 1 1 2014-09-03 
3 'Structure model' 1 2 2024-03-20 
# 
_pdbx_audit_revision_details.ordinal             1 
_pdbx_audit_revision_details.revision_ordinal    1 
_pdbx_audit_revision_details.data_content_type   'Structure model' 
_pdbx_audit_revision_details.provider            repository 
_pdbx_audit_revision_details.type                'Initial release' 
_pdbx_audit_revision_details.description         ? 
_pdbx_audit_revision_details.details             ? 
# 
loop_
_pdbx_audit_revision_group.ordinal 
_pdbx_audit_revision_group.revision_ordinal 
_pdbx_audit_revision_group.data_content_type 
_pdbx_audit_revision_group.group 
1 2 'Structure model' 'Database references' 
2 3 'Structure model' 'Data collection'     
3 3 'Structure model' 'Database references' 
# 
loop_
_pdbx_audit_revision_category.ordinal 
_pdbx_audit_revision_category.revision_ordinal 
_pdbx_audit_revision_category.data_content_type 
_pdbx_audit_revision_category.category 
1 3 'Structure model' chem_comp_atom     
2 3 'Structure model' chem_comp_bond     
3 3 'Structure model' database_2         
4 3 'Structure model' struct_ref_seq_dif 
# 
loop_
_pdbx_audit_revision_item.ordinal 
_pdbx_audit_revision_item.revision_ordinal 
_pdbx_audit_revision_item.data_content_type 
_pdbx_audit_revision_item.item 
1 3 'Structure model' '_database_2.pdbx_DOI'                
2 3 'Structure model' '_database_2.pdbx_database_accession' 
3 3 'Structure model' '_struct_ref_seq_dif.details'         
# 
_pdbx_database_status.status_code                     REL 
_pdbx_database_status.entry_id                        4GQV 
_pdbx_database_status.recvd_initial_deposition_date   2012-08-24 
_pdbx_database_status.deposit_site                    RCSB 
_pdbx_database_status.process_site                    PDBJ 
_pdbx_database_status.methods_development_category    ? 
_pdbx_database_status.status_code_sf                  REL 
_pdbx_database_status.status_code_mr                  ? 
_pdbx_database_status.SG_entry                        ? 
_pdbx_database_status.status_code_cs                  ? 
_pdbx_database_status.pdb_format_compatible           Y 
_pdbx_database_status.status_code_nmr_data            ? 
# 
_pdbx_database_related.db_name        PDB 
_pdbx_database_related.db_id          4GQW 
_pdbx_database_related.details        . 
_pdbx_database_related.content_type   unspecified 
# 
loop_
_audit_author.name 
_audit_author.pdbx_ordinal 
'Jeong, B.-C.' 1 
'Park, S.H.'   2 
'Yoo, K.S.'    3 
'Shin, J.S.'   4 
'Song, H.K.'   5 
# 
_citation.id                        primary 
_citation.title                     
'Crystal structure of the single cystathionine beta-synthase domain-containing protein CBSX1 from Arabidopsis thaliana' 
_citation.journal_abbrev            Biochem.Biophys.Res.Commun. 
_citation.journal_volume            430 
_citation.page_first                265 
_citation.page_last                 271 
_citation.year                      2013 
_citation.journal_id_ASTM           BBRCA9 
_citation.country                   US 
_citation.journal_id_ISSN           0006-291X 
_citation.journal_id_CSD            0146 
_citation.book_publisher            ? 
_citation.pdbx_database_id_PubMed   23159611 
_citation.pdbx_database_id_DOI      10.1016/j.bbrc.2012.10.139 
# 
loop_
_citation_author.citation_id 
_citation_author.name 
_citation_author.ordinal 
_citation_author.identifier_ORCID 
primary 'Jeong, B.C.' 1 ? 
primary 'Park, S.H.'  2 ? 
primary 'Yoo, K.S.'   3 ? 
primary 'Shin, J.S.'  4 ? 
primary 'Song, H.K.'  5 ? 
# 
loop_
_entity.id 
_entity.type 
_entity.src_method 
_entity.pdbx_description 
_entity.formula_weight 
_entity.pdbx_number_of_molecules 
_entity.pdbx_ec 
_entity.pdbx_mutation 
_entity.pdbx_fragment 
_entity.details 
1 polymer man 'CBS domain-containing protein CBSX1, chloroplastic' 18226.809 1  ? ? ? ? 
2 water   nat water                                                18.015    34 ? ? ? ? 
# 
_entity_name_com.entity_id   1 
_entity_name_com.name        
'CBS domain-containing protein 2, AtCDCP2, Protein LOSS OF THE TIMING OF ET AND JA BIOSYNTHESIS 2, AtLEJ2' 
# 
_entity_poly.entity_id                      1 
_entity_poly.type                           'polypeptide(L)' 
_entity_poly.nstd_linkage                   no 
_entity_poly.nstd_monomer                   no 
_entity_poly.pdbx_seq_one_letter_code       
;GSGVYTVGEFMTKKEDLHVVKPTTTVDEALELLVENRITGFPVIDEDWKLVGLVSDYDLLALDSISGSGRTENSMFPEVD
STWKTFNAVQKLLSKTNGKLVGDLMTPAPLVVEEKTNLEDAAKILLETKYRRLPVVDSDGKLVGIITRGNVVRAALQIKR
SGDRNA
;
_entity_poly.pdbx_seq_one_letter_code_can   
;GSGVYTVGEFMTKKEDLHVVKPTTTVDEALELLVENRITGFPVIDEDWKLVGLVSDYDLLALDSISGSGRTENSMFPEVD
STWKTFNAVQKLLSKTNGKLVGDLMTPAPLVVEEKTNLEDAAKILLETKYRRLPVVDSDGKLVGIITRGNVVRAALQIKR
SGDRNA
;
_entity_poly.pdbx_strand_id                 A 
_entity_poly.pdbx_target_identifier         ? 
# 
_pdbx_entity_nonpoly.entity_id   2 
_pdbx_entity_nonpoly.name        water 
_pdbx_entity_nonpoly.comp_id     HOH 
# 
loop_
_entity_poly_seq.entity_id 
_entity_poly_seq.num 
_entity_poly_seq.mon_id 
_entity_poly_seq.hetero 
1 1   GLY n 
1 2   SER n 
1 3   GLY n 
1 4   VAL n 
1 5   TYR n 
1 6   THR n 
1 7   VAL n 
1 8   GLY n 
1 9   GLU n 
1 10  PHE n 
1 11  MET n 
1 12  THR n 
1 13  LYS n 
1 14  LYS n 
1 15  GLU n 
1 16  ASP n 
1 17  LEU n 
1 18  HIS n 
1 19  VAL n 
1 20  VAL n 
1 21  LYS n 
1 22  PRO n 
1 23  THR n 
1 24  THR n 
1 25  THR n 
1 26  VAL n 
1 27  ASP n 
1 28  GLU n 
1 29  ALA n 
1 30  LEU n 
1 31  GLU n 
1 32  LEU n 
1 33  LEU n 
1 34  VAL n 
1 35  GLU n 
1 36  ASN n 
1 37  ARG n 
1 38  ILE n 
1 39  THR n 
1 40  GLY n 
1 41  PHE n 
1 42  PRO n 
1 43  VAL n 
1 44  ILE n 
1 45  ASP n 
1 46  GLU n 
1 47  ASP n 
1 48  TRP n 
1 49  LYS n 
1 50  LEU n 
1 51  VAL n 
1 52  GLY n 
1 53  LEU n 
1 54  VAL n 
1 55  SER n 
1 56  ASP n 
1 57  TYR n 
1 58  ASP n 
1 59  LEU n 
1 60  LEU n 
1 61  ALA n 
1 62  LEU n 
1 63  ASP n 
1 64  SER n 
1 65  ILE n 
1 66  SER n 
1 67  GLY n 
1 68  SER n 
1 69  GLY n 
1 70  ARG n 
1 71  THR n 
1 72  GLU n 
1 73  ASN n 
1 74  SER n 
1 75  MET n 
1 76  PHE n 
1 77  PRO n 
1 78  GLU n 
1 79  VAL n 
1 80  ASP n 
1 81  SER n 
1 82  THR n 
1 83  TRP n 
1 84  LYS n 
1 85  THR n 
1 86  PHE n 
1 87  ASN n 
1 88  ALA n 
1 89  VAL n 
1 90  GLN n 
1 91  LYS n 
1 92  LEU n 
1 93  LEU n 
1 94  SER n 
1 95  LYS n 
1 96  THR n 
1 97  ASN n 
1 98  GLY n 
1 99  LYS n 
1 100 LEU n 
1 101 VAL n 
1 102 GLY n 
1 103 ASP n 
1 104 LEU n 
1 105 MET n 
1 106 THR n 
1 107 PRO n 
1 108 ALA n 
1 109 PRO n 
1 110 LEU n 
1 111 VAL n 
1 112 VAL n 
1 113 GLU n 
1 114 GLU n 
1 115 LYS n 
1 116 THR n 
1 117 ASN n 
1 118 LEU n 
1 119 GLU n 
1 120 ASP n 
1 121 ALA n 
1 122 ALA n 
1 123 LYS n 
1 124 ILE n 
1 125 LEU n 
1 126 LEU n 
1 127 GLU n 
1 128 THR n 
1 129 LYS n 
1 130 TYR n 
1 131 ARG n 
1 132 ARG n 
1 133 LEU n 
1 134 PRO n 
1 135 VAL n 
1 136 VAL n 
1 137 ASP n 
1 138 SER n 
1 139 ASP n 
1 140 GLY n 
1 141 LYS n 
1 142 LEU n 
1 143 VAL n 
1 144 GLY n 
1 145 ILE n 
1 146 ILE n 
1 147 THR n 
1 148 ARG n 
1 149 GLY n 
1 150 ASN n 
1 151 VAL n 
1 152 VAL n 
1 153 ARG n 
1 154 ALA n 
1 155 ALA n 
1 156 LEU n 
1 157 GLN n 
1 158 ILE n 
1 159 LYS n 
1 160 ARG n 
1 161 SER n 
1 162 GLY n 
1 163 ASP n 
1 164 ARG n 
1 165 ASN n 
1 166 ALA n 
# 
_entity_src_gen.entity_id                          1 
_entity_src_gen.pdbx_src_id                        1 
_entity_src_gen.pdbx_alt_source_flag               sample 
_entity_src_gen.pdbx_seq_type                      ? 
_entity_src_gen.pdbx_beg_seq_num                   ? 
_entity_src_gen.pdbx_end_seq_num                   ? 
_entity_src_gen.gene_src_common_name               'mouse-ear cress,thale-cress' 
_entity_src_gen.gene_src_genus                     ? 
_entity_src_gen.pdbx_gene_src_gene                 'AP22.61, At4g36910, C7A10.450, CBSX1, CDCP2' 
_entity_src_gen.gene_src_species                   ? 
_entity_src_gen.gene_src_strain                    ? 
_entity_src_gen.gene_src_tissue                    ? 
_entity_src_gen.gene_src_tissue_fraction           ? 
_entity_src_gen.gene_src_details                   ? 
_entity_src_gen.pdbx_gene_src_fragment             ? 
_entity_src_gen.pdbx_gene_src_scientific_name      'Arabidopsis thaliana' 
_entity_src_gen.pdbx_gene_src_ncbi_taxonomy_id     3702 
_entity_src_gen.pdbx_gene_src_variant              ? 
_entity_src_gen.pdbx_gene_src_cell_line            ? 
_entity_src_gen.pdbx_gene_src_atcc                 ? 
_entity_src_gen.pdbx_gene_src_organ                ? 
_entity_src_gen.pdbx_gene_src_organelle            ? 
_entity_src_gen.pdbx_gene_src_cell                 ? 
_entity_src_gen.pdbx_gene_src_cellular_location    ? 
_entity_src_gen.host_org_common_name               ? 
_entity_src_gen.pdbx_host_org_scientific_name      'Escherichia coli' 
_entity_src_gen.pdbx_host_org_ncbi_taxonomy_id     562 
_entity_src_gen.host_org_genus                     ? 
_entity_src_gen.pdbx_host_org_gene                 ? 
_entity_src_gen.pdbx_host_org_organ                ? 
_entity_src_gen.host_org_species                   ? 
_entity_src_gen.pdbx_host_org_tissue               ? 
_entity_src_gen.pdbx_host_org_tissue_fraction      ? 
_entity_src_gen.pdbx_host_org_strain               'BL21(DE3)' 
_entity_src_gen.pdbx_host_org_variant              ? 
_entity_src_gen.pdbx_host_org_cell_line            ? 
_entity_src_gen.pdbx_host_org_atcc                 ? 
_entity_src_gen.pdbx_host_org_culture_collection   ? 
_entity_src_gen.pdbx_host_org_cell                 ? 
_entity_src_gen.pdbx_host_org_organelle            ? 
_entity_src_gen.pdbx_host_org_cellular_location    ? 
_entity_src_gen.pdbx_host_org_vector_type          Plasmid 
_entity_src_gen.pdbx_host_org_vector               ? 
_entity_src_gen.host_org_details                   ? 
_entity_src_gen.expression_system_id               ? 
_entity_src_gen.plasmid_name                       pET-GST 
_entity_src_gen.plasmid_details                    ? 
_entity_src_gen.pdbx_description                   ? 
# 
loop_
_chem_comp.id 
_chem_comp.type 
_chem_comp.mon_nstd_flag 
_chem_comp.name 
_chem_comp.pdbx_synonyms 
_chem_comp.formula 
_chem_comp.formula_weight 
ALA 'L-peptide linking' y ALANINE         ? 'C3 H7 N O2'     89.093  
ARG 'L-peptide linking' y ARGININE        ? 'C6 H15 N4 O2 1' 175.209 
ASN 'L-peptide linking' y ASPARAGINE      ? 'C4 H8 N2 O3'    132.118 
ASP 'L-peptide linking' y 'ASPARTIC ACID' ? 'C4 H7 N O4'     133.103 
GLN 'L-peptide linking' y GLUTAMINE       ? 'C5 H10 N2 O3'   146.144 
GLU 'L-peptide linking' y 'GLUTAMIC ACID' ? 'C5 H9 N O4'     147.129 
GLY 'peptide linking'   y GLYCINE         ? 'C2 H5 N O2'     75.067  
HIS 'L-peptide linking' y HISTIDINE       ? 'C6 H10 N3 O2 1' 156.162 
HOH non-polymer         . WATER           ? 'H2 O'           18.015  
ILE 'L-peptide linking' y ISOLEUCINE      ? 'C6 H13 N O2'    131.173 
LEU 'L-peptide linking' y LEUCINE         ? 'C6 H13 N O2'    131.173 
LYS 'L-peptide linking' y LYSINE          ? 'C6 H15 N2 O2 1' 147.195 
MET 'L-peptide linking' y METHIONINE      ? 'C5 H11 N O2 S'  149.211 
PHE 'L-peptide linking' y PHENYLALANINE   ? 'C9 H11 N O2'    165.189 
PRO 'L-peptide linking' y PROLINE         ? 'C5 H9 N O2'     115.130 
SER 'L-peptide linking' y SERINE          ? 'C3 H7 N O3'     105.093 
THR 'L-peptide linking' y THREONINE       ? 'C4 H9 N O3'     119.119 
TRP 'L-peptide linking' y TRYPTOPHAN      ? 'C11 H12 N2 O2'  204.225 
TYR 'L-peptide linking' y TYROSINE        ? 'C9 H11 N O3'    181.189 
VAL 'L-peptide linking' y VALINE          ? 'C5 H11 N O2'    117.146 
# 
loop_
_pdbx_poly_seq_scheme.asym_id 
_pdbx_poly_seq_scheme.entity_id 
_pdbx_poly_seq_scheme.seq_id 
_pdbx_poly_seq_scheme.mon_id 
_pdbx_poly_seq_scheme.ndb_seq_num 
_pdbx_poly_seq_scheme.pdb_seq_num 
_pdbx_poly_seq_scheme.auth_seq_num 
_pdbx_poly_seq_scheme.pdb_mon_id 
_pdbx_poly_seq_scheme.auth_mon_id 
_pdbx_poly_seq_scheme.pdb_strand_id 
_pdbx_poly_seq_scheme.pdb_ins_code 
_pdbx_poly_seq_scheme.hetero 
A 1 1   GLY 1   71  ?   ?   ?   A . n 
A 1 2   SER 2   72  ?   ?   ?   A . n 
A 1 3   GLY 3   73  ?   ?   ?   A . n 
A 1 4   VAL 4   74  74  VAL VAL A . n 
A 1 5   TYR 5   75  75  TYR TYR A . n 
A 1 6   THR 6   76  76  THR THR A . n 
A 1 7   VAL 7   77  77  VAL VAL A . n 
A 1 8   GLY 8   78  78  GLY GLY A . n 
A 1 9   GLU 9   79  79  GLU GLU A . n 
A 1 10  PHE 10  80  80  PHE PHE A . n 
A 1 11  MET 11  81  81  MET MET A . n 
A 1 12  THR 12  82  82  THR THR A . n 
A 1 13  LYS 13  83  83  LYS LYS A . n 
A 1 14  LYS 14  84  84  LYS LYS A . n 
A 1 15  GLU 15  85  85  GLU GLU A . n 
A 1 16  ASP 16  86  86  ASP ASP A . n 
A 1 17  LEU 17  87  87  LEU LEU A . n 
A 1 18  HIS 18  88  88  HIS HIS A . n 
A 1 19  VAL 19  89  89  VAL VAL A . n 
A 1 20  VAL 20  90  90  VAL VAL A . n 
A 1 21  LYS 21  91  91  LYS LYS A . n 
A 1 22  PRO 22  92  92  PRO PRO A . n 
A 1 23  THR 23  93  93  THR THR A . n 
A 1 24  THR 24  94  94  THR THR A . n 
A 1 25  THR 25  95  95  THR THR A . n 
A 1 26  VAL 26  96  96  VAL VAL A . n 
A 1 27  ASP 27  97  97  ASP ASP A . n 
A 1 28  GLU 28  98  98  GLU GLU A . n 
A 1 29  ALA 29  99  99  ALA ALA A . n 
A 1 30  LEU 30  100 100 LEU LEU A . n 
A 1 31  GLU 31  101 101 GLU GLU A . n 
A 1 32  LEU 32  102 102 LEU LEU A . n 
A 1 33  LEU 33  103 103 LEU LEU A . n 
A 1 34  VAL 34  104 104 VAL VAL A . n 
A 1 35  GLU 35  105 105 GLU GLU A . n 
A 1 36  ASN 36  106 106 ASN ASN A . n 
A 1 37  ARG 37  107 107 ARG ARG A . n 
A 1 38  ILE 38  108 108 ILE ILE A . n 
A 1 39  THR 39  109 109 THR THR A . n 
A 1 40  GLY 40  110 110 GLY GLY A . n 
A 1 41  PHE 41  111 111 PHE PHE A . n 
A 1 42  PRO 42  112 112 PRO PRO A . n 
A 1 43  VAL 43  113 113 VAL VAL A . n 
A 1 44  ILE 44  114 114 ILE ILE A . n 
A 1 45  ASP 45  115 115 ASP ASP A . n 
A 1 46  GLU 46  116 116 GLU GLU A . n 
A 1 47  ASP 47  117 117 ASP ASP A . n 
A 1 48  TRP 48  118 118 TRP TRP A . n 
A 1 49  LYS 49  119 119 LYS LYS A . n 
A 1 50  LEU 50  120 120 LEU LEU A . n 
A 1 51  VAL 51  121 121 VAL VAL A . n 
A 1 52  GLY 52  122 122 GLY GLY A . n 
A 1 53  LEU 53  123 123 LEU LEU A . n 
A 1 54  VAL 54  124 124 VAL VAL A . n 
A 1 55  SER 55  125 125 SER SER A . n 
A 1 56  ASP 56  126 126 ASP ASP A . n 
A 1 57  TYR 57  127 127 TYR TYR A . n 
A 1 58  ASP 58  128 128 ASP ASP A . n 
A 1 59  LEU 59  129 129 LEU LEU A . n 
A 1 60  LEU 60  130 130 LEU LEU A . n 
A 1 61  ALA 61  131 131 ALA ALA A . n 
A 1 62  LEU 62  132 132 LEU LEU A . n 
A 1 63  ASP 63  133 133 ASP ALA A . n 
A 1 64  SER 64  134 ?   ?   ?   A . n 
A 1 65  ILE 65  135 ?   ?   ?   A . n 
A 1 66  SER 66  136 ?   ?   ?   A . n 
A 1 67  GLY 67  137 ?   ?   ?   A . n 
A 1 68  SER 68  138 ?   ?   ?   A . n 
A 1 69  GLY 69  139 ?   ?   ?   A . n 
A 1 70  ARG 70  140 ?   ?   ?   A . n 
A 1 71  THR 71  141 ?   ?   ?   A . n 
A 1 72  GLU 72  142 ?   ?   ?   A . n 
A 1 73  ASN 73  143 ?   ?   ?   A . n 
A 1 74  SER 74  144 ?   ?   ?   A . n 
A 1 75  MET 75  145 ?   ?   ?   A . n 
A 1 76  PHE 76  146 ?   ?   ?   A . n 
A 1 77  PRO 77  147 ?   ?   ?   A . n 
A 1 78  GLU 78  148 ?   ?   ?   A . n 
A 1 79  VAL 79  149 ?   ?   ?   A . n 
A 1 80  ASP 80  150 ?   ?   ?   A . n 
A 1 81  SER 81  151 ?   ?   ?   A . n 
A 1 82  THR 82  152 ?   ?   ?   A . n 
A 1 83  TRP 83  153 ?   ?   ?   A . n 
A 1 84  LYS 84  154 ?   ?   ?   A . n 
A 1 85  THR 85  155 ?   ?   ?   A . n 
A 1 86  PHE 86  156 ?   ?   ?   A . n 
A 1 87  ASN 87  157 ?   ?   ?   A . n 
A 1 88  ALA 88  158 ?   ?   ?   A . n 
A 1 89  VAL 89  159 ?   ?   ?   A . n 
A 1 90  GLN 90  160 ?   ?   ?   A . n 
A 1 91  LYS 91  161 ?   ?   ?   A . n 
A 1 92  LEU 92  162 ?   ?   ?   A . n 
A 1 93  LEU 93  163 ?   ?   ?   A . n 
A 1 94  SER 94  164 ?   ?   ?   A . n 
A 1 95  LYS 95  165 ?   ?   ?   A . n 
A 1 96  THR 96  166 ?   ?   ?   A . n 
A 1 97  ASN 97  167 ?   ?   ?   A . n 
A 1 98  GLY 98  168 168 GLY GLY A . n 
A 1 99  LYS 99  169 169 LYS LYS A . n 
A 1 100 LEU 100 170 170 LEU LEU A . n 
A 1 101 VAL 101 171 171 VAL VAL A . n 
A 1 102 GLY 102 172 172 GLY GLY A . n 
A 1 103 ASP 103 173 173 ASP ASP A . n 
A 1 104 LEU 104 174 174 LEU LEU A . n 
A 1 105 MET 105 175 175 MET MET A . n 
A 1 106 THR 106 176 176 THR THR A . n 
A 1 107 PRO 107 177 177 PRO PRO A . n 
A 1 108 ALA 108 178 178 ALA ALA A . n 
A 1 109 PRO 109 179 179 PRO PRO A . n 
A 1 110 LEU 110 180 180 LEU LEU A . n 
A 1 111 VAL 111 181 181 VAL VAL A . n 
A 1 112 VAL 112 182 182 VAL VAL A . n 
A 1 113 GLU 113 183 183 GLU GLU A . n 
A 1 114 GLU 114 184 184 GLU GLU A . n 
A 1 115 LYS 115 185 185 LYS LYS A . n 
A 1 116 THR 116 186 186 THR THR A . n 
A 1 117 ASN 117 187 187 ASN ASN A . n 
A 1 118 LEU 118 188 188 LEU LEU A . n 
A 1 119 GLU 119 189 189 GLU GLU A . n 
A 1 120 ASP 120 190 190 ASP ASP A . n 
A 1 121 ALA 121 191 191 ALA ALA A . n 
A 1 122 ALA 122 192 192 ALA ALA A . n 
A 1 123 LYS 123 193 193 LYS LYS A . n 
A 1 124 ILE 124 194 194 ILE ILE A . n 
A 1 125 LEU 125 195 195 LEU LEU A . n 
A 1 126 LEU 126 196 196 LEU LEU A . n 
A 1 127 GLU 127 197 197 GLU GLU A . n 
A 1 128 THR 128 198 198 THR THR A . n 
A 1 129 LYS 129 199 199 LYS LYS A . n 
A 1 130 TYR 130 200 200 TYR TYR A . n 
A 1 131 ARG 131 201 201 ARG ARG A . n 
A 1 132 ARG 132 202 202 ARG ARG A . n 
A 1 133 LEU 133 203 203 LEU LEU A . n 
A 1 134 PRO 134 204 204 PRO PRO A . n 
A 1 135 VAL 135 205 205 VAL VAL A . n 
A 1 136 VAL 136 206 206 VAL VAL A . n 
A 1 137 ASP 137 207 207 ASP ASP A . n 
A 1 138 SER 138 208 208 SER SER A . n 
A 1 139 ASP 139 209 209 ASP ASP A . n 
A 1 140 GLY 140 210 210 GLY GLY A . n 
A 1 141 LYS 141 211 211 LYS LYS A . n 
A 1 142 LEU 142 212 212 LEU LEU A . n 
A 1 143 VAL 143 213 213 VAL VAL A . n 
A 1 144 GLY 144 214 214 GLY GLY A . n 
A 1 145 ILE 145 215 215 ILE ILE A . n 
A 1 146 ILE 146 216 216 ILE ILE A . n 
A 1 147 THR 147 217 217 THR THR A . n 
A 1 148 ARG 148 218 218 ARG ARG A . n 
A 1 149 GLY 149 219 219 GLY GLY A . n 
A 1 150 ASN 150 220 220 ASN ASN A . n 
A 1 151 VAL 151 221 221 VAL VAL A . n 
A 1 152 VAL 152 222 222 VAL VAL A . n 
A 1 153 ARG 153 223 223 ARG ARG A . n 
A 1 154 ALA 154 224 224 ALA ALA A . n 
A 1 155 ALA 155 225 225 ALA ALA A . n 
A 1 156 LEU 156 226 226 LEU LEU A . n 
A 1 157 GLN 157 227 227 GLN GLN A . n 
A 1 158 ILE 158 228 228 ILE ILE A . n 
A 1 159 LYS 159 229 229 LYS LYS A . n 
A 1 160 ARG 160 230 ?   ?   ?   A . n 
A 1 161 SER 161 231 ?   ?   ?   A . n 
A 1 162 GLY 162 232 ?   ?   ?   A . n 
A 1 163 ASP 163 233 ?   ?   ?   A . n 
A 1 164 ARG 164 234 ?   ?   ?   A . n 
A 1 165 ASN 165 235 ?   ?   ?   A . n 
A 1 166 ALA 166 236 ?   ?   ?   A . n 
# 
loop_
_pdbx_nonpoly_scheme.asym_id 
_pdbx_nonpoly_scheme.entity_id 
_pdbx_nonpoly_scheme.mon_id 
_pdbx_nonpoly_scheme.ndb_seq_num 
_pdbx_nonpoly_scheme.pdb_seq_num 
_pdbx_nonpoly_scheme.auth_seq_num 
_pdbx_nonpoly_scheme.pdb_mon_id 
_pdbx_nonpoly_scheme.auth_mon_id 
_pdbx_nonpoly_scheme.pdb_strand_id 
_pdbx_nonpoly_scheme.pdb_ins_code 
B 2 HOH 1  301 1  HOH HOH A . 
B 2 HOH 2  302 2  HOH HOH A . 
B 2 HOH 3  303 3  HOH HOH A . 
B 2 HOH 4  304 4  HOH HOH A . 
B 2 HOH 5  305 5  HOH HOH A . 
B 2 HOH 6  306 6  HOH HOH A . 
B 2 HOH 7  307 7  HOH HOH A . 
B 2 HOH 8  308 8  HOH HOH A . 
B 2 HOH 9  309 9  HOH HOH A . 
B 2 HOH 10 310 10 HOH HOH A . 
B 2 HOH 11 311 11 HOH HOH A . 
B 2 HOH 12 312 12 HOH HOH A . 
B 2 HOH 13 313 13 HOH HOH A . 
B 2 HOH 14 314 14 HOH HOH A . 
B 2 HOH 15 315 15 HOH HOH A . 
B 2 HOH 16 316 16 HOH HOH A . 
B 2 HOH 17 317 17 HOH HOH A . 
B 2 HOH 18 318 18 HOH HOH A . 
B 2 HOH 19 319 19 HOH HOH A . 
B 2 HOH 20 320 20 HOH HOH A . 
B 2 HOH 21 321 21 HOH HOH A . 
B 2 HOH 22 322 22 HOH HOH A . 
B 2 HOH 23 323 23 HOH HOH A . 
B 2 HOH 24 324 24 HOH HOH A . 
B 2 HOH 25 325 25 HOH HOH A . 
B 2 HOH 26 326 26 HOH HOH A . 
B 2 HOH 27 327 27 HOH HOH A . 
B 2 HOH 28 328 28 HOH HOH A . 
B 2 HOH 29 329 29 HOH HOH A . 
B 2 HOH 30 330 30 HOH HOH A . 
B 2 HOH 31 331 31 HOH HOH A . 
B 2 HOH 32 332 32 HOH HOH A . 
B 2 HOH 33 333 33 HOH HOH A . 
B 2 HOH 34 334 34 HOH HOH A . 
# 
loop_
_pdbx_unobs_or_zero_occ_atoms.id 
_pdbx_unobs_or_zero_occ_atoms.PDB_model_num 
_pdbx_unobs_or_zero_occ_atoms.polymer_flag 
_pdbx_unobs_or_zero_occ_atoms.occupancy_flag 
_pdbx_unobs_or_zero_occ_atoms.auth_asym_id 
_pdbx_unobs_or_zero_occ_atoms.auth_comp_id 
_pdbx_unobs_or_zero_occ_atoms.auth_seq_id 
_pdbx_unobs_or_zero_occ_atoms.PDB_ins_code 
_pdbx_unobs_or_zero_occ_atoms.auth_atom_id 
_pdbx_unobs_or_zero_occ_atoms.label_alt_id 
_pdbx_unobs_or_zero_occ_atoms.label_asym_id 
_pdbx_unobs_or_zero_occ_atoms.label_comp_id 
_pdbx_unobs_or_zero_occ_atoms.label_seq_id 
_pdbx_unobs_or_zero_occ_atoms.label_atom_id 
1 1 Y 1 A ASP 133 ? CG  ? A ASP 63 CG  
2 1 Y 1 A ASP 133 ? OD1 ? A ASP 63 OD1 
3 1 Y 1 A ASP 133 ? OD2 ? A ASP 63 OD2 
# 
loop_
_software.name 
_software.classification 
_software.version 
_software.citation_id 
_software.pdbx_ordinal 
HKL-2000 'data collection' .                           ? 1 
PHASES   phasing           .                           ? 2 
PHENIX   refinement        '(phenix.refine: 1.8_1069)' ? 3 
HKL-2000 'data reduction'  .                           ? 4 
HKL-2000 'data scaling'    .                           ? 5 
# 
_cell.entry_id           4GQV 
_cell.length_a           56.361 
_cell.length_b           56.361 
_cell.length_c           82.595 
_cell.angle_alpha        90.00 
_cell.angle_beta         90.00 
_cell.angle_gamma        120.00 
_cell.Z_PDB              6 
_cell.pdbx_unique_axis   ? 
_cell.length_a_esd       ? 
_cell.length_b_esd       ? 
_cell.length_c_esd       ? 
_cell.angle_alpha_esd    ? 
_cell.angle_beta_esd     ? 
_cell.angle_gamma_esd    ? 
# 
_symmetry.entry_id                         4GQV 
_symmetry.space_group_name_H-M             'P 31 2 1' 
_symmetry.pdbx_full_space_group_name_H-M   ? 
_symmetry.cell_setting                     ? 
_symmetry.Int_Tables_number                152 
_symmetry.space_group_name_Hall            ? 
# 
_exptl.entry_id          4GQV 
_exptl.method            'X-RAY DIFFRACTION' 
_exptl.crystals_number   1 
# 
_exptl_crystal.id                    1 
_exptl_crystal.density_meas          ? 
_exptl_crystal.density_Matthews      2.08 
_exptl_crystal.density_percent_sol   40.80 
_exptl_crystal.description           'THE ENTRY CONTAINS FRIEDEL PAIRS IN F_PLUS/MINUS COLUMNS' 
_exptl_crystal.F_000                 ? 
_exptl_crystal.preparation           ? 
# 
_exptl_crystal_grow.crystal_id      1 
_exptl_crystal_grow.method          'VAPOR DIFFUSION, HANGING DROP' 
_exptl_crystal_grow.temp            295 
_exptl_crystal_grow.temp_details    ? 
_exptl_crystal_grow.pH              4.2 
_exptl_crystal_grow.pdbx_pH_range   ? 
_exptl_crystal_grow.pdbx_details    
'100mM phophate-acetate pH 4.2, 200mM NaCl, 20%(w/w) PEG 8000, VAPOR DIFFUSION, HANGING DROP, temperature 295K' 
# 
_diffrn.id                     1 
_diffrn.ambient_temp           100 
_diffrn.ambient_temp_details   ? 
_diffrn.crystal_id             1 
# 
_diffrn_detector.diffrn_id              1 
_diffrn_detector.detector               CCD 
_diffrn_detector.type                   'ADSC QUANTUM 210r' 
_diffrn_detector.pdbx_collection_date   2007-06-23 
_diffrn_detector.details                ? 
# 
_diffrn_radiation.diffrn_id                        1 
_diffrn_radiation.wavelength_id                    1 
_diffrn_radiation.pdbx_monochromatic_or_laue_m_l   M 
_diffrn_radiation.monochromator                    'Double-crystal Si(111) liquid-nitrogen-cooled' 
_diffrn_radiation.pdbx_diffrn_protocol             'SINGLE WAVELENGTH' 
_diffrn_radiation.pdbx_scattering_type             x-ray 
# 
_diffrn_radiation_wavelength.id           1 
_diffrn_radiation_wavelength.wavelength   0.97923 
_diffrn_radiation_wavelength.wt           1.0 
# 
_diffrn_source.diffrn_id                   1 
_diffrn_source.source                      SYNCHROTRON 
_diffrn_source.type                        'PHOTON FACTORY BEAMLINE AR-NW12A' 
_diffrn_source.pdbx_synchrotron_site       'Photon Factory' 
_diffrn_source.pdbx_synchrotron_beamline   AR-NW12A 
_diffrn_source.pdbx_wavelength             ? 
_diffrn_source.pdbx_wavelength_list        0.97923 
# 
_reflns.pdbx_diffrn_id               1 
_reflns.pdbx_ordinal                 1 
_reflns.entry_id                     4GQV 
_reflns.observed_criterion_sigma_I   1.0 
_reflns.observed_criterion_sigma_F   1.0 
_reflns.d_resolution_low             50.0 
_reflns.d_resolution_high            2.392 
_reflns.number_obs                   11556 
_reflns.number_all                   ? 
_reflns.percent_possible_obs         ? 
_reflns.pdbx_Rmerge_I_obs            ? 
_reflns.pdbx_Rsym_value              0.069 
_reflns.pdbx_netI_over_sigmaI        60.8 
_reflns.B_iso_Wilson_estimate        60.27 
_reflns.pdbx_redundancy              10.1 
_reflns.R_free_details               ? 
_reflns.limit_h_max                  ? 
_reflns.limit_h_min                  ? 
_reflns.limit_k_max                  ? 
_reflns.limit_k_min                  ? 
_reflns.limit_l_max                  ? 
_reflns.limit_l_min                  ? 
_reflns.observed_criterion_F_max     ? 
_reflns.observed_criterion_F_min     ? 
_reflns.pdbx_chi_squared             ? 
_reflns.pdbx_scaling_rejects         ? 
# 
_refine.pdbx_refine_id                           'X-RAY DIFFRACTION' 
_refine.entry_id                                 4GQV 
_refine.pdbx_diffrn_id                           1 
_refine.pdbx_TLS_residual_ADP_flag               ? 
_refine.ls_number_reflns_obs                     11556 
_refine.ls_number_reflns_all                     ? 
_refine.pdbx_ls_sigma_I                          ? 
_refine.pdbx_ls_sigma_F                          1.36 
_refine.pdbx_data_cutoff_high_absF               ? 
_refine.pdbx_data_cutoff_low_absF                ? 
_refine.pdbx_data_cutoff_high_rms_absF           ? 
_refine.ls_d_res_low                             31.527 
_refine.ls_d_res_high                            2.392 
_refine.ls_percent_reflns_obs                    99.55 
_refine.ls_R_factor_obs                          0.2547 
_refine.ls_R_factor_all                          ? 
_refine.ls_R_factor_R_work                       0.2484 
_refine.ls_R_factor_R_free                       0.3095 
_refine.ls_R_factor_R_free_error                 ? 
_refine.ls_R_factor_R_free_error_details         ? 
_refine.ls_percent_reflns_R_free                 10.02 
_refine.ls_number_reflns_R_free                  1158 
_refine.ls_number_parameters                     ? 
_refine.ls_number_restraints                     ? 
_refine.occupancy_min                            ? 
_refine.occupancy_max                            ? 
_refine.correlation_coeff_Fo_to_Fc               ? 
_refine.correlation_coeff_Fo_to_Fc_free          ? 
_refine.B_iso_mean                               ? 
_refine.aniso_B[1][1]                            ? 
_refine.aniso_B[2][2]                            ? 
_refine.aniso_B[3][3]                            ? 
_refine.aniso_B[1][2]                            ? 
_refine.aniso_B[1][3]                            ? 
_refine.aniso_B[2][3]                            ? 
_refine.solvent_model_details                    'FLAT BULK SOLVENT MODEL' 
_refine.solvent_model_param_ksol                 ? 
_refine.solvent_model_param_bsol                 ? 
_refine.pdbx_solvent_vdw_probe_radii             1.11 
_refine.pdbx_solvent_ion_probe_radii             ? 
_refine.pdbx_solvent_shrinkage_radii             0.90 
_refine.pdbx_ls_cross_valid_method               ? 
_refine.details                                  'THE ENTRY CONTAINS FRIEDEL PAIRS IN F_PLUS/MINUS COLUMNS' 
_refine.pdbx_starting_model                      ? 
_refine.pdbx_method_to_determine_struct          'MOLECULAR REPLACEMENT' 
_refine.pdbx_isotropic_thermal_model             ? 
_refine.pdbx_stereochemistry_target_values       ML 
_refine.pdbx_stereochem_target_val_spec_case     ? 
_refine.pdbx_R_Free_selection_details            ? 
_refine.pdbx_overall_ESU_R                       ? 
_refine.pdbx_overall_ESU_R_Free                  ? 
_refine.overall_SU_ML                            0.40 
_refine.pdbx_overall_phase_error                 32.78 
_refine.overall_SU_B                             ? 
_refine.overall_SU_R_Cruickshank_DPI             ? 
_refine.pdbx_overall_SU_R_free_Cruickshank_DPI   ? 
_refine.pdbx_overall_SU_R_Blow_DPI               ? 
_refine.pdbx_overall_SU_R_free_Blow_DPI          ? 
_refine.ls_redundancy_reflns_obs                 ? 
_refine.B_iso_min                                ? 
_refine.B_iso_max                                ? 
_refine.overall_SU_R_free                        ? 
_refine.ls_wR_factor_R_free                      ? 
_refine.ls_wR_factor_R_work                      ? 
_refine.overall_FOM_free_R_set                   ? 
_refine.overall_FOM_work_R_set                   ? 
# 
_refine_hist.pdbx_refine_id                   'X-RAY DIFFRACTION' 
_refine_hist.cycle_id                         LAST 
_refine_hist.pdbx_number_atoms_protein        946 
_refine_hist.pdbx_number_atoms_nucleic_acid   0 
_refine_hist.pdbx_number_atoms_ligand         0 
_refine_hist.number_atoms_solvent             34 
_refine_hist.number_atoms_total               980 
_refine_hist.d_res_high                       2.392 
_refine_hist.d_res_low                        31.527 
# 
loop_
_refine_ls_restr.type 
_refine_ls_restr.dev_ideal 
_refine_ls_restr.dev_ideal_target 
_refine_ls_restr.weight 
_refine_ls_restr.number 
_refine_ls_restr.pdbx_refine_id 
_refine_ls_restr.pdbx_restraint_function 
f_bond_d           0.009  ? ? 957  'X-RAY DIFFRACTION' ? 
f_angle_d          1.190  ? ? 1299 'X-RAY DIFFRACTION' ? 
f_dihedral_angle_d 18.180 ? ? 359  'X-RAY DIFFRACTION' ? 
f_chiral_restr     0.070  ? ? 165  'X-RAY DIFFRACTION' ? 
f_plane_restr      0.004  ? ? 161  'X-RAY DIFFRACTION' ? 
# 
loop_
_refine_ls_shell.pdbx_refine_id 
_refine_ls_shell.pdbx_total_number_of_bins_used 
_refine_ls_shell.d_res_high 
_refine_ls_shell.d_res_low 
_refine_ls_shell.number_reflns_R_work 
_refine_ls_shell.R_factor_R_work 
_refine_ls_shell.percent_reflns_obs 
_refine_ls_shell.R_factor_R_free 
_refine_ls_shell.R_factor_R_free_error 
_refine_ls_shell.percent_reflns_R_free 
_refine_ls_shell.number_reflns_R_free 
_refine_ls_shell.number_reflns_all 
_refine_ls_shell.R_factor_all 
_refine_ls_shell.redundancy_reflns_obs 
_refine_ls_shell.number_reflns_obs 
'X-RAY DIFFRACTION' . 2.3922 2.5010  1293 0.2811 98.00  0.3956 . . 157 . . . . 
'X-RAY DIFFRACTION' . 2.5010 2.6328  1282 0.2767 100.00 0.3327 . . 144 . . . . 
'X-RAY DIFFRACTION' . 2.6328 2.7977  1326 0.2777 100.00 0.3831 . . 132 . . . . 
'X-RAY DIFFRACTION' . 2.7977 3.0136  1289 0.2656 100.00 0.3796 . . 138 . . . . 
'X-RAY DIFFRACTION' . 3.0136 3.3165  1321 0.2549 100.00 0.3316 . . 164 . . . . 
'X-RAY DIFFRACTION' . 3.3165 3.7957  1298 0.2236 100.00 0.2670 . . 135 . . . . 
'X-RAY DIFFRACTION' . 3.7957 4.7796  1303 0.2244 100.00 0.2632 . . 146 . . . . 
'X-RAY DIFFRACTION' . 4.7796 31.5297 1286 0.2637 98.00  0.3254 . . 142 . . . . 
# 
_struct.entry_id                  4GQV 
_struct.title                     'Crystal structure of CBS-pair protein, CBSX1 from Arabidopsis thaliana' 
_struct.pdbx_model_details        ? 
_struct.pdbx_CASP_flag            ? 
_struct.pdbx_model_type_details   ? 
# 
_struct_keywords.entry_id        4GQV 
_struct_keywords.pdbx_keywords   'PROTEIN BINDING' 
_struct_keywords.text            'CBS domain, Thioredoxin, Chloroplast, plant, PROTEIN BINDING' 
# 
loop_
_struct_asym.id 
_struct_asym.pdbx_blank_PDB_chainid_flag 
_struct_asym.pdbx_modified 
_struct_asym.entity_id 
_struct_asym.details 
A N N 1 ? 
B N N 2 ? 
# 
_struct_ref.id                         1 
_struct_ref.db_name                    UNP 
_struct_ref.db_code                    CBSX1_ARATH 
_struct_ref.pdbx_db_accession          O23193 
_struct_ref.entity_id                  1 
_struct_ref.pdbx_seq_one_letter_code   
;SGVYTVGEFMTKKEDLHVVKPTTTVDEALELLVENRITGFPVIDEDWKLVGLVSDYDLLALDSISGSGRTENSMFPEVDS
TWKTFNAVQKLLSKTNGKLVGDLMTPAPLVVEEKTNLEDAAKILLETKYRRLPVVDSDGKLVGIITRGNVVRAALQIKRS
GDRNA
;
_struct_ref.pdbx_align_begin           72 
_struct_ref.pdbx_db_isoform            ? 
# 
_struct_ref_seq.align_id                      1 
_struct_ref_seq.ref_id                        1 
_struct_ref_seq.pdbx_PDB_id_code              4GQV 
_struct_ref_seq.pdbx_strand_id                A 
_struct_ref_seq.seq_align_beg                 2 
_struct_ref_seq.pdbx_seq_align_beg_ins_code   ? 
_struct_ref_seq.seq_align_end                 166 
_struct_ref_seq.pdbx_seq_align_end_ins_code   ? 
_struct_ref_seq.pdbx_db_accession             O23193 
_struct_ref_seq.db_align_beg                  72 
_struct_ref_seq.pdbx_db_align_beg_ins_code    ? 
_struct_ref_seq.db_align_end                  236 
_struct_ref_seq.pdbx_db_align_end_ins_code    ? 
_struct_ref_seq.pdbx_auth_seq_align_beg       72 
_struct_ref_seq.pdbx_auth_seq_align_end       236 
# 
_struct_ref_seq_dif.align_id                     1 
_struct_ref_seq_dif.pdbx_pdb_id_code             4GQV 
_struct_ref_seq_dif.mon_id                       GLY 
_struct_ref_seq_dif.pdbx_pdb_strand_id           A 
_struct_ref_seq_dif.seq_num                      1 
_struct_ref_seq_dif.pdbx_pdb_ins_code            ? 
_struct_ref_seq_dif.pdbx_seq_db_name             UNP 
_struct_ref_seq_dif.pdbx_seq_db_accession_code   O23193 
_struct_ref_seq_dif.db_mon_id                    ? 
_struct_ref_seq_dif.pdbx_seq_db_seq_num          ? 
_struct_ref_seq_dif.details                      'expression tag' 
_struct_ref_seq_dif.pdbx_auth_seq_num            71 
_struct_ref_seq_dif.pdbx_ordinal                 1 
# 
_pdbx_struct_assembly.id                   1 
_pdbx_struct_assembly.details              author_and_software_defined_assembly 
_pdbx_struct_assembly.method_details       PISA 
_pdbx_struct_assembly.oligomeric_details   dimeric 
_pdbx_struct_assembly.oligomeric_count     2 
# 
loop_
_pdbx_struct_assembly_prop.biol_id 
_pdbx_struct_assembly_prop.type 
_pdbx_struct_assembly_prop.value 
_pdbx_struct_assembly_prop.details 
1 'ABSA (A^2)' 1720  ? 
1 MORE         -9    ? 
1 'SSA (A^2)'  13210 ? 
# 
_pdbx_struct_assembly_gen.assembly_id       1 
_pdbx_struct_assembly_gen.oper_expression   1,2 
_pdbx_struct_assembly_gen.asym_id_list      A,B 
# 
loop_
_pdbx_struct_oper_list.id 
_pdbx_struct_oper_list.type 
_pdbx_struct_oper_list.name 
_pdbx_struct_oper_list.symmetry_operation 
_pdbx_struct_oper_list.matrix[1][1] 
_pdbx_struct_oper_list.matrix[1][2] 
_pdbx_struct_oper_list.matrix[1][3] 
_pdbx_struct_oper_list.vector[1] 
_pdbx_struct_oper_list.matrix[2][1] 
_pdbx_struct_oper_list.matrix[2][2] 
_pdbx_struct_oper_list.matrix[2][3] 
_pdbx_struct_oper_list.vector[2] 
_pdbx_struct_oper_list.matrix[3][1] 
_pdbx_struct_oper_list.matrix[3][2] 
_pdbx_struct_oper_list.matrix[3][3] 
_pdbx_struct_oper_list.vector[3] 
1 'identity operation'         1_555 x,y,z          1.0000000000  0.0000000000 0.0000000000 0.0000000000  0.0000000000 1.0000000000 0.0000000000 0.0000000000  0.0000000000 0.0000000000 1.0000000000  0.0000000000   
2 'crystal symmetry operation' 6_555 -x,-x+y,-z+1/3 -0.9006027341 0.3387137734 0.2723741822 -2.5002132442 0.3387137734 0.1542271228 0.9281632261 15.4122401874 0.2723741822 0.9281632261 -0.2536243888 -18.2536524924 
# 
_struct_biol.id        1 
_struct_biol.details   ? 
# 
loop_
_struct_conf.conf_type_id 
_struct_conf.id 
_struct_conf.pdbx_PDB_helix_id 
_struct_conf.beg_label_comp_id 
_struct_conf.beg_label_asym_id 
_struct_conf.beg_label_seq_id 
_struct_conf.pdbx_beg_PDB_ins_code 
_struct_conf.end_label_comp_id 
_struct_conf.end_label_asym_id 
_struct_conf.end_label_seq_id 
_struct_conf.pdbx_end_PDB_ins_code 
_struct_conf.beg_auth_comp_id 
_struct_conf.beg_auth_asym_id 
_struct_conf.beg_auth_seq_id 
_struct_conf.end_auth_comp_id 
_struct_conf.end_auth_asym_id 
_struct_conf.end_auth_seq_id 
_struct_conf.pdbx_PDB_helix_class 
_struct_conf.details 
_struct_conf.pdbx_PDB_helix_length 
HELX_P HELX_P1 1 THR A 6   ? MET A 11  ? THR A 76  MET A 81  1 ? 6  
HELX_P HELX_P2 2 GLU A 15  ? LEU A 17  ? GLU A 85  LEU A 87  5 ? 3  
HELX_P HELX_P3 3 THR A 25  ? ARG A 37  ? THR A 95  ARG A 107 1 ? 13 
HELX_P HELX_P4 4 ASP A 56  ? LEU A 60  ? ASP A 126 LEU A 130 1 ? 5  
HELX_P HELX_P5 5 LEU A 100 ? MET A 105 ? LEU A 170 MET A 175 1 ? 6  
HELX_P HELX_P6 6 ASN A 117 ? THR A 128 ? ASN A 187 THR A 198 1 ? 12 
HELX_P HELX_P7 7 THR A 147 ? GLN A 157 ? THR A 217 GLN A 227 1 ? 11 
# 
_struct_conf_type.id          HELX_P 
_struct_conf_type.criteria    ? 
_struct_conf_type.reference   ? 
# 
loop_
_struct_sheet.id 
_struct_sheet.type 
_struct_sheet.number_strands 
_struct_sheet.details 
A ? 3 ? 
B ? 3 ? 
# 
loop_
_struct_sheet_order.sheet_id 
_struct_sheet_order.range_id_1 
_struct_sheet_order.range_id_2 
_struct_sheet_order.offset 
_struct_sheet_order.sense 
A 1 2 ? anti-parallel 
A 2 3 ? anti-parallel 
B 1 2 ? anti-parallel 
B 2 3 ? anti-parallel 
# 
loop_
_struct_sheet_range.sheet_id 
_struct_sheet_range.id 
_struct_sheet_range.beg_label_comp_id 
_struct_sheet_range.beg_label_asym_id 
_struct_sheet_range.beg_label_seq_id 
_struct_sheet_range.pdbx_beg_PDB_ins_code 
_struct_sheet_range.end_label_comp_id 
_struct_sheet_range.end_label_asym_id 
_struct_sheet_range.end_label_seq_id 
_struct_sheet_range.pdbx_end_PDB_ins_code 
_struct_sheet_range.beg_auth_comp_id 
_struct_sheet_range.beg_auth_asym_id 
_struct_sheet_range.beg_auth_seq_id 
_struct_sheet_range.end_auth_comp_id 
_struct_sheet_range.end_auth_asym_id 
_struct_sheet_range.end_auth_seq_id 
A 1 THR A 12  ? LYS A 13  ? THR A 82  LYS A 83  
A 2 LEU A 142 ? ILE A 145 ? LEU A 212 ILE A 215 
A 3 PRO A 134 ? VAL A 136 ? PRO A 204 VAL A 206 
B 1 GLY A 40  ? ILE A 44  ? GLY A 110 ILE A 114 
B 2 LEU A 50  ? SER A 55  ? LEU A 120 SER A 125 
B 3 THR A 106 ? PRO A 107 ? THR A 176 PRO A 177 
# 
loop_
_pdbx_struct_sheet_hbond.sheet_id 
_pdbx_struct_sheet_hbond.range_id_1 
_pdbx_struct_sheet_hbond.range_id_2 
_pdbx_struct_sheet_hbond.range_1_label_atom_id 
_pdbx_struct_sheet_hbond.range_1_label_comp_id 
_pdbx_struct_sheet_hbond.range_1_label_asym_id 
_pdbx_struct_sheet_hbond.range_1_label_seq_id 
_pdbx_struct_sheet_hbond.range_1_PDB_ins_code 
_pdbx_struct_sheet_hbond.range_1_auth_atom_id 
_pdbx_struct_sheet_hbond.range_1_auth_comp_id 
_pdbx_struct_sheet_hbond.range_1_auth_asym_id 
_pdbx_struct_sheet_hbond.range_1_auth_seq_id 
_pdbx_struct_sheet_hbond.range_2_label_atom_id 
_pdbx_struct_sheet_hbond.range_2_label_comp_id 
_pdbx_struct_sheet_hbond.range_2_label_asym_id 
_pdbx_struct_sheet_hbond.range_2_label_seq_id 
_pdbx_struct_sheet_hbond.range_2_PDB_ins_code 
_pdbx_struct_sheet_hbond.range_2_auth_atom_id 
_pdbx_struct_sheet_hbond.range_2_auth_comp_id 
_pdbx_struct_sheet_hbond.range_2_auth_asym_id 
_pdbx_struct_sheet_hbond.range_2_auth_seq_id 
A 1 2 N THR A 12  ? N THR A 82  O ILE A 145 ? O ILE A 215 
A 2 3 O GLY A 144 ? O GLY A 214 N VAL A 135 ? N VAL A 205 
B 1 2 N VAL A 43  ? N VAL A 113 O GLY A 52  ? O GLY A 122 
B 2 3 N LEU A 53  ? N LEU A 123 O THR A 106 ? O THR A 176 
# 
_pdbx_validate_torsion.id              1 
_pdbx_validate_torsion.PDB_model_num   1 
_pdbx_validate_torsion.auth_comp_id    ALA 
_pdbx_validate_torsion.auth_asym_id    A 
_pdbx_validate_torsion.auth_seq_id     131 
_pdbx_validate_torsion.PDB_ins_code    ? 
_pdbx_validate_torsion.label_alt_id    ? 
_pdbx_validate_torsion.phi             33.23 
_pdbx_validate_torsion.psi             66.00 
# 
loop_
_pdbx_unobs_or_zero_occ_residues.id 
_pdbx_unobs_or_zero_occ_residues.PDB_model_num 
_pdbx_unobs_or_zero_occ_residues.polymer_flag 
_pdbx_unobs_or_zero_occ_residues.occupancy_flag 
_pdbx_unobs_or_zero_occ_residues.auth_asym_id 
_pdbx_unobs_or_zero_occ_residues.auth_comp_id 
_pdbx_unobs_or_zero_occ_residues.auth_seq_id 
_pdbx_unobs_or_zero_occ_residues.PDB_ins_code 
_pdbx_unobs_or_zero_occ_residues.label_asym_id 
_pdbx_unobs_or_zero_occ_residues.label_comp_id 
_pdbx_unobs_or_zero_occ_residues.label_seq_id 
1  1 Y 1 A GLY 71  ? A GLY 1   
2  1 Y 1 A SER 72  ? A SER 2   
3  1 Y 1 A GLY 73  ? A GLY 3   
4  1 Y 1 A SER 134 ? A SER 64  
5  1 Y 1 A ILE 135 ? A ILE 65  
6  1 Y 1 A SER 136 ? A SER 66  
7  1 Y 1 A GLY 137 ? A GLY 67  
8  1 Y 1 A SER 138 ? A SER 68  
9  1 Y 1 A GLY 139 ? A GLY 69  
10 1 Y 1 A ARG 140 ? A ARG 70  
11 1 Y 1 A THR 141 ? A THR 71  
12 1 Y 1 A GLU 142 ? A GLU 72  
13 1 Y 1 A ASN 143 ? A ASN 73  
14 1 Y 1 A SER 144 ? A SER 74  
15 1 Y 1 A MET 145 ? A MET 75  
16 1 Y 1 A PHE 146 ? A PHE 76  
17 1 Y 1 A PRO 147 ? A PRO 77  
18 1 Y 1 A GLU 148 ? A GLU 78  
19 1 Y 1 A VAL 149 ? A VAL 79  
20 1 Y 1 A ASP 150 ? A ASP 80  
21 1 Y 1 A SER 151 ? A SER 81  
22 1 Y 1 A THR 152 ? A THR 82  
23 1 Y 1 A TRP 153 ? A TRP 83  
24 1 Y 1 A LYS 154 ? A LYS 84  
25 1 Y 1 A THR 155 ? A THR 85  
26 1 Y 1 A PHE 156 ? A PHE 86  
27 1 Y 1 A ASN 157 ? A ASN 87  
28 1 Y 1 A ALA 158 ? A ALA 88  
29 1 Y 1 A VAL 159 ? A VAL 89  
30 1 Y 1 A GLN 160 ? A GLN 90  
31 1 Y 1 A LYS 161 ? A LYS 91  
32 1 Y 1 A LEU 162 ? A LEU 92  
33 1 Y 1 A LEU 163 ? A LEU 93  
34 1 Y 1 A SER 164 ? A SER 94  
35 1 Y 1 A LYS 165 ? A LYS 95  
36 1 Y 1 A THR 166 ? A THR 96  
37 1 Y 1 A ASN 167 ? A ASN 97  
38 1 Y 1 A ARG 230 ? A ARG 160 
39 1 Y 1 A SER 231 ? A SER 161 
40 1 Y 1 A GLY 232 ? A GLY 162 
41 1 Y 1 A ASP 233 ? A ASP 163 
42 1 Y 1 A ARG 234 ? A ARG 164 
43 1 Y 1 A ASN 235 ? A ASN 165 
44 1 Y 1 A ALA 236 ? A ALA 166 
# 
loop_
_chem_comp_atom.comp_id 
_chem_comp_atom.atom_id 
_chem_comp_atom.type_symbol 
_chem_comp_atom.pdbx_aromatic_flag 
_chem_comp_atom.pdbx_stereo_config 
_chem_comp_atom.pdbx_ordinal 
ALA N    N N N 1   
ALA CA   C N S 2   
ALA C    C N N 3   
ALA O    O N N 4   
ALA CB   C N N 5   
ALA OXT  O N N 6   
ALA H    H N N 7   
ALA H2   H N N 8   
ALA HA   H N N 9   
ALA HB1  H N N 10  
ALA HB2  H N N 11  
ALA HB3  H N N 12  
ALA HXT  H N N 13  
ARG N    N N N 14  
ARG CA   C N S 15  
ARG C    C N N 16  
ARG O    O N N 17  
ARG CB   C N N 18  
ARG CG   C N N 19  
ARG CD   C N N 20  
ARG NE   N N N 21  
ARG CZ   C N N 22  
ARG NH1  N N N 23  
ARG NH2  N N N 24  
ARG OXT  O N N 25  
ARG H    H N N 26  
ARG H2   H N N 27  
ARG HA   H N N 28  
ARG HB2  H N N 29  
ARG HB3  H N N 30  
ARG HG2  H N N 31  
ARG HG3  H N N 32  
ARG HD2  H N N 33  
ARG HD3  H N N 34  
ARG HE   H N N 35  
ARG HH11 H N N 36  
ARG HH12 H N N 37  
ARG HH21 H N N 38  
ARG HH22 H N N 39  
ARG HXT  H N N 40  
ASN N    N N N 41  
ASN CA   C N S 42  
ASN C    C N N 43  
ASN O    O N N 44  
ASN CB   C N N 45  
ASN CG   C N N 46  
ASN OD1  O N N 47  
ASN ND2  N N N 48  
ASN OXT  O N N 49  
ASN H    H N N 50  
ASN H2   H N N 51  
ASN HA   H N N 52  
ASN HB2  H N N 53  
ASN HB3  H N N 54  
ASN HD21 H N N 55  
ASN HD22 H N N 56  
ASN HXT  H N N 57  
ASP N    N N N 58  
ASP CA   C N S 59  
ASP C    C N N 60  
ASP O    O N N 61  
ASP CB   C N N 62  
ASP CG   C N N 63  
ASP OD1  O N N 64  
ASP OD2  O N N 65  
ASP OXT  O N N 66  
ASP H    H N N 67  
ASP H2   H N N 68  
ASP HA   H N N 69  
ASP HB2  H N N 70  
ASP HB3  H N N 71  
ASP HD2  H N N 72  
ASP HXT  H N N 73  
GLN N    N N N 74  
GLN CA   C N S 75  
GLN C    C N N 76  
GLN O    O N N 77  
GLN CB   C N N 78  
GLN CG   C N N 79  
GLN CD   C N N 80  
GLN OE1  O N N 81  
GLN NE2  N N N 82  
GLN OXT  O N N 83  
GLN H    H N N 84  
GLN H2   H N N 85  
GLN HA   H N N 86  
GLN HB2  H N N 87  
GLN HB3  H N N 88  
GLN HG2  H N N 89  
GLN HG3  H N N 90  
GLN HE21 H N N 91  
GLN HE22 H N N 92  
GLN HXT  H N N 93  
GLU N    N N N 94  
GLU CA   C N S 95  
GLU C    C N N 96  
GLU O    O N N 97  
GLU CB   C N N 98  
GLU CG   C N N 99  
GLU CD   C N N 100 
GLU OE1  O N N 101 
GLU OE2  O N N 102 
GLU OXT  O N N 103 
GLU H    H N N 104 
GLU H2   H N N 105 
GLU HA   H N N 106 
GLU HB2  H N N 107 
GLU HB3  H N N 108 
GLU HG2  H N N 109 
GLU HG3  H N N 110 
GLU HE2  H N N 111 
GLU HXT  H N N 112 
GLY N    N N N 113 
GLY CA   C N N 114 
GLY C    C N N 115 
GLY O    O N N 116 
GLY OXT  O N N 117 
GLY H    H N N 118 
GLY H2   H N N 119 
GLY HA2  H N N 120 
GLY HA3  H N N 121 
GLY HXT  H N N 122 
HIS N    N N N 123 
HIS CA   C N S 124 
HIS C    C N N 125 
HIS O    O N N 126 
HIS CB   C N N 127 
HIS CG   C Y N 128 
HIS ND1  N Y N 129 
HIS CD2  C Y N 130 
HIS CE1  C Y N 131 
HIS NE2  N Y N 132 
HIS OXT  O N N 133 
HIS H    H N N 134 
HIS H2   H N N 135 
HIS HA   H N N 136 
HIS HB2  H N N 137 
HIS HB3  H N N 138 
HIS HD1  H N N 139 
HIS HD2  H N N 140 
HIS HE1  H N N 141 
HIS HE2  H N N 142 
HIS HXT  H N N 143 
HOH O    O N N 144 
HOH H1   H N N 145 
HOH H2   H N N 146 
ILE N    N N N 147 
ILE CA   C N S 148 
ILE C    C N N 149 
ILE O    O N N 150 
ILE CB   C N S 151 
ILE CG1  C N N 152 
ILE CG2  C N N 153 
ILE CD1  C N N 154 
ILE OXT  O N N 155 
ILE H    H N N 156 
ILE H2   H N N 157 
ILE HA   H N N 158 
ILE HB   H N N 159 
ILE HG12 H N N 160 
ILE HG13 H N N 161 
ILE HG21 H N N 162 
ILE HG22 H N N 163 
ILE HG23 H N N 164 
ILE HD11 H N N 165 
ILE HD12 H N N 166 
ILE HD13 H N N 167 
ILE HXT  H N N 168 
LEU N    N N N 169 
LEU CA   C N S 170 
LEU C    C N N 171 
LEU O    O N N 172 
LEU CB   C N N 173 
LEU CG   C N N 174 
LEU CD1  C N N 175 
LEU CD2  C N N 176 
LEU OXT  O N N 177 
LEU H    H N N 178 
LEU H2   H N N 179 
LEU HA   H N N 180 
LEU HB2  H N N 181 
LEU HB3  H N N 182 
LEU HG   H N N 183 
LEU HD11 H N N 184 
LEU HD12 H N N 185 
LEU HD13 H N N 186 
LEU HD21 H N N 187 
LEU HD22 H N N 188 
LEU HD23 H N N 189 
LEU HXT  H N N 190 
LYS N    N N N 191 
LYS CA   C N S 192 
LYS C    C N N 193 
LYS O    O N N 194 
LYS CB   C N N 195 
LYS CG   C N N 196 
LYS CD   C N N 197 
LYS CE   C N N 198 
LYS NZ   N N N 199 
LYS OXT  O N N 200 
LYS H    H N N 201 
LYS H2   H N N 202 
LYS HA   H N N 203 
LYS HB2  H N N 204 
LYS HB3  H N N 205 
LYS HG2  H N N 206 
LYS HG3  H N N 207 
LYS HD2  H N N 208 
LYS HD3  H N N 209 
LYS HE2  H N N 210 
LYS HE3  H N N 211 
LYS HZ1  H N N 212 
LYS HZ2  H N N 213 
LYS HZ3  H N N 214 
LYS HXT  H N N 215 
MET N    N N N 216 
MET CA   C N S 217 
MET C    C N N 218 
MET O    O N N 219 
MET CB   C N N 220 
MET CG   C N N 221 
MET SD   S N N 222 
MET CE   C N N 223 
MET OXT  O N N 224 
MET H    H N N 225 
MET H2   H N N 226 
MET HA   H N N 227 
MET HB2  H N N 228 
MET HB3  H N N 229 
MET HG2  H N N 230 
MET HG3  H N N 231 
MET HE1  H N N 232 
MET HE2  H N N 233 
MET HE3  H N N 234 
MET HXT  H N N 235 
PHE N    N N N 236 
PHE CA   C N S 237 
PHE C    C N N 238 
PHE O    O N N 239 
PHE CB   C N N 240 
PHE CG   C Y N 241 
PHE CD1  C Y N 242 
PHE CD2  C Y N 243 
PHE CE1  C Y N 244 
PHE CE2  C Y N 245 
PHE CZ   C Y N 246 
PHE OXT  O N N 247 
PHE H    H N N 248 
PHE H2   H N N 249 
PHE HA   H N N 250 
PHE HB2  H N N 251 
PHE HB3  H N N 252 
PHE HD1  H N N 253 
PHE HD2  H N N 254 
PHE HE1  H N N 255 
PHE HE2  H N N 256 
PHE HZ   H N N 257 
PHE HXT  H N N 258 
PRO N    N N N 259 
PRO CA   C N S 260 
PRO C    C N N 261 
PRO O    O N N 262 
PRO CB   C N N 263 
PRO CG   C N N 264 
PRO CD   C N N 265 
PRO OXT  O N N 266 
PRO H    H N N 267 
PRO HA   H N N 268 
PRO HB2  H N N 269 
PRO HB3  H N N 270 
PRO HG2  H N N 271 
PRO HG3  H N N 272 
PRO HD2  H N N 273 
PRO HD3  H N N 274 
PRO HXT  H N N 275 
SER N    N N N 276 
SER CA   C N S 277 
SER C    C N N 278 
SER O    O N N 279 
SER CB   C N N 280 
SER OG   O N N 281 
SER OXT  O N N 282 
SER H    H N N 283 
SER H2   H N N 284 
SER HA   H N N 285 
SER HB2  H N N 286 
SER HB3  H N N 287 
SER HG   H N N 288 
SER HXT  H N N 289 
THR N    N N N 290 
THR CA   C N S 291 
THR C    C N N 292 
THR O    O N N 293 
THR CB   C N R 294 
THR OG1  O N N 295 
THR CG2  C N N 296 
THR OXT  O N N 297 
THR H    H N N 298 
THR H2   H N N 299 
THR HA   H N N 300 
THR HB   H N N 301 
THR HG1  H N N 302 
THR HG21 H N N 303 
THR HG22 H N N 304 
THR HG23 H N N 305 
THR HXT  H N N 306 
TRP N    N N N 307 
TRP CA   C N S 308 
TRP C    C N N 309 
TRP O    O N N 310 
TRP CB   C N N 311 
TRP CG   C Y N 312 
TRP CD1  C Y N 313 
TRP CD2  C Y N 314 
TRP NE1  N Y N 315 
TRP CE2  C Y N 316 
TRP CE3  C Y N 317 
TRP CZ2  C Y N 318 
TRP CZ3  C Y N 319 
TRP CH2  C Y N 320 
TRP OXT  O N N 321 
TRP H    H N N 322 
TRP H2   H N N 323 
TRP HA   H N N 324 
TRP HB2  H N N 325 
TRP HB3  H N N 326 
TRP HD1  H N N 327 
TRP HE1  H N N 328 
TRP HE3  H N N 329 
TRP HZ2  H N N 330 
TRP HZ3  H N N 331 
TRP HH2  H N N 332 
TRP HXT  H N N 333 
TYR N    N N N 334 
TYR CA   C N S 335 
TYR C    C N N 336 
TYR O    O N N 337 
TYR CB   C N N 338 
TYR CG   C Y N 339 
TYR CD1  C Y N 340 
TYR CD2  C Y N 341 
TYR CE1  C Y N 342 
TYR CE2  C Y N 343 
TYR CZ   C Y N 344 
TYR OH   O N N 345 
TYR OXT  O N N 346 
TYR H    H N N 347 
TYR H2   H N N 348 
TYR HA   H N N 349 
TYR HB2  H N N 350 
TYR HB3  H N N 351 
TYR HD1  H N N 352 
TYR HD2  H N N 353 
TYR HE1  H N N 354 
TYR HE2  H N N 355 
TYR HH   H N N 356 
TYR HXT  H N N 357 
VAL N    N N N 358 
VAL CA   C N S 359 
VAL C    C N N 360 
VAL O    O N N 361 
VAL CB   C N N 362 
VAL CG1  C N N 363 
VAL CG2  C N N 364 
VAL OXT  O N N 365 
VAL H    H N N 366 
VAL H2   H N N 367 
VAL HA   H N N 368 
VAL HB   H N N 369 
VAL HG11 H N N 370 
VAL HG12 H N N 371 
VAL HG13 H N N 372 
VAL HG21 H N N 373 
VAL HG22 H N N 374 
VAL HG23 H N N 375 
VAL HXT  H N N 376 
# 
loop_
_chem_comp_bond.comp_id 
_chem_comp_bond.atom_id_1 
_chem_comp_bond.atom_id_2 
_chem_comp_bond.value_order 
_chem_comp_bond.pdbx_aromatic_flag 
_chem_comp_bond.pdbx_stereo_config 
_chem_comp_bond.pdbx_ordinal 
ALA N   CA   sing N N 1   
ALA N   H    sing N N 2   
ALA N   H2   sing N N 3   
ALA CA  C    sing N N 4   
ALA CA  CB   sing N N 5   
ALA CA  HA   sing N N 6   
ALA C   O    doub N N 7   
ALA C   OXT  sing N N 8   
ALA CB  HB1  sing N N 9   
ALA CB  HB2  sing N N 10  
ALA CB  HB3  sing N N 11  
ALA OXT HXT  sing N N 12  
ARG N   CA   sing N N 13  
ARG N   H    sing N N 14  
ARG N   H2   sing N N 15  
ARG CA  C    sing N N 16  
ARG CA  CB   sing N N 17  
ARG CA  HA   sing N N 18  
ARG C   O    doub N N 19  
ARG C   OXT  sing N N 20  
ARG CB  CG   sing N N 21  
ARG CB  HB2  sing N N 22  
ARG CB  HB3  sing N N 23  
ARG CG  CD   sing N N 24  
ARG CG  HG2  sing N N 25  
ARG CG  HG3  sing N N 26  
ARG CD  NE   sing N N 27  
ARG CD  HD2  sing N N 28  
ARG CD  HD3  sing N N 29  
ARG NE  CZ   sing N N 30  
ARG NE  HE   sing N N 31  
ARG CZ  NH1  sing N N 32  
ARG CZ  NH2  doub N N 33  
ARG NH1 HH11 sing N N 34  
ARG NH1 HH12 sing N N 35  
ARG NH2 HH21 sing N N 36  
ARG NH2 HH22 sing N N 37  
ARG OXT HXT  sing N N 38  
ASN N   CA   sing N N 39  
ASN N   H    sing N N 40  
ASN N   H2   sing N N 41  
ASN CA  C    sing N N 42  
ASN CA  CB   sing N N 43  
ASN CA  HA   sing N N 44  
ASN C   O    doub N N 45  
ASN C   OXT  sing N N 46  
ASN CB  CG   sing N N 47  
ASN CB  HB2  sing N N 48  
ASN CB  HB3  sing N N 49  
ASN CG  OD1  doub N N 50  
ASN CG  ND2  sing N N 51  
ASN ND2 HD21 sing N N 52  
ASN ND2 HD22 sing N N 53  
ASN OXT HXT  sing N N 54  
ASP N   CA   sing N N 55  
ASP N   H    sing N N 56  
ASP N   H2   sing N N 57  
ASP CA  C    sing N N 58  
ASP CA  CB   sing N N 59  
ASP CA  HA   sing N N 60  
ASP C   O    doub N N 61  
ASP C   OXT  sing N N 62  
ASP CB  CG   sing N N 63  
ASP CB  HB2  sing N N 64  
ASP CB  HB3  sing N N 65  
ASP CG  OD1  doub N N 66  
ASP CG  OD2  sing N N 67  
ASP OD2 HD2  sing N N 68  
ASP OXT HXT  sing N N 69  
GLN N   CA   sing N N 70  
GLN N   H    sing N N 71  
GLN N   H2   sing N N 72  
GLN CA  C    sing N N 73  
GLN CA  CB   sing N N 74  
GLN CA  HA   sing N N 75  
GLN C   O    doub N N 76  
GLN C   OXT  sing N N 77  
GLN CB  CG   sing N N 78  
GLN CB  HB2  sing N N 79  
GLN CB  HB3  sing N N 80  
GLN CG  CD   sing N N 81  
GLN CG  HG2  sing N N 82  
GLN CG  HG3  sing N N 83  
GLN CD  OE1  doub N N 84  
GLN CD  NE2  sing N N 85  
GLN NE2 HE21 sing N N 86  
GLN NE2 HE22 sing N N 87  
GLN OXT HXT  sing N N 88  
GLU N   CA   sing N N 89  
GLU N   H    sing N N 90  
GLU N   H2   sing N N 91  
GLU CA  C    sing N N 92  
GLU CA  CB   sing N N 93  
GLU CA  HA   sing N N 94  
GLU C   O    doub N N 95  
GLU C   OXT  sing N N 96  
GLU CB  CG   sing N N 97  
GLU CB  HB2  sing N N 98  
GLU CB  HB3  sing N N 99  
GLU CG  CD   sing N N 100 
GLU CG  HG2  sing N N 101 
GLU CG  HG3  sing N N 102 
GLU CD  OE1  doub N N 103 
GLU CD  OE2  sing N N 104 
GLU OE2 HE2  sing N N 105 
GLU OXT HXT  sing N N 106 
GLY N   CA   sing N N 107 
GLY N   H    sing N N 108 
GLY N   H2   sing N N 109 
GLY CA  C    sing N N 110 
GLY CA  HA2  sing N N 111 
GLY CA  HA3  sing N N 112 
GLY C   O    doub N N 113 
GLY C   OXT  sing N N 114 
GLY OXT HXT  sing N N 115 
HIS N   CA   sing N N 116 
HIS N   H    sing N N 117 
HIS N   H2   sing N N 118 
HIS CA  C    sing N N 119 
HIS CA  CB   sing N N 120 
HIS CA  HA   sing N N 121 
HIS C   O    doub N N 122 
HIS C   OXT  sing N N 123 
HIS CB  CG   sing N N 124 
HIS CB  HB2  sing N N 125 
HIS CB  HB3  sing N N 126 
HIS CG  ND1  sing Y N 127 
HIS CG  CD2  doub Y N 128 
HIS ND1 CE1  doub Y N 129 
HIS ND1 HD1  sing N N 130 
HIS CD2 NE2  sing Y N 131 
HIS CD2 HD2  sing N N 132 
HIS CE1 NE2  sing Y N 133 
HIS CE1 HE1  sing N N 134 
HIS NE2 HE2  sing N N 135 
HIS OXT HXT  sing N N 136 
HOH O   H1   sing N N 137 
HOH O   H2   sing N N 138 
ILE N   CA   sing N N 139 
ILE N   H    sing N N 140 
ILE N   H2   sing N N 141 
ILE CA  C    sing N N 142 
ILE CA  CB   sing N N 143 
ILE CA  HA   sing N N 144 
ILE C   O    doub N N 145 
ILE C   OXT  sing N N 146 
ILE CB  CG1  sing N N 147 
ILE CB  CG2  sing N N 148 
ILE CB  HB   sing N N 149 
ILE CG1 CD1  sing N N 150 
ILE CG1 HG12 sing N N 151 
ILE CG1 HG13 sing N N 152 
ILE CG2 HG21 sing N N 153 
ILE CG2 HG22 sing N N 154 
ILE CG2 HG23 sing N N 155 
ILE CD1 HD11 sing N N 156 
ILE CD1 HD12 sing N N 157 
ILE CD1 HD13 sing N N 158 
ILE OXT HXT  sing N N 159 
LEU N   CA   sing N N 160 
LEU N   H    sing N N 161 
LEU N   H2   sing N N 162 
LEU CA  C    sing N N 163 
LEU CA  CB   sing N N 164 
LEU CA  HA   sing N N 165 
LEU C   O    doub N N 166 
LEU C   OXT  sing N N 167 
LEU CB  CG   sing N N 168 
LEU CB  HB2  sing N N 169 
LEU CB  HB3  sing N N 170 
LEU CG  CD1  sing N N 171 
LEU CG  CD2  sing N N 172 
LEU CG  HG   sing N N 173 
LEU CD1 HD11 sing N N 174 
LEU CD1 HD12 sing N N 175 
LEU CD1 HD13 sing N N 176 
LEU CD2 HD21 sing N N 177 
LEU CD2 HD22 sing N N 178 
LEU CD2 HD23 sing N N 179 
LEU OXT HXT  sing N N 180 
LYS N   CA   sing N N 181 
LYS N   H    sing N N 182 
LYS N   H2   sing N N 183 
LYS CA  C    sing N N 184 
LYS CA  CB   sing N N 185 
LYS CA  HA   sing N N 186 
LYS C   O    doub N N 187 
LYS C   OXT  sing N N 188 
LYS CB  CG   sing N N 189 
LYS CB  HB2  sing N N 190 
LYS CB  HB3  sing N N 191 
LYS CG  CD   sing N N 192 
LYS CG  HG2  sing N N 193 
LYS CG  HG3  sing N N 194 
LYS CD  CE   sing N N 195 
LYS CD  HD2  sing N N 196 
LYS CD  HD3  sing N N 197 
LYS CE  NZ   sing N N 198 
LYS CE  HE2  sing N N 199 
LYS CE  HE3  sing N N 200 
LYS NZ  HZ1  sing N N 201 
LYS NZ  HZ2  sing N N 202 
LYS NZ  HZ3  sing N N 203 
LYS OXT HXT  sing N N 204 
MET N   CA   sing N N 205 
MET N   H    sing N N 206 
MET N   H2   sing N N 207 
MET CA  C    sing N N 208 
MET CA  CB   sing N N 209 
MET CA  HA   sing N N 210 
MET C   O    doub N N 211 
MET C   OXT  sing N N 212 
MET CB  CG   sing N N 213 
MET CB  HB2  sing N N 214 
MET CB  HB3  sing N N 215 
MET CG  SD   sing N N 216 
MET CG  HG2  sing N N 217 
MET CG  HG3  sing N N 218 
MET SD  CE   sing N N 219 
MET CE  HE1  sing N N 220 
MET CE  HE2  sing N N 221 
MET CE  HE3  sing N N 222 
MET OXT HXT  sing N N 223 
PHE N   CA   sing N N 224 
PHE N   H    sing N N 225 
PHE N   H2   sing N N 226 
PHE CA  C    sing N N 227 
PHE CA  CB   sing N N 228 
PHE CA  HA   sing N N 229 
PHE C   O    doub N N 230 
PHE C   OXT  sing N N 231 
PHE CB  CG   sing N N 232 
PHE CB  HB2  sing N N 233 
PHE CB  HB3  sing N N 234 
PHE CG  CD1  doub Y N 235 
PHE CG  CD2  sing Y N 236 
PHE CD1 CE1  sing Y N 237 
PHE CD1 HD1  sing N N 238 
PHE CD2 CE2  doub Y N 239 
PHE CD2 HD2  sing N N 240 
PHE CE1 CZ   doub Y N 241 
PHE CE1 HE1  sing N N 242 
PHE CE2 CZ   sing Y N 243 
PHE CE2 HE2  sing N N 244 
PHE CZ  HZ   sing N N 245 
PHE OXT HXT  sing N N 246 
PRO N   CA   sing N N 247 
PRO N   CD   sing N N 248 
PRO N   H    sing N N 249 
PRO CA  C    sing N N 250 
PRO CA  CB   sing N N 251 
PRO CA  HA   sing N N 252 
PRO C   O    doub N N 253 
PRO C   OXT  sing N N 254 
PRO CB  CG   sing N N 255 
PRO CB  HB2  sing N N 256 
PRO CB  HB3  sing N N 257 
PRO CG  CD   sing N N 258 
PRO CG  HG2  sing N N 259 
PRO CG  HG3  sing N N 260 
PRO CD  HD2  sing N N 261 
PRO CD  HD3  sing N N 262 
PRO OXT HXT  sing N N 263 
SER N   CA   sing N N 264 
SER N   H    sing N N 265 
SER N   H2   sing N N 266 
SER CA  C    sing N N 267 
SER CA  CB   sing N N 268 
SER CA  HA   sing N N 269 
SER C   O    doub N N 270 
SER C   OXT  sing N N 271 
SER CB  OG   sing N N 272 
SER CB  HB2  sing N N 273 
SER CB  HB3  sing N N 274 
SER OG  HG   sing N N 275 
SER OXT HXT  sing N N 276 
THR N   CA   sing N N 277 
THR N   H    sing N N 278 
THR N   H2   sing N N 279 
THR CA  C    sing N N 280 
THR CA  CB   sing N N 281 
THR CA  HA   sing N N 282 
THR C   O    doub N N 283 
THR C   OXT  sing N N 284 
THR CB  OG1  sing N N 285 
THR CB  CG2  sing N N 286 
THR CB  HB   sing N N 287 
THR OG1 HG1  sing N N 288 
THR CG2 HG21 sing N N 289 
THR CG2 HG22 sing N N 290 
THR CG2 HG23 sing N N 291 
THR OXT HXT  sing N N 292 
TRP N   CA   sing N N 293 
TRP N   H    sing N N 294 
TRP N   H2   sing N N 295 
TRP CA  C    sing N N 296 
TRP CA  CB   sing N N 297 
TRP CA  HA   sing N N 298 
TRP C   O    doub N N 299 
TRP C   OXT  sing N N 300 
TRP CB  CG   sing N N 301 
TRP CB  HB2  sing N N 302 
TRP CB  HB3  sing N N 303 
TRP CG  CD1  doub Y N 304 
TRP CG  CD2  sing Y N 305 
TRP CD1 NE1  sing Y N 306 
TRP CD1 HD1  sing N N 307 
TRP CD2 CE2  doub Y N 308 
TRP CD2 CE3  sing Y N 309 
TRP NE1 CE2  sing Y N 310 
TRP NE1 HE1  sing N N 311 
TRP CE2 CZ2  sing Y N 312 
TRP CE3 CZ3  doub Y N 313 
TRP CE3 HE3  sing N N 314 
TRP CZ2 CH2  doub Y N 315 
TRP CZ2 HZ2  sing N N 316 
TRP CZ3 CH2  sing Y N 317 
TRP CZ3 HZ3  sing N N 318 
TRP CH2 HH2  sing N N 319 
TRP OXT HXT  sing N N 320 
TYR N   CA   sing N N 321 
TYR N   H    sing N N 322 
TYR N   H2   sing N N 323 
TYR CA  C    sing N N 324 
TYR CA  CB   sing N N 325 
TYR CA  HA   sing N N 326 
TYR C   O    doub N N 327 
TYR C   OXT  sing N N 328 
TYR CB  CG   sing N N 329 
TYR CB  HB2  sing N N 330 
TYR CB  HB3  sing N N 331 
TYR CG  CD1  doub Y N 332 
TYR CG  CD2  sing Y N 333 
TYR CD1 CE1  sing Y N 334 
TYR CD1 HD1  sing N N 335 
TYR CD2 CE2  doub Y N 336 
TYR CD2 HD2  sing N N 337 
TYR CE1 CZ   doub Y N 338 
TYR CE1 HE1  sing N N 339 
TYR CE2 CZ   sing Y N 340 
TYR CE2 HE2  sing N N 341 
TYR CZ  OH   sing N N 342 
TYR OH  HH   sing N N 343 
TYR OXT HXT  sing N N 344 
VAL N   CA   sing N N 345 
VAL N   H    sing N N 346 
VAL N   H2   sing N N 347 
VAL CA  C    sing N N 348 
VAL CA  CB   sing N N 349 
VAL CA  HA   sing N N 350 
VAL C   O    doub N N 351 
VAL C   OXT  sing N N 352 
VAL CB  CG1  sing N N 353 
VAL CB  CG2  sing N N 354 
VAL CB  HB   sing N N 355 
VAL CG1 HG11 sing N N 356 
VAL CG1 HG12 sing N N 357 
VAL CG1 HG13 sing N N 358 
VAL CG2 HG21 sing N N 359 
VAL CG2 HG22 sing N N 360 
VAL CG2 HG23 sing N N 361 
VAL OXT HXT  sing N N 362 
# 
_atom_sites.entry_id                    4GQV 
_atom_sites.fract_transf_matrix[1][1]   0.01111420 
_atom_sites.fract_transf_matrix[1][2]   -0.01264814 
_atom_sites.fract_transf_matrix[1][3]   0.01167273 
_atom_sites.fract_transf_matrix[2][1]   0.00160163 
_atom_sites.fract_transf_matrix[2][2]   -0.01980318 
_atom_sites.fract_transf_matrix[2][3]   -0.00500270 
_atom_sites.fract_transf_matrix[3][1]   0.00980607 
_atom_sites.fract_transf_matrix[3][2]   0.00247445 
_atom_sites.fract_transf_matrix[3][3]   -0.00665564 
_atom_sites.fract_transf_vector[1]      0.217898 
_atom_sites.fract_transf_vector[2]      0.390208 
_atom_sites.fract_transf_vector[3]      0.099108 
# 
loop_
_atom_type.symbol 
C 
N 
O 
S 
# 
loop_
_atom_site.group_PDB 
_atom_site.id 
_atom_site.type_symbol 
_atom_site.label_atom_id 
_atom_site.label_alt_id 
_atom_site.label_comp_id 
_atom_site.label_asym_id 
_atom_site.label_entity_id 
_atom_site.label_seq_id 
_atom_site.pdbx_PDB_ins_code 
_atom_site.Cartn_x 
_atom_site.Cartn_y 
_atom_site.Cartn_z 
_atom_site.occupancy 
_atom_site.B_iso_or_equiv 
_atom_site.pdbx_formal_charge 
_atom_site.auth_seq_id 
_atom_site.auth_comp_id 
_atom_site.auth_asym_id 
_atom_site.auth_atom_id 
_atom_site.pdbx_PDB_model_num 
ATOM   1   N N   . VAL A 1 4   ? -22.320 -3.612  8.710   1.00 65.61 ? 74  VAL A N   1 
ATOM   2   C CA  . VAL A 1 4   ? -21.355 -2.591  8.296   1.00 61.80 ? 74  VAL A CA  1 
ATOM   3   C C   . VAL A 1 4   ? -20.426 -3.066  7.185   1.00 63.10 ? 74  VAL A C   1 
ATOM   4   O O   . VAL A 1 4   ? -20.220 -4.269  6.989   1.00 63.58 ? 74  VAL A O   1 
ATOM   5   C CB  . VAL A 1 4   ? -20.461 -2.138  9.464   1.00 64.73 ? 74  VAL A CB  1 
ATOM   6   C CG1 . VAL A 1 4   ? -21.278 -1.455  10.543  1.00 65.20 ? 74  VAL A CG1 1 
ATOM   7   C CG2 . VAL A 1 4   ? -19.692 -3.328  10.030  1.00 69.78 ? 74  VAL A CG2 1 
ATOM   8   N N   . TYR A 1 5   ? -19.848 -2.113  6.463   1.00 55.99 ? 75  TYR A N   1 
ATOM   9   C CA  . TYR A 1 5   ? -18.851 -2.447  5.462   1.00 52.07 ? 75  TYR A CA  1 
ATOM   10  C C   . TYR A 1 5   ? -17.474 -2.516  6.091   1.00 49.30 ? 75  TYR A C   1 
ATOM   11  O O   . TYR A 1 5   ? -17.207 -1.880  7.105   1.00 51.36 ? 75  TYR A O   1 
ATOM   12  C CB  . TYR A 1 5   ? -18.855 -1.435  4.330   1.00 56.18 ? 75  TYR A CB  1 
ATOM   13  C CG  . TYR A 1 5   ? -20.154 -1.389  3.578   1.00 61.88 ? 75  TYR A CG  1 
ATOM   14  C CD1 . TYR A 1 5   ? -20.583 -2.483  2.836   1.00 60.97 ? 75  TYR A CD1 1 
ATOM   15  C CD2 . TYR A 1 5   ? -20.950 -0.251  3.598   1.00 61.58 ? 75  TYR A CD2 1 
ATOM   16  C CE1 . TYR A 1 5   ? -21.779 -2.445  2.140   1.00 58.02 ? 75  TYR A CE1 1 
ATOM   17  C CE2 . TYR A 1 5   ? -22.142 -0.205  2.904   1.00 62.86 ? 75  TYR A CE2 1 
ATOM   18  C CZ  . TYR A 1 5   ? -22.548 -1.304  2.177   1.00 58.33 ? 75  TYR A CZ  1 
ATOM   19  O OH  . TYR A 1 5   ? -23.733 -1.255  1.490   1.00 71.69 ? 75  TYR A OH  1 
ATOM   20  N N   . THR A 1 6   ? -16.603 -3.317  5.506   1.00 39.86 ? 76  THR A N   1 
ATOM   21  C CA  . THR A 1 6   ? -15.251 -3.393  5.991   1.00 39.50 ? 76  THR A CA  1 
ATOM   22  C C   . THR A 1 6   ? -14.259 -3.113  4.876   1.00 45.49 ? 76  THR A C   1 
ATOM   23  O O   . THR A 1 6   ? -14.590 -3.163  3.682   1.00 47.84 ? 76  THR A O   1 
ATOM   24  C CB  . THR A 1 6   ? -14.922 -4.754  6.636   1.00 40.65 ? 76  THR A CB  1 
ATOM   25  O OG1 . THR A 1 6   ? -14.937 -5.783  5.640   1.00 33.82 ? 76  THR A OG1 1 
ATOM   26  C CG2 . THR A 1 6   ? -15.888 -5.061  7.793   1.00 34.28 ? 76  THR A CG2 1 
ATOM   27  N N   . VAL A 1 7   ? -13.033 -2.817  5.277   1.00 30.45 ? 77  VAL A N   1 
ATOM   28  C CA  . VAL A 1 7   ? -11.995 -2.520  4.323   1.00 31.50 ? 77  VAL A CA  1 
ATOM   29  C C   . VAL A 1 7   ? -11.761 -3.753  3.452   1.00 28.12 ? 77  VAL A C   1 
ATOM   30  O O   . VAL A 1 7   ? -11.550 -3.645  2.248   1.00 22.97 ? 77  VAL A O   1 
ATOM   31  C CB  . VAL A 1 7   ? -10.693 -2.093  5.053   1.00 30.27 ? 77  VAL A CB  1 
ATOM   32  C CG1 . VAL A 1 7   ? -9.478  -2.167  4.117   1.00 22.57 ? 77  VAL A CG1 1 
ATOM   33  C CG2 . VAL A 1 7   ? -10.857 -0.679  5.644   1.00 29.63 ? 77  VAL A CG2 1 
ATOM   34  N N   . GLY A 1 8   ? -11.808 -4.918  4.087   1.00 29.61 ? 78  GLY A N   1 
ATOM   35  C CA  . GLY A 1 8   ? -11.500 -6.172  3.443   1.00 29.76 ? 78  GLY A CA  1 
ATOM   36  C C   . GLY A 1 8   ? -12.405 -6.456  2.267   1.00 34.37 ? 78  GLY A C   1 
ATOM   37  O O   . GLY A 1 8   ? -12.032 -7.188  1.355   1.00 37.93 ? 78  GLY A O   1 
ATOM   38  N N   . GLU A 1 9   ? -13.591 -5.865  2.267   1.00 47.93 ? 79  GLU A N   1 
ATOM   39  C CA  . GLU A 1 9   ? -14.513 -6.101  1.165   1.00 52.34 ? 79  GLU A CA  1 
ATOM   40  C C   . GLU A 1 9   ? -14.172 -5.285  -0.059  1.00 51.24 ? 79  GLU A C   1 
ATOM   41  O O   . GLU A 1 9   ? -14.520 -5.668  -1.175  1.00 56.95 ? 79  GLU A O   1 
ATOM   42  C CB  . GLU A 1 9   ? -15.945 -5.790  1.571   1.00 50.56 ? 79  GLU A CB  1 
ATOM   43  C CG  . GLU A 1 9   ? -16.421 -6.569  2.757   1.00 48.34 ? 79  GLU A CG  1 
ATOM   44  C CD  . GLU A 1 9   ? -17.802 -6.141  3.153   1.00 57.64 ? 79  GLU A CD  1 
ATOM   45  O OE1 . GLU A 1 9   ? -18.374 -5.315  2.421   1.00 61.37 ? 79  GLU A OE1 1 
ATOM   46  O OE2 . GLU A 1 9   ? -18.311 -6.615  4.189   1.00 70.45 ? 79  GLU A OE2 1 
ATOM   47  N N   . PHE A 1 10  ? -13.510 -4.153  0.145   1.00 38.42 ? 80  PHE A N   1 
ATOM   48  C CA  . PHE A 1 10  ? -13.295 -3.227  -0.954  1.00 40.83 ? 80  PHE A CA  1 
ATOM   49  C C   . PHE A 1 10  ? -11.843 -3.016  -1.315  1.00 36.30 ? 80  PHE A C   1 
ATOM   50  O O   . PHE A 1 10  ? -11.532 -2.340  -2.287  1.00 35.02 ? 80  PHE A O   1 
ATOM   51  C CB  . PHE A 1 10  ? -13.944 -1.896  -0.661  1.00 39.60 ? 80  PHE A CB  1 
ATOM   52  C CG  . PHE A 1 10  ? -15.417 -1.914  -0.819  1.00 42.74 ? 80  PHE A CG  1 
ATOM   53  C CD1 . PHE A 1 10  ? -15.988 -1.976  -2.078  1.00 45.56 ? 80  PHE A CD1 1 
ATOM   54  C CD2 . PHE A 1 10  ? -16.246 -1.859  0.293   1.00 47.13 ? 80  PHE A CD2 1 
ATOM   55  C CE1 . PHE A 1 10  ? -17.362 -1.981  -2.225  1.00 50.47 ? 80  PHE A CE1 1 
ATOM   56  C CE2 . PHE A 1 10  ? -17.614 -1.866  0.148   1.00 46.89 ? 80  PHE A CE2 1 
ATOM   57  C CZ  . PHE A 1 10  ? -18.174 -1.928  -1.104  1.00 47.71 ? 80  PHE A CZ  1 
ATOM   58  N N   . MET A 1 11  ? -10.963 -3.621  -0.541  1.00 35.70 ? 81  MET A N   1 
ATOM   59  C CA  . MET A 1 11  ? -9.545  -3.411  -0.726  1.00 36.34 ? 81  MET A CA  1 
ATOM   60  C C   . MET A 1 11  ? -9.020  -4.102  -1.977  1.00 43.27 ? 81  MET A C   1 
ATOM   61  O O   . MET A 1 11  ? -9.626  -5.040  -2.514  1.00 42.61 ? 81  MET A O   1 
ATOM   62  C CB  . MET A 1 11  ? -8.760  -3.864  0.508   1.00 34.72 ? 81  MET A CB  1 
ATOM   63  C CG  . MET A 1 11  ? -9.060  -5.267  0.939   1.00 30.85 ? 81  MET A CG  1 
ATOM   64  S SD  . MET A 1 11  ? -7.926  -5.893  2.151   1.00 24.25 ? 81  MET A SD  1 
ATOM   65  C CE  . MET A 1 11  ? -7.697  -7.586  1.603   1.00 33.15 ? 81  MET A CE  1 
ATOM   66  N N   . THR A 1 12  ? -7.881  -3.601  -2.437  1.00 42.31 ? 82  THR A N   1 
ATOM   67  C CA  . THR A 1 12  ? -7.078  -4.295  -3.406  1.00 40.66 ? 82  THR A CA  1 
ATOM   68  C C   . THR A 1 12  ? -6.472  -5.531  -2.718  1.00 47.63 ? 82  THR A C   1 
ATOM   69  O O   . THR A 1 12  ? -5.554  -5.425  -1.889  1.00 44.08 ? 82  THR A O   1 
ATOM   70  C CB  . THR A 1 12  ? -5.990  -3.348  -3.956  1.00 44.80 ? 82  THR A CB  1 
ATOM   71  O OG1 . THR A 1 12  ? -6.620  -2.193  -4.541  1.00 43.73 ? 82  THR A OG1 1 
ATOM   72  C CG2 . THR A 1 12  ? -5.121  -4.055  -5.002  1.00 40.47 ? 82  THR A CG2 1 
ATOM   73  N N   . LYS A 1 13  ? -7.009  -6.700  -3.058  1.00 46.02 ? 83  LYS A N   1 
ATOM   74  C CA  . LYS A 1 13  ? -6.617  -7.952  -2.417  1.00 45.36 ? 83  LYS A CA  1 
ATOM   75  C C   . LYS A 1 13  ? -5.201  -8.369  -2.738  1.00 48.81 ? 83  LYS A C   1 
ATOM   76  O O   . LYS A 1 13  ? -4.592  -7.867  -3.677  1.00 54.04 ? 83  LYS A O   1 
ATOM   77  C CB  . LYS A 1 13  ? -7.580  -9.085  -2.803  1.00 49.56 ? 83  LYS A CB  1 
ATOM   78  C CG  . LYS A 1 13  ? -9.038  -8.720  -2.668  1.00 41.51 ? 83  LYS A CG  1 
ATOM   79  C CD  . LYS A 1 13  ? -9.759  -9.622  -1.695  1.00 52.53 ? 83  LYS A CD  1 
ATOM   80  C CE  . LYS A 1 13  ? -10.847 -8.858  -0.927  1.00 39.86 ? 83  LYS A CE  1 
ATOM   81  N NZ  . LYS A 1 13  ? -11.557 -7.889  -1.812  1.00 32.19 ? 83  LYS A NZ  1 
ATOM   82  N N   . LYS A 1 14  ? -4.695  -9.317  -1.957  1.00 66.75 ? 84  LYS A N   1 
ATOM   83  C CA  . LYS A 1 14  ? -3.312  -9.771  -2.059  1.00 68.54 ? 84  LYS A CA  1 
ATOM   84  C C   . LYS A 1 14  ? -2.933  -10.294 -3.446  1.00 69.31 ? 84  LYS A C   1 
ATOM   85  O O   . LYS A 1 14  ? -1.786  -10.167 -3.862  1.00 74.92 ? 84  LYS A O   1 
ATOM   86  C CB  . LYS A 1 14  ? -3.013  -10.827 -0.978  1.00 66.81 ? 84  LYS A CB  1 
ATOM   87  C CG  . LYS A 1 14  ? -1.601  -11.416 -1.043  1.00 69.67 ? 84  LYS A CG  1 
ATOM   88  C CD  . LYS A 1 14  ? -1.248  -12.245 0.179   1.00 59.13 ? 84  LYS A CD  1 
ATOM   89  C CE  . LYS A 1 14  ? 0.023   -13.035 -0.074  1.00 65.28 ? 84  LYS A CE  1 
ATOM   90  N NZ  . LYS A 1 14  ? 0.412   -13.918 1.061   1.00 64.13 ? 84  LYS A NZ  1 
ATOM   91  N N   . GLU A 1 15  ? -3.892  -10.866 -4.165  1.00 76.38 ? 85  GLU A N   1 
ATOM   92  C CA  . GLU A 1 15  ? -3.609  -11.424 -5.491  1.00 83.29 ? 85  GLU A CA  1 
ATOM   93  C C   . GLU A 1 15  ? -3.159  -10.349 -6.474  1.00 82.01 ? 85  GLU A C   1 
ATOM   94  O O   . GLU A 1 15  ? -2.161  -10.518 -7.175  1.00 84.56 ? 85  GLU A O   1 
ATOM   95  C CB  . GLU A 1 15  ? -4.830  -12.167 -6.051  1.00 80.09 ? 85  GLU A CB  1 
ATOM   96  C CG  . GLU A 1 15  ? -5.144  -13.497 -5.366  1.00 81.89 ? 85  GLU A CG  1 
ATOM   97  C CD  . GLU A 1 15  ? -5.577  -13.341 -3.913  1.00 79.75 ? 85  GLU A CD  1 
ATOM   98  O OE1 . GLU A 1 15  ? -5.844  -12.198 -3.479  1.00 77.05 ? 85  GLU A OE1 1 
ATOM   99  O OE2 . GLU A 1 15  ? -5.645  -14.364 -3.201  1.00 78.18 ? 85  GLU A OE2 1 
ATOM   100 N N   . ASP A 1 16  ? -3.896  -9.244  -6.501  1.00 72.33 ? 86  ASP A N   1 
ATOM   101 C CA  . ASP A 1 16  ? -3.676  -8.174  -7.461  1.00 71.41 ? 86  ASP A CA  1 
ATOM   102 C C   . ASP A 1 16  ? -2.742  -7.096  -6.922  1.00 72.58 ? 86  ASP A C   1 
ATOM   103 O O   . ASP A 1 16  ? -2.766  -5.950  -7.384  1.00 67.14 ? 86  ASP A O   1 
ATOM   104 C CB  . ASP A 1 16  ? -5.017  -7.545  -7.836  1.00 75.56 ? 86  ASP A CB  1 
ATOM   105 C CG  . ASP A 1 16  ? -6.107  -8.577  -8.019  1.00 77.70 ? 86  ASP A CG  1 
ATOM   106 O OD1 . ASP A 1 16  ? -6.991  -8.370  -8.876  1.00 80.79 ? 86  ASP A OD1 1 
ATOM   107 O OD2 . ASP A 1 16  ? -6.079  -9.600  -7.303  1.00 76.92 ? 86  ASP A OD2 1 
ATOM   108 N N   . LEU A 1 17  ? -1.916  -7.465  -5.945  1.00 62.63 ? 87  LEU A N   1 
ATOM   109 C CA  . LEU A 1 17  ? -0.972  -6.518  -5.347  1.00 60.16 ? 87  LEU A CA  1 
ATOM   110 C C   . LEU A 1 17  ? 0.341   -6.414  -6.115  1.00 56.57 ? 87  LEU A C   1 
ATOM   111 O O   . LEU A 1 17  ? 0.689   -7.303  -6.894  1.00 60.64 ? 87  LEU A O   1 
ATOM   112 C CB  . LEU A 1 17  ? -0.661  -6.906  -3.898  1.00 55.50 ? 87  LEU A CB  1 
ATOM   113 C CG  . LEU A 1 17  ? -1.479  -6.266  -2.783  1.00 46.04 ? 87  LEU A CG  1 
ATOM   114 C CD1 . LEU A 1 17  ? -0.877  -6.599  -1.440  1.00 45.85 ? 87  LEU A CD1 1 
ATOM   115 C CD2 . LEU A 1 17  ? -1.561  -4.767  -2.977  1.00 46.41 ? 87  LEU A CD2 1 
ATOM   116 N N   . HIS A 1 18  ? 1.058   -5.315  -5.892  1.00 61.69 ? 88  HIS A N   1 
ATOM   117 C CA  . HIS A 1 18  ? 2.460   -5.209  -6.291  1.00 60.64 ? 88  HIS A CA  1 
ATOM   118 C C   . HIS A 1 18  ? 3.274   -4.782  -5.078  1.00 52.17 ? 88  HIS A C   1 
ATOM   119 O O   . HIS A 1 18  ? 3.034   -3.730  -4.504  1.00 55.45 ? 88  HIS A O   1 
ATOM   120 C CB  . HIS A 1 18  ? 2.659   -4.253  -7.484  1.00 57.00 ? 88  HIS A CB  1 
ATOM   121 C CG  . HIS A 1 18  ? 1.891   -4.651  -8.704  1.00 58.97 ? 88  HIS A CG  1 
ATOM   122 N ND1 . HIS A 1 18  ? 0.939   -3.837  -9.289  1.00 63.56 ? 88  HIS A ND1 1 
ATOM   123 C CD2 . HIS A 1 18  ? 1.899   -5.795  -9.432  1.00 57.49 ? 88  HIS A CD2 1 
ATOM   124 C CE1 . HIS A 1 18  ? 0.404   -4.460  -10.324 1.00 63.87 ? 88  HIS A CE1 1 
ATOM   125 N NE2 . HIS A 1 18  ? 0.970   -5.648  -10.431 1.00 64.37 ? 88  HIS A NE2 1 
ATOM   126 N N   . VAL A 1 19  ? 4.226   -5.627  -4.697  1.00 42.75 ? 89  VAL A N   1 
ATOM   127 C CA  . VAL A 1 19  ? 5.026   -5.438  -3.508  1.00 43.65 ? 89  VAL A CA  1 
ATOM   128 C C   . VAL A 1 19  ? 6.493   -5.415  -3.885  1.00 44.32 ? 89  VAL A C   1 
ATOM   129 O O   . VAL A 1 19  ? 6.860   -5.776  -4.999  1.00 45.76 ? 89  VAL A O   1 
ATOM   130 C CB  . VAL A 1 19  ? 4.808   -6.599  -2.516  1.00 46.54 ? 89  VAL A CB  1 
ATOM   131 C CG1 . VAL A 1 19  ? 3.399   -6.566  -1.965  1.00 44.75 ? 89  VAL A CG1 1 
ATOM   132 C CG2 . VAL A 1 19  ? 5.077   -7.924  -3.188  1.00 42.34 ? 89  VAL A CG2 1 
ATOM   133 N N   . VAL A 1 20  ? 7.340   -4.988  -2.960  1.00 33.42 ? 90  VAL A N   1 
ATOM   134 C CA  . VAL A 1 20  ? 8.772   -5.156  -3.156  1.00 30.31 ? 90  VAL A CA  1 
ATOM   135 C C   . VAL A 1 20  ? 9.344   -5.576  -1.834  1.00 31.26 ? 90  VAL A C   1 
ATOM   136 O O   . VAL A 1 20  ? 8.648   -5.545  -0.832  1.00 40.53 ? 90  VAL A O   1 
ATOM   137 C CB  . VAL A 1 20  ? 9.510   -3.853  -3.659  1.00 38.79 ? 90  VAL A CB  1 
ATOM   138 C CG1 . VAL A 1 20  ? 9.149   -3.506  -5.099  1.00 35.50 ? 90  VAL A CG1 1 
ATOM   139 C CG2 . VAL A 1 20  ? 9.300   -2.665  -2.725  1.00 28.24 ? 90  VAL A CG2 1 
ATOM   140 N N   . LYS A 1 21  ? 10.614  -5.940  -1.801  1.00 29.23 ? 91  LYS A N   1 
ATOM   141 C CA  . LYS A 1 21  ? 11.247  -6.261  -0.529  1.00 31.07 ? 91  LYS A CA  1 
ATOM   142 C C   . LYS A 1 21  ? 12.301  -5.228  -0.306  1.00 28.39 ? 91  LYS A C   1 
ATOM   143 O O   . LYS A 1 21  ? 12.634  -4.495  -1.241  1.00 30.29 ? 91  LYS A O   1 
ATOM   144 C CB  . LYS A 1 21  ? 11.861  -7.662  -0.573  1.00 34.21 ? 91  LYS A CB  1 
ATOM   145 C CG  . LYS A 1 21  ? 10.849  -8.743  -0.862  1.00 37.17 ? 91  LYS A CG  1 
ATOM   146 C CD  . LYS A 1 21  ? 10.855  -9.820  0.197   1.00 38.41 ? 91  LYS A CD  1 
ATOM   147 C CE  . LYS A 1 21  ? 9.982   -10.977 -0.246  1.00 43.21 ? 91  LYS A CE  1 
ATOM   148 N NZ  . LYS A 1 21  ? 10.346  -11.424 -1.618  1.00 45.88 ? 91  LYS A NZ  1 
ATOM   149 N N   . PRO A 1 22  ? 12.849  -5.148  0.916   1.00 35.53 ? 92  PRO A N   1 
ATOM   150 C CA  . PRO A 1 22  ? 13.986  -4.228  1.092   1.00 39.45 ? 92  PRO A CA  1 
ATOM   151 C C   . PRO A 1 22  ? 15.221  -4.645  0.258   1.00 41.93 ? 92  PRO A C   1 
ATOM   152 O O   . PRO A 1 22  ? 16.125  -3.823  0.073   1.00 43.83 ? 92  PRO A O   1 
ATOM   153 C CB  . PRO A 1 22  ? 14.309  -4.338  2.590   1.00 40.93 ? 92  PRO A CB  1 
ATOM   154 C CG  . PRO A 1 22  ? 13.134  -5.005  3.212   1.00 38.19 ? 92  PRO A CG  1 
ATOM   155 C CD  . PRO A 1 22  ? 12.509  -5.854  2.159   1.00 32.35 ? 92  PRO A CD  1 
ATOM   156 N N   . THR A 1 23  ? 15.253  -5.898  -0.211  1.00 42.74 ? 93  THR A N   1 
ATOM   157 C CA  . THR A 1 23  ? 16.354  -6.421  -1.034  1.00 46.93 ? 93  THR A CA  1 
ATOM   158 C C   . THR A 1 23  ? 16.167  -6.030  -2.484  1.00 45.72 ? 93  THR A C   1 
ATOM   159 O O   . THR A 1 23  ? 17.071  -6.208  -3.299  1.00 49.68 ? 93  THR A O   1 
ATOM   160 C CB  . THR A 1 23  ? 16.450  -7.978  -1.016  1.00 39.04 ? 93  THR A CB  1 
ATOM   161 O OG1 . THR A 1 23  ? 15.203  -8.551  -1.446  1.00 37.75 ? 93  THR A OG1 1 
ATOM   162 C CG2 . THR A 1 23  ? 16.795  -8.469  0.351   1.00 35.43 ? 93  THR A CG2 1 
ATOM   163 N N   . THR A 1 24  ? 14.981  -5.543  -2.826  1.00 41.07 ? 94  THR A N   1 
ATOM   164 C CA  . THR A 1 24  ? 14.756  -5.098  -4.195  1.00 41.42 ? 94  THR A CA  1 
ATOM   165 C C   . THR A 1 24  ? 15.650  -3.890  -4.483  1.00 48.11 ? 94  THR A C   1 
ATOM   166 O O   . THR A 1 24  ? 15.803  -3.023  -3.622  1.00 47.13 ? 94  THR A O   1 
ATOM   167 C CB  . THR A 1 24  ? 13.286  -4.788  -4.414  1.00 39.69 ? 94  THR A CB  1 
ATOM   168 O OG1 . THR A 1 24  ? 12.528  -5.971  -4.128  1.00 39.45 ? 94  THR A OG1 1 
ATOM   169 C CG2 . THR A 1 24  ? 13.006  -4.346  -5.840  1.00 36.61 ? 94  THR A CG2 1 
ATOM   170 N N   . THR A 1 25  ? 16.280  -3.871  -5.665  1.00 49.04 ? 95  THR A N   1 
ATOM   171 C CA  . THR A 1 25  ? 17.117  -2.742  -6.092  1.00 46.68 ? 95  THR A CA  1 
ATOM   172 C C   . THR A 1 25  ? 16.245  -1.619  -6.631  1.00 48.61 ? 95  THR A C   1 
ATOM   173 O O   . THR A 1 25  ? 15.145  -1.869  -7.132  1.00 48.19 ? 95  THR A O   1 
ATOM   174 C CB  . THR A 1 25  ? 18.102  -3.127  -7.236  1.00 47.06 ? 95  THR A CB  1 
ATOM   175 O OG1 . THR A 1 25  ? 17.369  -3.367  -8.448  1.00 50.09 ? 95  THR A OG1 1 
ATOM   176 C CG2 . THR A 1 25  ? 18.917  -4.361  -6.893  1.00 43.43 ? 95  THR A CG2 1 
ATOM   177 N N   . VAL A 1 26  ? 16.762  -0.396  -6.562  1.00 47.76 ? 96  VAL A N   1 
ATOM   178 C CA  . VAL A 1 26  ? 16.051  0.789   -7.040  1.00 47.05 ? 96  VAL A CA  1 
ATOM   179 C C   . VAL A 1 26  ? 15.646  0.629   -8.500  1.00 50.58 ? 96  VAL A C   1 
ATOM   180 O O   . VAL A 1 26  ? 14.605  1.131   -8.919  1.00 50.96 ? 96  VAL A O   1 
ATOM   181 C CB  . VAL A 1 26  ? 16.901  2.080   -6.837  1.00 48.66 ? 96  VAL A CB  1 
ATOM   182 C CG1 . VAL A 1 26  ? 16.314  3.260   -7.581  1.00 46.14 ? 96  VAL A CG1 1 
ATOM   183 C CG2 . VAL A 1 26  ? 17.041  2.405   -5.352  1.00 45.07 ? 96  VAL A CG2 1 
ATOM   184 N N   . ASP A 1 27  ? 16.451  -0.104  -9.262  1.00 55.26 ? 97  ASP A N   1 
ATOM   185 C CA  . ASP A 1 27  ? 16.181  -0.298  -10.684 1.00 53.44 ? 97  ASP A CA  1 
ATOM   186 C C   . ASP A 1 27  ? 15.067  -1.320  -10.902 1.00 50.76 ? 97  ASP A C   1 
ATOM   187 O O   . ASP A 1 27  ? 14.245  -1.190  -11.819 1.00 50.98 ? 97  ASP A O   1 
ATOM   188 C CB  . ASP A 1 27  ? 17.455  -0.717  -11.427 1.00 61.14 ? 97  ASP A CB  1 
ATOM   189 C CG  . ASP A 1 27  ? 18.580  0.306   -11.292 1.00 70.03 ? 97  ASP A CG  1 
ATOM   190 O OD1 . ASP A 1 27  ? 18.284  1.523   -11.210 1.00 67.17 ? 97  ASP A OD1 1 
ATOM   191 O OD2 . ASP A 1 27  ? 19.765  -0.109  -11.275 1.00 76.41 ? 97  ASP A OD2 1 
ATOM   192 N N   . GLU A 1 28  ? 15.036  -2.338  -10.051 1.00 49.97 ? 98  GLU A N   1 
ATOM   193 C CA  . GLU A 1 28  ? 13.943  -3.305  -10.092 1.00 48.01 ? 98  GLU A CA  1 
ATOM   194 C C   . GLU A 1 28  ? 12.629  -2.605  -9.761  1.00 49.11 ? 98  GLU A C   1 
ATOM   195 O O   . GLU A 1 28  ? 11.599  -2.870  -10.375 1.00 49.36 ? 98  GLU A O   1 
ATOM   196 C CB  . GLU A 1 28  ? 14.156  -4.415  -9.077  1.00 49.81 ? 98  GLU A CB  1 
ATOM   197 C CG  . GLU A 1 28  ? 15.244  -5.408  -9.376  1.00 50.60 ? 98  GLU A CG  1 
ATOM   198 C CD  . GLU A 1 28  ? 15.194  -6.572  -8.405  1.00 49.11 ? 98  GLU A CD  1 
ATOM   199 O OE1 . GLU A 1 28  ? 16.065  -6.649  -7.516  1.00 49.30 ? 98  GLU A OE1 1 
ATOM   200 O OE2 . GLU A 1 28  ? 14.262  -7.394  -8.522  1.00 49.68 ? 98  GLU A OE2 1 
ATOM   201 N N   . ALA A 1 29  ? 12.683  -1.700  -8.791  1.00 51.01 ? 99  ALA A N   1 
ATOM   202 C CA  . ALA A 1 29  ? 11.486  -1.011  -8.327  1.00 52.39 ? 99  ALA A CA  1 
ATOM   203 C C   . ALA A 1 29  ? 11.019  -0.016  -9.382  1.00 54.05 ? 99  ALA A C   1 
ATOM   204 O O   . ALA A 1 29  ? 9.831   0.064   -9.692  1.00 52.82 ? 99  ALA A O   1 
ATOM   205 C CB  . ALA A 1 29  ? 11.753  -0.322  -7.004  1.00 49.25 ? 99  ALA A CB  1 
ATOM   206 N N   . LEU A 1 30  ? 11.967  0.721   -9.958  1.00 61.47 ? 100 LEU A N   1 
ATOM   207 C CA  . LEU A 1 30  ? 11.664  1.650   -11.043 1.00 61.51 ? 100 LEU A CA  1 
ATOM   208 C C   . LEU A 1 30  ? 11.031  0.919   -12.222 1.00 61.37 ? 100 LEU A C   1 
ATOM   209 O O   . LEU A 1 30  ? 10.070  1.405   -12.836 1.00 67.65 ? 100 LEU A O   1 
ATOM   210 C CB  . LEU A 1 30  ? 12.924  2.396   -11.480 1.00 62.82 ? 100 LEU A CB  1 
ATOM   211 C CG  . LEU A 1 30  ? 13.321  3.554   -10.563 1.00 60.62 ? 100 LEU A CG  1 
ATOM   212 C CD1 . LEU A 1 30  ? 14.755  4.001   -10.815 1.00 60.63 ? 100 LEU A CD1 1 
ATOM   213 C CD2 . LEU A 1 30  ? 12.364  4.719   -10.749 1.00 55.01 ? 100 LEU A CD2 1 
ATOM   214 N N   . GLU A 1 31  ? 11.555  -0.266  -12.512 1.00 52.41 ? 101 GLU A N   1 
ATOM   215 C CA  . GLU A 1 31  ? 10.985  -1.106  -13.552 1.00 53.08 ? 101 GLU A CA  1 
ATOM   216 C C   . GLU A 1 31  ? 9.541   -1.452  -13.199 1.00 56.94 ? 101 GLU A C   1 
ATOM   217 O O   . GLU A 1 31  ? 8.615   -1.165  -13.976 1.00 54.88 ? 101 GLU A O   1 
ATOM   218 C CB  . GLU A 1 31  ? 11.826  -2.373  -13.732 1.00 57.21 ? 101 GLU A CB  1 
ATOM   219 C CG  . GLU A 1 31  ? 11.701  -3.029  -15.116 1.00 66.17 ? 101 GLU A CG  1 
ATOM   220 C CD  . GLU A 1 31  ? 13.047  -3.504  -15.669 1.00 74.85 ? 101 GLU A CD  1 
ATOM   221 O OE1 . GLU A 1 31  ? 14.091  -3.006  -15.185 1.00 73.00 ? 101 GLU A OE1 1 
ATOM   222 O OE2 . GLU A 1 31  ? 13.067  -4.365  -16.582 1.00 73.78 ? 101 GLU A OE2 1 
ATOM   223 N N   . LEU A 1 32  ? 9.358   -2.040  -12.014 1.00 46.75 ? 102 LEU A N   1 
ATOM   224 C CA  . LEU A 1 32  ? 8.036   -2.441  -11.527 1.00 46.88 ? 102 LEU A CA  1 
ATOM   225 C C   . LEU A 1 32  ? 7.014   -1.310  -11.629 1.00 46.37 ? 102 LEU A C   1 
ATOM   226 O O   . LEU A 1 32  ? 5.882   -1.531  -12.065 1.00 43.38 ? 102 LEU A O   1 
ATOM   227 C CB  . LEU A 1 32  ? 8.123   -2.985  -10.097 1.00 44.21 ? 102 LEU A CB  1 
ATOM   228 C CG  . LEU A 1 32  ? 8.694   -4.408  -9.967  1.00 48.31 ? 102 LEU A CG  1 
ATOM   229 C CD1 . LEU A 1 32  ? 8.955   -4.800  -8.516  1.00 36.11 ? 102 LEU A CD1 1 
ATOM   230 C CD2 . LEU A 1 32  ? 7.783   -5.439  -10.625 1.00 46.11 ? 102 LEU A CD2 1 
ATOM   231 N N   . LEU A 1 33  ? 7.433   -0.102  -11.252 1.00 52.51 ? 103 LEU A N   1 
ATOM   232 C CA  . LEU A 1 33  ? 6.587   1.076   -11.371 1.00 50.06 ? 103 LEU A CA  1 
ATOM   233 C C   . LEU A 1 33  ? 6.247   1.349   -12.816 1.00 53.68 ? 103 LEU A C   1 
ATOM   234 O O   . LEU A 1 33  ? 5.096   1.653   -13.133 1.00 58.70 ? 103 LEU A O   1 
ATOM   235 C CB  . LEU A 1 33  ? 7.270   2.315   -10.798 1.00 55.11 ? 103 LEU A CB  1 
ATOM   236 C CG  . LEU A 1 33  ? 7.458   2.465   -9.292  1.00 57.53 ? 103 LEU A CG  1 
ATOM   237 C CD1 . LEU A 1 33  ? 8.177   3.764   -8.977  1.00 56.62 ? 103 LEU A CD1 1 
ATOM   238 C CD2 . LEU A 1 33  ? 6.119   2.405   -8.570  1.00 55.22 ? 103 LEU A CD2 1 
ATOM   239 N N   . VAL A 1 34  ? 7.241   1.261   -13.699 1.00 50.63 ? 104 VAL A N   1 
ATOM   240 C CA  . VAL A 1 34  ? 6.977   1.572   -15.109 1.00 55.54 ? 104 VAL A CA  1 
ATOM   241 C C   . VAL A 1 34  ? 5.996   0.600   -15.773 1.00 56.45 ? 104 VAL A C   1 
ATOM   242 O O   . VAL A 1 34  ? 5.039   1.024   -16.421 1.00 58.74 ? 104 VAL A O   1 
ATOM   243 C CB  . VAL A 1 34  ? 8.274   1.690   -15.937 1.00 55.04 ? 104 VAL A CB  1 
ATOM   244 C CG1 . VAL A 1 34  ? 7.973   1.598   -17.423 1.00 50.39 ? 104 VAL A CG1 1 
ATOM   245 C CG2 . VAL A 1 34  ? 8.971   3.004   -15.622 1.00 51.15 ? 104 VAL A CG2 1 
ATOM   246 N N   . GLU A 1 35  ? 6.236   -0.697  -15.604 1.00 65.34 ? 105 GLU A N   1 
ATOM   247 C CA  . GLU A 1 35  ? 5.317   -1.708  -16.115 1.00 67.39 ? 105 GLU A CA  1 
ATOM   248 C C   . GLU A 1 35  ? 3.934   -1.562  -15.511 1.00 65.05 ? 105 GLU A C   1 
ATOM   249 O O   . GLU A 1 35  ? 2.933   -1.590  -16.228 1.00 69.01 ? 105 GLU A O   1 
ATOM   250 C CB  . GLU A 1 35  ? 5.804   -3.117  -15.779 1.00 68.24 ? 105 GLU A CB  1 
ATOM   251 C CG  . GLU A 1 35  ? 7.278   -3.354  -15.934 1.00 67.43 ? 105 GLU A CG  1 
ATOM   252 C CD  . GLU A 1 35  ? 7.730   -4.548  -15.134 1.00 74.36 ? 105 GLU A CD  1 
ATOM   253 O OE1 . GLU A 1 35  ? 7.583   -5.691  -15.629 1.00 82.30 ? 105 GLU A OE1 1 
ATOM   254 O OE2 . GLU A 1 35  ? 8.221   -4.341  -14.000 1.00 71.26 ? 105 GLU A OE2 1 
ATOM   255 N N   . ASN A 1 36  ? 3.883   -1.416  -14.188 1.00 48.47 ? 106 ASN A N   1 
ATOM   256 C CA  . ASN A 1 36  ? 2.617   -1.557  -13.463 1.00 55.01 ? 106 ASN A CA  1 
ATOM   257 C C   . ASN A 1 36  ? 1.861   -0.264  -13.218 1.00 55.55 ? 106 ASN A C   1 
ATOM   258 O O   . ASN A 1 36  ? 0.847   -0.258  -12.514 1.00 55.90 ? 106 ASN A O   1 
ATOM   259 C CB  . ASN A 1 36  ? 2.818   -2.316  -12.148 1.00 52.48 ? 106 ASN A CB  1 
ATOM   260 C CG  . ASN A 1 36  ? 3.142   -3.777  -12.369 1.00 51.94 ? 106 ASN A CG  1 
ATOM   261 O OD1 . ASN A 1 36  ? 2.285   -4.553  -12.794 1.00 54.29 ? 106 ASN A OD1 1 
ATOM   262 N ND2 . ASN A 1 36  ? 4.386   -4.159  -12.091 1.00 51.19 ? 106 ASN A ND2 1 
ATOM   263 N N   . ARG A 1 37  ? 2.367   0.814   -13.811 1.00 67.95 ? 107 ARG A N   1 
ATOM   264 C CA  . ARG A 1 37  ? 1.772   2.145   -13.709 1.00 71.42 ? 107 ARG A CA  1 
ATOM   265 C C   . ARG A 1 37  ? 1.396   2.553   -12.278 1.00 73.62 ? 107 ARG A C   1 
ATOM   266 O O   . ARG A 1 37  ? 0.335   3.134   -12.044 1.00 74.69 ? 107 ARG A O   1 
ATOM   267 C CB  . ARG A 1 37  ? 0.567   2.278   -14.644 1.00 68.37 ? 107 ARG A CB  1 
ATOM   268 C CG  . ARG A 1 37  ? 0.425   3.670   -15.235 1.00 74.01 ? 107 ARG A CG  1 
ATOM   269 C CD  . ARG A 1 37  ? -0.968  3.916   -15.787 1.00 73.79 ? 107 ARG A CD  1 
ATOM   270 N NE  . ARG A 1 37  ? -1.157  5.315   -16.161 1.00 83.25 ? 107 ARG A NE  1 
ATOM   271 C CZ  . ARG A 1 37  ? -2.342  5.901   -16.303 1.00 82.92 ? 107 ARG A CZ  1 
ATOM   272 N NH1 . ARG A 1 37  ? -3.454  5.210   -16.094 1.00 83.29 ? 107 ARG A NH1 1 
ATOM   273 N NH2 . ARG A 1 37  ? -2.418  7.182   -16.645 1.00 82.03 ? 107 ARG A NH2 1 
ATOM   274 N N   . ILE A 1 38  ? 2.269   2.245   -11.326 1.00 65.89 ? 108 ILE A N   1 
ATOM   275 C CA  . ILE A 1 38  ? 2.072   2.664   -9.944  1.00 62.59 ? 108 ILE A CA  1 
ATOM   276 C C   . ILE A 1 38  ? 3.066   3.751   -9.541  1.00 59.31 ? 108 ILE A C   1 
ATOM   277 O O   . ILE A 1 38  ? 4.058   3.987   -10.231 1.00 55.17 ? 108 ILE A O   1 
ATOM   278 C CB  . ILE A 1 38  ? 2.172   1.474   -8.975  1.00 60.58 ? 108 ILE A CB  1 
ATOM   279 C CG1 . ILE A 1 38  ? 2.817   0.272   -9.666  1.00 63.62 ? 108 ILE A CG1 1 
ATOM   280 C CG2 . ILE A 1 38  ? 0.792   1.100   -8.473  1.00 65.87 ? 108 ILE A CG2 1 
ATOM   281 C CD1 . ILE A 1 38  ? 2.667   -1.014  -8.894  1.00 62.15 ? 108 ILE A CD1 1 
ATOM   282 N N   . THR A 1 39  ? 2.796   4.427   -8.430  1.00 52.81 ? 109 THR A N   1 
ATOM   283 C CA  . THR A 1 39  ? 3.726   5.450   -7.950  1.00 52.54 ? 109 THR A CA  1 
ATOM   284 C C   . THR A 1 39  ? 4.332   5.052   -6.613  1.00 47.87 ? 109 THR A C   1 
ATOM   285 O O   . THR A 1 39  ? 4.839   5.888   -5.869  1.00 52.93 ? 109 THR A O   1 
ATOM   286 C CB  . THR A 1 39  ? 3.061   6.828   -7.831  1.00 52.98 ? 109 THR A CB  1 
ATOM   287 O OG1 . THR A 1 39  ? 2.002   6.763   -6.871  1.00 49.68 ? 109 THR A OG1 1 
ATOM   288 C CG2 . THR A 1 39  ? 2.503   7.267   -9.181  1.00 54.62 ? 109 THR A CG2 1 
ATOM   289 N N   . GLY A 1 40  ? 4.278   3.761   -6.315  1.00 39.07 ? 110 GLY A N   1 
ATOM   290 C CA  . GLY A 1 40  ? 4.800   3.261   -5.060  1.00 32.93 ? 110 GLY A CA  1 
ATOM   291 C C   . GLY A 1 40  ? 4.344   1.845   -4.785  1.00 30.63 ? 110 GLY A C   1 
ATOM   292 O O   . GLY A 1 40  ? 3.499   1.314   -5.497  1.00 31.48 ? 110 GLY A O   1 
ATOM   293 N N   . PHE A 1 41  ? 4.923   1.225   -3.767  1.00 31.55 ? 111 PHE A N   1 
ATOM   294 C CA  . PHE A 1 41  ? 4.519   -0.108  -3.355  1.00 31.79 ? 111 PHE A CA  1 
ATOM   295 C C   . PHE A 1 41  ? 4.641   -0.171  -1.853  1.00 27.20 ? 111 PHE A C   1 
ATOM   296 O O   . PHE A 1 41  ? 5.424   0.586   -1.257  1.00 28.73 ? 111 PHE A O   1 
ATOM   297 C CB  . PHE A 1 41  ? 5.462   -1.222  -3.884  1.00 38.93 ? 111 PHE A CB  1 
ATOM   298 C CG  . PHE A 1 41  ? 6.202   -0.893  -5.151  1.00 33.10 ? 111 PHE A CG  1 
ATOM   299 C CD1 . PHE A 1 41  ? 5.892   -1.557  -6.322  1.00 38.43 ? 111 PHE A CD1 1 
ATOM   300 C CD2 . PHE A 1 41  ? 7.235   0.027   -5.161  1.00 34.38 ? 111 PHE A CD2 1 
ATOM   301 C CE1 . PHE A 1 41  ? 6.574   -1.283  -7.500  1.00 44.30 ? 111 PHE A CE1 1 
ATOM   302 C CE2 . PHE A 1 41  ? 7.916   0.312   -6.346  1.00 40.90 ? 111 PHE A CE2 1 
ATOM   303 C CZ  . PHE A 1 41  ? 7.587   -0.359  -7.504  1.00 36.75 ? 111 PHE A CZ  1 
ATOM   304 N N   . PRO A 1 42  ? 3.892   -1.089  -1.246  1.00 23.75 ? 112 PRO A N   1 
ATOM   305 C CA  . PRO A 1 42  ? 4.234   -1.668  0.050   1.00 28.97 ? 112 PRO A CA  1 
ATOM   306 C C   . PRO A 1 42  ? 5.501   -2.528  -0.069  1.00 27.43 ? 112 PRO A C   1 
ATOM   307 O O   . PRO A 1 42  ? 5.849   -3.083  -1.134  1.00 31.68 ? 112 PRO A O   1 
ATOM   308 C CB  . PRO A 1 42  ? 3.006   -2.546  0.378   1.00 25.73 ? 112 PRO A CB  1 
ATOM   309 C CG  . PRO A 1 42  ? 2.537   -2.980  -0.937  1.00 30.36 ? 112 PRO A CG  1 
ATOM   310 C CD  . PRO A 1 42  ? 2.757   -1.793  -1.866  1.00 31.44 ? 112 PRO A CD  1 
ATOM   311 N N   . VAL A 1 43  ? 6.194   -2.603  1.049   1.00 29.85 ? 113 VAL A N   1 
ATOM   312 C CA  . VAL A 1 43  ? 7.488   -3.241  1.161   1.00 32.25 ? 113 VAL A CA  1 
ATOM   313 C C   . VAL A 1 43  ? 7.375   -4.285  2.256   1.00 33.99 ? 113 VAL A C   1 
ATOM   314 O O   . VAL A 1 43  ? 7.134   -3.931  3.423   1.00 34.10 ? 113 VAL A O   1 
ATOM   315 C CB  . VAL A 1 43  ? 8.610   -2.248  1.552   1.00 30.92 ? 113 VAL A CB  1 
ATOM   316 C CG1 . VAL A 1 43  ? 9.997   -2.930  1.418   1.00 35.98 ? 113 VAL A CG1 1 
ATOM   317 C CG2 . VAL A 1 43  ? 8.547   -0.972  0.703   1.00 28.03 ? 113 VAL A CG2 1 
ATOM   318 N N   . ILE A 1 44  ? 7.555   -5.553  1.869   1.00 38.19 ? 114 ILE A N   1 
ATOM   319 C CA  . ILE A 1 44  ? 7.423   -6.693  2.765   1.00 42.27 ? 114 ILE A CA  1 
ATOM   320 C C   . ILE A 1 44  ? 8.752   -7.383  3.046   1.00 47.70 ? 114 ILE A C   1 
ATOM   321 O O   . ILE A 1 44  ? 9.657   -7.342  2.212   1.00 49.44 ? 114 ILE A O   1 
ATOM   322 C CB  . ILE A 1 44  ? 6.438   -7.754  2.198   1.00 46.59 ? 114 ILE A CB  1 
ATOM   323 C CG1 . ILE A 1 44  ? 6.875   -8.199  0.805   1.00 48.15 ? 114 ILE A CG1 1 
ATOM   324 C CG2 . ILE A 1 44  ? 5.006   -7.220  2.154   1.00 39.12 ? 114 ILE A CG2 1 
ATOM   325 C CD1 . ILE A 1 44  ? 5.898   -9.153  0.143   1.00 53.16 ? 114 ILE A CD1 1 
ATOM   326 N N   . ASP A 1 45  ? 8.879   -7.999  4.224   1.00 37.90 ? 115 ASP A N   1 
ATOM   327 C CA  . ASP A 1 45  ? 10.020  -8.865  4.478   1.00 39.63 ? 115 ASP A CA  1 
ATOM   328 C C   . ASP A 1 45  ? 9.709   -10.273 3.945   1.00 44.87 ? 115 ASP A C   1 
ATOM   329 O O   . ASP A 1 45  ? 8.750   -10.434 3.191   1.00 46.35 ? 115 ASP A O   1 
ATOM   330 C CB  . ASP A 1 45  ? 10.517  -8.820  5.936   1.00 42.59 ? 115 ASP A CB  1 
ATOM   331 C CG  . ASP A 1 45  ? 9.616   -9.563  6.928   1.00 43.74 ? 115 ASP A CG  1 
ATOM   332 O OD1 . ASP A 1 45  ? 9.952   -9.496  8.126   1.00 40.21 ? 115 ASP A OD1 1 
ATOM   333 O OD2 . ASP A 1 45  ? 8.605   -10.202 6.544   1.00 43.54 ? 115 ASP A OD2 1 
ATOM   334 N N   . GLU A 1 46  ? 10.518  -11.273 4.289   1.00 48.68 ? 116 GLU A N   1 
ATOM   335 C CA  . GLU A 1 46  ? 10.338  -12.612 3.708   1.00 50.62 ? 116 GLU A CA  1 
ATOM   336 C C   . GLU A 1 46  ? 9.092   -13.288 4.252   1.00 45.75 ? 116 GLU A C   1 
ATOM   337 O O   . GLU A 1 46  ? 8.507   -14.157 3.609   1.00 47.97 ? 116 GLU A O   1 
ATOM   338 C CB  . GLU A 1 46  ? 11.562  -13.499 3.949   1.00 51.29 ? 116 GLU A CB  1 
ATOM   339 C CG  . GLU A 1 46  ? 12.884  -12.863 3.574   1.00 49.42 ? 116 GLU A CG  1 
ATOM   340 C CD  . GLU A 1 46  ? 12.929  -12.449 2.117   1.00 55.84 ? 116 GLU A CD  1 
ATOM   341 O OE1 . GLU A 1 46  ? 12.253  -13.103 1.290   1.00 51.81 ? 116 GLU A OE1 1 
ATOM   342 O OE2 . GLU A 1 46  ? 13.632  -11.459 1.803   1.00 53.59 ? 116 GLU A OE2 1 
ATOM   343 N N   . ASP A 1 47  ? 8.683   -12.858 5.437   1.00 61.30 ? 117 ASP A N   1 
ATOM   344 C CA  . ASP A 1 47  ? 7.519   -13.415 6.107   1.00 60.12 ? 117 ASP A CA  1 
ATOM   345 C C   . ASP A 1 47  ? 6.241   -12.726 5.655   1.00 55.65 ? 117 ASP A C   1 
ATOM   346 O O   . ASP A 1 47  ? 5.192   -12.918 6.254   1.00 62.23 ? 117 ASP A O   1 
ATOM   347 C CB  . ASP A 1 47  ? 7.695   -13.294 7.630   1.00 63.63 ? 117 ASP A CB  1 
ATOM   348 C CG  . ASP A 1 47  ? 8.851   -14.149 8.159   1.00 63.37 ? 117 ASP A CG  1 
ATOM   349 O OD1 . ASP A 1 47  ? 9.794   -13.588 8.750   1.00 67.32 ? 117 ASP A OD1 1 
ATOM   350 O OD2 . ASP A 1 47  ? 8.813   -15.383 7.988   1.00 64.95 ? 117 ASP A OD2 1 
ATOM   351 N N   . TRP A 1 48  ? 6.337   -11.931 4.593   1.00 45.05 ? 118 TRP A N   1 
ATOM   352 C CA  . TRP A 1 48  ? 5.220   -11.116 4.098   1.00 42.50 ? 118 TRP A CA  1 
ATOM   353 C C   . TRP A 1 48  ? 4.683   -10.124 5.142   1.00 41.39 ? 118 TRP A C   1 
ATOM   354 O O   . TRP A 1 48  ? 3.550   -9.670  5.053   1.00 38.95 ? 118 TRP A O   1 
ATOM   355 C CB  . TRP A 1 48  ? 4.088   -11.992 3.546   1.00 41.40 ? 118 TRP A CB  1 
ATOM   356 C CG  . TRP A 1 48  ? 4.072   -12.068 2.055   1.00 46.50 ? 118 TRP A CG  1 
ATOM   357 C CD1 . TRP A 1 48  ? 4.862   -12.853 1.264   1.00 45.69 ? 118 TRP A CD1 1 
ATOM   358 C CD2 . TRP A 1 48  ? 3.231   -11.322 1.165   1.00 45.67 ? 118 TRP A CD2 1 
ATOM   359 N NE1 . TRP A 1 48  ? 4.565   -12.639 -0.062  1.00 45.44 ? 118 TRP A NE1 1 
ATOM   360 C CE2 . TRP A 1 48  ? 3.560   -11.712 -0.149  1.00 44.12 ? 118 TRP A CE2 1 
ATOM   361 C CE3 . TRP A 1 48  ? 2.226   -10.367 1.352   1.00 45.74 ? 118 TRP A CE3 1 
ATOM   362 C CZ2 . TRP A 1 48  ? 2.924   -11.184 -1.267  1.00 46.15 ? 118 TRP A CZ2 1 
ATOM   363 C CZ3 . TRP A 1 48  ? 1.595   -9.842  0.243   1.00 47.33 ? 118 TRP A CZ3 1 
ATOM   364 C CH2 . TRP A 1 48  ? 1.952   -10.247 -1.056  1.00 52.13 ? 118 TRP A CH2 1 
ATOM   365 N N   . LYS A 1 49  ? 5.509   -9.807  6.131   1.00 38.36 ? 119 LYS A N   1 
ATOM   366 C CA  . LYS A 1 49  ? 5.191   -8.768  7.082   1.00 37.37 ? 119 LYS A CA  1 
ATOM   367 C C   . LYS A 1 49  ? 5.452   -7.421  6.442   1.00 40.69 ? 119 LYS A C   1 
ATOM   368 O O   . LYS A 1 49  ? 6.346   -7.281  5.596   1.00 32.92 ? 119 LYS A O   1 
ATOM   369 C CB  . LYS A 1 49  ? 6.050   -8.896  8.340   1.00 39.41 ? 119 LYS A CB  1 
ATOM   370 C CG  . LYS A 1 49  ? 5.786   -10.165 9.109   1.00 44.16 ? 119 LYS A CG  1 
ATOM   371 C CD  . LYS A 1 49  ? 6.035   -9.990  10.596  1.00 47.73 ? 119 LYS A CD  1 
ATOM   372 C CE  . LYS A 1 49  ? 5.419   -11.155 11.360  1.00 50.85 ? 119 LYS A CE  1 
ATOM   373 N NZ  . LYS A 1 49  ? 4.259   -11.682 10.587  1.00 46.40 ? 119 LYS A NZ  1 
ATOM   374 N N   . LEU A 1 50  ? 4.683   -6.428  6.879   1.00 37.94 ? 120 LEU A N   1 
ATOM   375 C CA  . LEU A 1 50  ? 4.805   -5.090  6.344   1.00 30.57 ? 120 LEU A CA  1 
ATOM   376 C C   . LEU A 1 50  ? 5.890   -4.346  7.102   1.00 33.75 ? 120 LEU A C   1 
ATOM   377 O O   . LEU A 1 50  ? 5.789   -4.130  8.312   1.00 33.28 ? 120 LEU A O   1 
ATOM   378 C CB  . LEU A 1 50  ? 3.458   -4.357  6.405   1.00 31.98 ? 120 LEU A CB  1 
ATOM   379 C CG  . LEU A 1 50  ? 3.466   -2.936  5.836   1.00 33.05 ? 120 LEU A CG  1 
ATOM   380 C CD1 . LEU A 1 50  ? 3.685   -2.923  4.307   1.00 31.61 ? 120 LEU A CD1 1 
ATOM   381 C CD2 . LEU A 1 50  ? 2.199   -2.215  6.222   1.00 32.68 ? 120 LEU A CD2 1 
ATOM   382 N N   . VAL A 1 51  ? 6.941   -3.956  6.385   1.00 25.48 ? 121 VAL A N   1 
ATOM   383 C CA  . VAL A 1 51  ? 8.034   -3.225  7.012   1.00 25.71 ? 121 VAL A CA  1 
ATOM   384 C C   . VAL A 1 51  ? 8.178   -1.818  6.425   1.00 32.25 ? 121 VAL A C   1 
ATOM   385 O O   . VAL A 1 51  ? 8.867   -0.959  6.987   1.00 33.55 ? 121 VAL A O   1 
ATOM   386 C CB  . VAL A 1 51  ? 9.402   -3.992  6.925   1.00 28.56 ? 121 VAL A CB  1 
ATOM   387 C CG1 . VAL A 1 51  ? 9.361   -5.297  7.717   1.00 29.84 ? 121 VAL A CG1 1 
ATOM   388 C CG2 . VAL A 1 51  ? 9.797   -4.251  5.475   1.00 23.92 ? 121 VAL A CG2 1 
ATOM   389 N N   . GLY A 1 52  ? 7.543   -1.556  5.294   1.00 22.35 ? 122 GLY A N   1 
ATOM   390 C CA  . GLY A 1 52  ? 7.618   -0.193  4.831   1.00 25.65 ? 122 GLY A CA  1 
ATOM   391 C C   . GLY A 1 52  ? 6.811   0.138   3.605   1.00 27.91 ? 122 GLY A C   1 
ATOM   392 O O   . GLY A 1 52  ? 6.071   -0.692  3.091   1.00 24.12 ? 122 GLY A O   1 
ATOM   393 N N   . LEU A 1 53  ? 6.938   1.384   3.167   1.00 34.43 ? 123 LEU A N   1 
ATOM   394 C CA  . LEU A 1 53  ? 6.275   1.863   1.971   1.00 34.67 ? 123 LEU A CA  1 
ATOM   395 C C   . LEU A 1 53  ? 7.317   2.609   1.169   1.00 38.05 ? 123 LEU A C   1 
ATOM   396 O O   . LEU A 1 53  ? 8.256   3.186   1.742   1.00 35.68 ? 123 LEU A O   1 
ATOM   397 C CB  . LEU A 1 53  ? 5.144   2.820   2.327   1.00 35.67 ? 123 LEU A CB  1 
ATOM   398 C CG  . LEU A 1 53  ? 3.836   2.165   2.768   1.00 33.92 ? 123 LEU A CG  1 
ATOM   399 C CD1 . LEU A 1 53  ? 2.789   3.220   3.056   1.00 35.15 ? 123 LEU A CD1 1 
ATOM   400 C CD2 . LEU A 1 53  ? 3.350   1.239   1.678   1.00 32.60 ? 123 LEU A CD2 1 
ATOM   401 N N   . VAL A 1 54  ? 7.168   2.600   -0.149  1.00 27.29 ? 124 VAL A N   1 
ATOM   402 C CA  . VAL A 1 54  ? 8.156   3.274   -0.959  1.00 31.32 ? 124 VAL A CA  1 
ATOM   403 C C   . VAL A 1 54  ? 7.514   3.877   -2.184  1.00 32.09 ? 124 VAL A C   1 
ATOM   404 O O   . VAL A 1 54  ? 6.582   3.314   -2.740  1.00 28.63 ? 124 VAL A O   1 
ATOM   405 C CB  . VAL A 1 54  ? 9.343   2.351   -1.324  1.00 33.04 ? 124 VAL A CB  1 
ATOM   406 C CG1 . VAL A 1 54  ? 9.025   1.487   -2.534  1.00 25.74 ? 124 VAL A CG1 1 
ATOM   407 C CG2 . VAL A 1 54  ? 10.582  3.191   -1.575  1.00 39.21 ? 124 VAL A CG2 1 
ATOM   408 N N   . SER A 1 55  ? 7.984   5.063   -2.568  1.00 32.26 ? 125 SER A N   1 
ATOM   409 C CA  . SER A 1 55  ? 7.372   5.786   -3.688  1.00 41.75 ? 125 SER A CA  1 
ATOM   410 C C   . SER A 1 55  ? 8.426   6.287   -4.691  1.00 37.37 ? 125 SER A C   1 
ATOM   411 O O   . SER A 1 55  ? 9.618   6.334   -4.381  1.00 30.33 ? 125 SER A O   1 
ATOM   412 C CB  . SER A 1 55  ? 6.552   6.966   -3.167  1.00 35.71 ? 125 SER A CB  1 
ATOM   413 O OG  . SER A 1 55  ? 7.391   7.835   -2.429  1.00 37.61 ? 125 SER A OG  1 
ATOM   414 N N   . ASP A 1 56  ? 7.964   6.683   -5.873  1.00 36.74 ? 126 ASP A N   1 
ATOM   415 C CA  . ASP A 1 56  ? 8.839   7.246   -6.900  1.00 38.82 ? 126 ASP A CA  1 
ATOM   416 C C   . ASP A 1 56  ? 9.716   8.403   -6.382  1.00 38.86 ? 126 ASP A C   1 
ATOM   417 O O   . ASP A 1 56  ? 10.907  8.452   -6.659  1.00 35.90 ? 126 ASP A O   1 
ATOM   418 C CB  . ASP A 1 56  ? 8.032   7.662   -8.125  1.00 33.83 ? 126 ASP A CB  1 
ATOM   419 C CG  . ASP A 1 56  ? 6.996   8.743   -7.819  1.00 44.30 ? 126 ASP A CG  1 
ATOM   420 O OD1 . ASP A 1 56  ? 6.942   9.260   -6.672  1.00 36.66 ? 126 ASP A OD1 1 
ATOM   421 O OD2 . ASP A 1 56  ? 6.242   9.094   -8.755  1.00 46.11 ? 126 ASP A OD2 1 
ATOM   422 N N   . TYR A 1 57  ? 9.126   9.297   -5.594  1.00 57.07 ? 127 TYR A N   1 
ATOM   423 C CA  . TYR A 1 57  ? 9.865   10.378  -4.934  1.00 60.72 ? 127 TYR A CA  1 
ATOM   424 C C   . TYR A 1 57  ? 11.033  9.853   -4.097  1.00 61.62 ? 127 TYR A C   1 
ATOM   425 O O   . TYR A 1 57  ? 12.111  10.455  -4.065  1.00 64.25 ? 127 TYR A O   1 
ATOM   426 C CB  . TYR A 1 57  ? 8.914   11.218  -4.069  1.00 61.82 ? 127 TYR A CB  1 
ATOM   427 C CG  . TYR A 1 57  ? 9.581   12.266  -3.192  1.00 70.88 ? 127 TYR A CG  1 
ATOM   428 C CD1 . TYR A 1 57  ? 9.757   13.572  -3.644  1.00 75.65 ? 127 TYR A CD1 1 
ATOM   429 C CD2 . TYR A 1 57  ? 10.007  11.959  -1.900  1.00 74.23 ? 127 TYR A CD2 1 
ATOM   430 C CE1 . TYR A 1 57  ? 10.359  14.539  -2.837  1.00 80.14 ? 127 TYR A CE1 1 
ATOM   431 C CE2 . TYR A 1 57  ? 10.617  12.918  -1.089  1.00 74.49 ? 127 TYR A CE2 1 
ATOM   432 C CZ  . TYR A 1 57  ? 10.785  14.204  -1.561  1.00 80.56 ? 127 TYR A CZ  1 
ATOM   433 O OH  . TYR A 1 57  ? 11.383  15.154  -0.759  1.00 85.14 ? 127 TYR A OH  1 
ATOM   434 N N   . ASP A 1 58  ? 10.813  8.729   -3.417  1.00 54.95 ? 128 ASP A N   1 
ATOM   435 C CA  . ASP A 1 58  ? 11.857  8.110   -2.613  1.00 54.46 ? 128 ASP A CA  1 
ATOM   436 C C   . ASP A 1 58  ? 12.902  7.459   -3.499  1.00 54.47 ? 128 ASP A C   1 
ATOM   437 O O   . ASP A 1 58  ? 14.098  7.595   -3.265  1.00 59.73 ? 128 ASP A O   1 
ATOM   438 C CB  . ASP A 1 58  ? 11.260  7.060   -1.684  1.00 57.04 ? 128 ASP A CB  1 
ATOM   439 C CG  . ASP A 1 58  ? 10.288  7.649   -0.704  1.00 55.74 ? 128 ASP A CG  1 
ATOM   440 O OD1 . ASP A 1 58  ? 10.753  8.249   0.281   1.00 53.43 ? 128 ASP A OD1 1 
ATOM   441 O OD2 . ASP A 1 58  ? 9.065   7.517   -0.929  1.00 58.53 ? 128 ASP A OD2 1 
ATOM   442 N N   . LEU A 1 59  ? 12.429  6.766   -4.530  1.00 46.44 ? 129 LEU A N   1 
ATOM   443 C CA  . LEU A 1 59  ? 13.302  6.076   -5.470  1.00 51.53 ? 129 LEU A CA  1 
ATOM   444 C C   . LEU A 1 59  ? 14.266  7.029   -6.170  1.00 50.30 ? 129 LEU A C   1 
ATOM   445 O O   . LEU A 1 59  ? 15.460  6.749   -6.264  1.00 51.30 ? 129 LEU A O   1 
ATOM   446 C CB  . LEU A 1 59  ? 12.475  5.313   -6.507  1.00 47.89 ? 129 LEU A CB  1 
ATOM   447 C CG  . LEU A 1 59  ? 12.208  3.837   -6.208  1.00 44.09 ? 129 LEU A CG  1 
ATOM   448 C CD1 . LEU A 1 59  ? 12.364  3.551   -4.723  1.00 47.03 ? 129 LEU A CD1 1 
ATOM   449 C CD2 . LEU A 1 59  ? 10.824  3.432   -6.693  1.00 44.46 ? 129 LEU A CD2 1 
ATOM   450 N N   . LEU A 1 60  ? 13.750  8.152   -6.666  1.00 49.44 ? 130 LEU A N   1 
ATOM   451 C CA  . LEU A 1 60  ? 14.580  9.066   -7.384  1.00 49.79 ? 130 LEU A CA  1 
ATOM   452 C C   . LEU A 1 60  ? 15.256  10.120  -6.519  1.00 55.85 ? 130 LEU A C   1 
ATOM   453 O O   . LEU A 1 60  ? 15.562  11.188  -6.994  1.00 56.44 ? 130 LEU A O   1 
ATOM   454 C CB  . LEU A 1 60  ? 13.760  9.696   -8.476  1.00 49.71 ? 130 LEU A CB  1 
ATOM   455 C CG  . LEU A 1 60  ? 13.122  8.702   -9.417  1.00 47.01 ? 130 LEU A CG  1 
ATOM   456 C CD1 . LEU A 1 60  ? 11.743  9.170   -9.776  1.00 41.09 ? 130 LEU A CD1 1 
ATOM   457 C CD2 . LEU A 1 60  ? 13.951  8.580   -10.672 1.00 44.66 ? 130 LEU A CD2 1 
ATOM   458 N N   . ALA A 1 61  ? 15.419  9.835   -5.234  1.00 46.97 ? 131 ALA A N   1 
ATOM   459 C CA  . ALA A 1 61  ? 15.990  10.771  -4.282  1.00 46.29 ? 131 ALA A CA  1 
ATOM   460 C C   . ALA A 1 61  ? 15.671  12.223  -4.566  1.00 54.94 ? 131 ALA A C   1 
ATOM   461 O O   . ALA A 1 61  ? 16.555  12.995  -4.838  1.00 57.17 ? 131 ALA A O   1 
ATOM   462 C CB  . ALA A 1 61  ? 17.475  10.612  -4.141  1.00 52.17 ? 131 ALA A CB  1 
ATOM   463 N N   . LEU A 1 62  ? 14.413  12.600  -4.462  1.00 68.12 ? 132 LEU A N   1 
ATOM   464 C CA  . LEU A 1 62  ? 13.985  13.910  -4.885  1.00 70.40 ? 132 LEU A CA  1 
ATOM   465 C C   . LEU A 1 62  ? 13.843  14.880  -3.759  1.00 78.36 ? 132 LEU A C   1 
ATOM   466 O O   . LEU A 1 62  ? 13.719  14.493  -2.614  1.00 81.64 ? 132 LEU A O   1 
ATOM   467 C CB  . LEU A 1 62  ? 12.663  13.809  -5.627  1.00 67.34 ? 132 LEU A CB  1 
ATOM   468 C CG  . LEU A 1 62  ? 12.742  12.863  -6.810  1.00 69.35 ? 132 LEU A CG  1 
ATOM   469 C CD1 . LEU A 1 62  ? 11.418  12.195  -7.108  1.00 62.39 ? 132 LEU A CD1 1 
ATOM   470 C CD2 . LEU A 1 62  ? 13.299  13.584  -8.019  1.00 67.35 ? 132 LEU A CD2 1 
ATOM   471 N N   . ASP A 1 63  ? 13.853  16.154  -4.102  1.00 78.30 ? 133 ASP A N   1 
ATOM   472 C CA  . ASP A 1 63  ? 13.656  17.216  -3.135  1.00 84.29 ? 133 ASP A CA  1 
ATOM   473 C C   . ASP A 1 63  ? 14.015  18.574  -3.726  1.00 89.91 ? 133 ASP A C   1 
ATOM   474 O O   . ASP A 1 63  ? 14.647  18.649  -4.773  1.00 90.50 ? 133 ASP A O   1 
ATOM   475 C CB  . ASP A 1 63  ? 14.475  16.951  -1.889  1.00 86.24 ? 133 ASP A CB  1 
ATOM   476 N N   . GLY A 1 98  ? 23.436  1.545   -6.969  1.00 50.11 ? 168 GLY A N   1 
ATOM   477 C CA  . GLY A 1 98  ? 23.832  0.575   -5.962  1.00 55.27 ? 168 GLY A CA  1 
ATOM   478 C C   . GLY A 1 98  ? 23.040  0.610   -4.661  1.00 59.06 ? 168 GLY A C   1 
ATOM   479 O O   . GLY A 1 98  ? 23.349  -0.122  -3.717  1.00 56.99 ? 168 GLY A O   1 
ATOM   480 N N   . LYS A 1 99  ? 22.020  1.458   -4.602  1.00 61.28 ? 169 LYS A N   1 
ATOM   481 C CA  . LYS A 1 99  ? 21.185  1.542   -3.410  1.00 63.13 ? 169 LYS A CA  1 
ATOM   482 C C   . LYS A 1 99  ? 19.929  0.686   -3.523  1.00 59.22 ? 169 LYS A C   1 
ATOM   483 O O   . LYS A 1 99  ? 19.473  0.361   -4.622  1.00 59.38 ? 169 LYS A O   1 
ATOM   484 C CB  . LYS A 1 99  ? 20.820  2.992   -3.080  1.00 65.72 ? 169 LYS A CB  1 
ATOM   485 C CG  . LYS A 1 99  ? 21.598  3.574   -1.903  1.00 64.77 ? 169 LYS A CG  1 
ATOM   486 C CD  . LYS A 1 99  ? 21.091  4.963   -1.552  1.00 65.28 ? 169 LYS A CD  1 
ATOM   487 C CE  . LYS A 1 99  ? 21.975  5.631   -0.514  1.00 74.19 ? 169 LYS A CE  1 
ATOM   488 N NZ  . LYS A 1 99  ? 21.640  7.078   -0.349  1.00 77.36 ? 169 LYS A NZ  1 
ATOM   489 N N   . LEU A 1 100 ? 19.376  0.322   -2.374  1.00 46.46 ? 170 LEU A N   1 
ATOM   490 C CA  . LEU A 1 100 ? 18.260  -0.618  -2.337  1.00 43.50 ? 170 LEU A CA  1 
ATOM   491 C C   . LEU A 1 100 ? 16.995  0.010   -1.736  1.00 42.59 ? 170 LEU A C   1 
ATOM   492 O O   . LEU A 1 100 ? 17.073  1.004   -1.013  1.00 39.21 ? 170 LEU A O   1 
ATOM   493 C CB  . LEU A 1 100 ? 18.679  -1.868  -1.556  1.00 46.85 ? 170 LEU A CB  1 
ATOM   494 C CG  . LEU A 1 100 ? 19.899  -2.651  -2.071  1.00 40.76 ? 170 LEU A CG  1 
ATOM   495 C CD1 . LEU A 1 100 ? 20.327  -3.680  -1.045  1.00 46.56 ? 170 LEU A CD1 1 
ATOM   496 C CD2 . LEU A 1 100 ? 19.617  -3.324  -3.407  1.00 40.68 ? 170 LEU A CD2 1 
ATOM   497 N N   . VAL A 1 101 ? 15.838  -0.577  -2.043  1.00 42.48 ? 171 VAL A N   1 
ATOM   498 C CA  . VAL A 1 101 ? 14.572  -0.109  -1.491  1.00 40.83 ? 171 VAL A CA  1 
ATOM   499 C C   . VAL A 1 101 ? 14.655  0.094   0.028   1.00 45.83 ? 171 VAL A C   1 
ATOM   500 O O   . VAL A 1 101 ? 14.262  1.142   0.557   1.00 43.13 ? 171 VAL A O   1 
ATOM   501 C CB  . VAL A 1 101 ? 13.412  -1.063  -1.824  1.00 42.01 ? 171 VAL A CB  1 
ATOM   502 C CG1 . VAL A 1 101 ? 12.202  -0.729  -0.977  1.00 44.30 ? 171 VAL A CG1 1 
ATOM   503 C CG2 . VAL A 1 101 ? 13.066  -0.991  -3.311  1.00 42.57 ? 171 VAL A CG2 1 
ATOM   504 N N   . GLY A 1 102 ? 15.222  -0.896  0.708   1.00 40.44 ? 172 GLY A N   1 
ATOM   505 C CA  . GLY A 1 102 ? 15.381  -0.851  2.145   1.00 44.20 ? 172 GLY A CA  1 
ATOM   506 C C   . GLY A 1 102 ? 16.049  0.425   2.607   1.00 47.66 ? 172 GLY A C   1 
ATOM   507 O O   . GLY A 1 102 ? 15.780  0.908   3.714   1.00 45.56 ? 172 GLY A O   1 
ATOM   508 N N   . ASP A 1 103 ? 16.903  0.976   1.745   1.00 62.10 ? 173 ASP A N   1 
ATOM   509 C CA  . ASP A 1 103 ? 17.646  2.189   2.056   1.00 63.21 ? 173 ASP A CA  1 
ATOM   510 C C   . ASP A 1 103 ? 16.743  3.422   1.995   1.00 63.52 ? 173 ASP A C   1 
ATOM   511 O O   . ASP A 1 103 ? 16.836  4.313   2.840   1.00 70.76 ? 173 ASP A O   1 
ATOM   512 C CB  . ASP A 1 103 ? 18.829  2.368   1.091   1.00 63.19 ? 173 ASP A CB  1 
ATOM   513 C CG  . ASP A 1 103 ? 19.714  1.126   0.991   1.00 68.45 ? 173 ASP A CG  1 
ATOM   514 O OD1 . ASP A 1 103 ? 19.979  0.490   2.033   1.00 65.23 ? 173 ASP A OD1 1 
ATOM   515 O OD2 . ASP A 1 103 ? 20.155  0.790   -0.138  1.00 70.15 ? 173 ASP A OD2 1 
ATOM   516 N N   . LEU A 1 104 ? 15.867  3.456   0.997   1.00 54.08 ? 174 LEU A N   1 
ATOM   517 C CA  . LEU A 1 104 ? 15.047  4.628   0.703   1.00 54.25 ? 174 LEU A CA  1 
ATOM   518 C C   . LEU A 1 104 ? 13.579  4.544   1.174   1.00 56.62 ? 174 LEU A C   1 
ATOM   519 O O   . LEU A 1 104 ? 12.857  5.534   1.093   1.00 55.66 ? 174 LEU A O   1 
ATOM   520 C CB  . LEU A 1 104 ? 15.042  4.888   -0.808  1.00 59.16 ? 174 LEU A CB  1 
ATOM   521 C CG  . LEU A 1 104 ? 16.340  4.753   -1.602  1.00 62.50 ? 174 LEU A CG  1 
ATOM   522 C CD1 . LEU A 1 104 ? 16.082  5.072   -3.065  1.00 60.28 ? 174 LEU A CD1 1 
ATOM   523 C CD2 . LEU A 1 104 ? 17.436  5.658   -1.042  1.00 65.92 ? 174 LEU A CD2 1 
ATOM   524 N N   . MET A 1 105 ? 13.131  3.379   1.642   1.00 47.47 ? 175 MET A N   1 
ATOM   525 C CA  . MET A 1 105 ? 11.710  3.198   1.988   1.00 41.03 ? 175 MET A CA  1 
ATOM   526 C C   . MET A 1 105 ? 11.294  3.998   3.199   1.00 38.61 ? 175 MET A C   1 
ATOM   527 O O   . MET A 1 105 ? 12.089  4.232   4.097   1.00 40.88 ? 175 MET A O   1 
ATOM   528 C CB  . MET A 1 105 ? 11.355  1.729   2.216   1.00 35.82 ? 175 MET A CB  1 
ATOM   529 C CG  . MET A 1 105 ? 11.952  1.138   3.482   1.00 41.39 ? 175 MET A CG  1 
ATOM   530 S SD  . MET A 1 105 ? 11.663  -0.638  3.712   1.00 26.19 ? 175 MET A SD  1 
ATOM   531 C CE  . MET A 1 105 ? 12.613  -0.845  5.195   1.00 23.63 ? 175 MET A CE  1 
ATOM   532 N N   . THR A 1 106 ? 10.044  4.440   3.215   1.00 44.74 ? 176 THR A N   1 
ATOM   533 C CA  . THR A 1 106 ? 9.493   4.997   4.441   1.00 45.66 ? 176 THR A CA  1 
ATOM   534 C C   . THR A 1 106 ? 8.808   3.881   5.237   1.00 43.95 ? 176 THR A C   1 
ATOM   535 O O   . THR A 1 106 ? 7.771   3.342   4.853   1.00 42.42 ? 176 THR A O   1 
ATOM   536 C CB  . THR A 1 106 ? 8.585   6.198   4.190   1.00 46.38 ? 176 THR A CB  1 
ATOM   537 O OG1 . THR A 1 106 ? 7.439   5.791   3.442   1.00 47.09 ? 176 THR A OG1 1 
ATOM   538 C CG2 . THR A 1 106 ? 9.346   7.253   3.408   1.00 47.66 ? 176 THR A CG2 1 
ATOM   539 N N   . PRO A 1 107 ? 9.434   3.507   6.340   1.00 38.52 ? 177 PRO A N   1 
ATOM   540 C CA  . PRO A 1 107 ? 9.041   2.347   7.130   1.00 43.96 ? 177 PRO A CA  1 
ATOM   541 C C   . PRO A 1 107 ? 7.982   2.715   8.154   1.00 44.38 ? 177 PRO A C   1 
ATOM   542 O O   . PRO A 1 107 ? 7.765   3.899   8.399   1.00 41.08 ? 177 PRO A O   1 
ATOM   543 C CB  . PRO A 1 107 ? 10.354  1.937   7.830   1.00 39.99 ? 177 PRO A CB  1 
ATOM   544 C CG  . PRO A 1 107 ? 11.392  3.017   7.443   1.00 44.00 ? 177 PRO A CG  1 
ATOM   545 C CD  . PRO A 1 107 ? 10.625  4.168   6.890   1.00 41.87 ? 177 PRO A CD  1 
ATOM   546 N N   . ALA A 1 108 ? 7.346   1.692   8.723   1.00 63.60 ? 178 ALA A N   1 
ATOM   547 C CA  . ALA A 1 108 ? 6.302   1.841   9.733   1.00 64.64 ? 178 ALA A CA  1 
ATOM   548 C C   . ALA A 1 108 ? 5.231   2.912   9.432   1.00 60.62 ? 178 ALA A C   1 
ATOM   549 O O   . ALA A 1 108 ? 5.155   3.925   10.109  1.00 59.74 ? 178 ALA A O   1 
ATOM   550 C CB  . ALA A 1 108 ? 6.938   2.085   11.074  1.00 64.03 ? 178 ALA A CB  1 
ATOM   551 N N   . PRO A 1 109 ? 4.397   2.684   8.413   1.00 61.10 ? 179 PRO A N   1 
ATOM   552 C CA  . PRO A 1 109 ? 3.358   3.651   8.059   1.00 60.69 ? 179 PRO A CA  1 
ATOM   553 C C   . PRO A 1 109 ? 2.010   3.365   8.721   1.00 61.79 ? 179 PRO A C   1 
ATOM   554 O O   . PRO A 1 109 ? 1.815   2.294   9.301   1.00 64.78 ? 179 PRO A O   1 
ATOM   555 C CB  . PRO A 1 109 ? 3.218   3.432   6.562   1.00 61.74 ? 179 PRO A CB  1 
ATOM   556 C CG  . PRO A 1 109 ? 3.458   1.980   6.399   1.00 58.14 ? 179 PRO A CG  1 
ATOM   557 C CD  . PRO A 1 109 ? 4.445   1.566   7.455   1.00 62.98 ? 179 PRO A CD  1 
ATOM   558 N N   . LEU A 1 110 ? 1.091   4.322   8.614   1.00 48.27 ? 180 LEU A N   1 
ATOM   559 C CA  . LEU A 1 110 ? -0.279  4.164   9.099   1.00 39.76 ? 180 LEU A CA  1 
ATOM   560 C C   . LEU A 1 110 ? -0.953  2.977   8.412   1.00 38.39 ? 180 LEU A C   1 
ATOM   561 O O   . LEU A 1 110 ? -0.856  2.793   7.196   1.00 31.69 ? 180 LEU A O   1 
ATOM   562 C CB  . LEU A 1 110 ? -1.059  5.448   8.844   1.00 39.53 ? 180 LEU A CB  1 
ATOM   563 C CG  . LEU A 1 110 ? -2.486  5.625   9.331   1.00 46.16 ? 180 LEU A CG  1 
ATOM   564 C CD1 . LEU A 1 110 ? -2.584  5.534   10.857  1.00 46.02 ? 180 LEU A CD1 1 
ATOM   565 C CD2 . LEU A 1 110 ? -2.980  6.975   8.847   1.00 46.78 ? 180 LEU A CD2 1 
ATOM   566 N N   . VAL A 1 111 ? -1.630  2.166   9.214   1.00 31.39 ? 181 VAL A N   1 
ATOM   567 C CA  . VAL A 1 111 ? -2.029  0.833   8.799   1.00 35.38 ? 181 VAL A CA  1 
ATOM   568 C C   . VAL A 1 111 ? -3.498  0.586   9.158   1.00 33.97 ? 181 VAL A C   1 
ATOM   569 O O   . VAL A 1 111 ? -3.968  1.057   10.198  1.00 32.40 ? 181 VAL A O   1 
ATOM   570 C CB  . VAL A 1 111 ? -1.083  -0.197  9.486   1.00 38.32 ? 181 VAL A CB  1 
ATOM   571 C CG1 . VAL A 1 111 ? -1.750  -1.520  9.764   1.00 31.47 ? 181 VAL A CG1 1 
ATOM   572 C CG2 . VAL A 1 111 ? 0.184   -0.372  8.676   1.00 37.29 ? 181 VAL A CG2 1 
ATOM   573 N N   . VAL A 1 112 ? -4.231  -0.119  8.300   1.00 29.52 ? 182 VAL A N   1 
ATOM   574 C CA  . VAL A 1 112 ? -5.552  -0.618  8.704   1.00 36.12 ? 182 VAL A CA  1 
ATOM   575 C C   . VAL A 1 112 ? -5.685  -2.141  8.674   1.00 35.59 ? 182 VAL A C   1 
ATOM   576 O O   . VAL A 1 112 ? -4.778  -2.867  8.214   1.00 35.13 ? 182 VAL A O   1 
ATOM   577 C CB  . VAL A 1 112 ? -6.708  0.009   7.883   1.00 35.58 ? 182 VAL A CB  1 
ATOM   578 C CG1 . VAL A 1 112 ? -6.736  1.530   8.064   1.00 27.29 ? 182 VAL A CG1 1 
ATOM   579 C CG2 . VAL A 1 112 ? -6.575  -0.381  6.407   1.00 37.29 ? 182 VAL A CG2 1 
ATOM   580 N N   . GLU A 1 113 ? -6.818  -2.618  9.192   1.00 49.21 ? 183 GLU A N   1 
ATOM   581 C CA  . GLU A 1 113 ? -7.133  -4.049  9.210   1.00 50.02 ? 183 GLU A CA  1 
ATOM   582 C C   . GLU A 1 113 ? -8.220  -4.378  8.191   1.00 45.27 ? 183 GLU A C   1 
ATOM   583 O O   . GLU A 1 113 ? -8.794  -3.485  7.583   1.00 48.84 ? 183 GLU A O   1 
ATOM   584 C CB  . GLU A 1 113 ? -7.609  -4.472  10.604  1.00 56.44 ? 183 GLU A CB  1 
ATOM   585 C CG  . GLU A 1 113 ? -6.873  -3.792  11.757  1.00 60.48 ? 183 GLU A CG  1 
ATOM   586 C CD  . GLU A 1 113 ? -5.589  -4.502  12.120  1.00 63.35 ? 183 GLU A CD  1 
ATOM   587 O OE1 . GLU A 1 113 ? -5.587  -5.751  12.126  1.00 64.64 ? 183 GLU A OE1 1 
ATOM   588 O OE2 . GLU A 1 113 ? -4.580  -3.816  12.394  1.00 64.68 ? 183 GLU A OE2 1 
ATOM   589 N N   . GLU A 1 114 ? -8.517  -5.660  8.016   1.00 42.33 ? 184 GLU A N   1 
ATOM   590 C CA  . GLU A 1 114 ? -9.568  -6.071  7.081   1.00 45.90 ? 184 GLU A CA  1 
ATOM   591 C C   . GLU A 1 114 ? -10.963 -5.819  7.639   1.00 47.79 ? 184 GLU A C   1 
ATOM   592 O O   . GLU A 1 114 ? -11.860 -5.349  6.928   1.00 43.60 ? 184 GLU A O   1 
ATOM   593 C CB  . GLU A 1 114 ? -9.422  -7.547  6.714   1.00 48.36 ? 184 GLU A CB  1 
ATOM   594 C CG  . GLU A 1 114 ? -8.762  -7.761  5.374   1.00 45.19 ? 184 GLU A CG  1 
ATOM   595 C CD  . GLU A 1 114 ? -8.618  -9.214  5.029   1.00 50.87 ? 184 GLU A CD  1 
ATOM   596 O OE1 . GLU A 1 114 ? -7.675  -9.847  5.550   1.00 57.89 ? 184 GLU A OE1 1 
ATOM   597 O OE2 . GLU A 1 114 ? -9.441  -9.719  4.235   1.00 50.16 ? 184 GLU A OE2 1 
ATOM   598 N N   . LYS A 1 115 ? -11.119 -6.114  8.927   1.00 46.46 ? 185 LYS A N   1 
ATOM   599 C CA  . LYS A 1 115 ? -12.395 -5.964  9.606   1.00 50.33 ? 185 LYS A CA  1 
ATOM   600 C C   . LYS A 1 115 ? -12.608 -4.508  9.952   1.00 42.23 ? 185 LYS A C   1 
ATOM   601 O O   . LYS A 1 115 ? -13.645 -4.131  10.473  1.00 40.45 ? 185 LYS A O   1 
ATOM   602 C CB  . LYS A 1 115 ? -12.432 -6.822  10.881  1.00 51.25 ? 185 LYS A CB  1 
ATOM   603 C CG  . LYS A 1 115 ? -11.506 -8.036  10.839  1.00 55.55 ? 185 LYS A CG  1 
ATOM   604 C CD  . LYS A 1 115 ? -10.395 -7.985  11.908  1.00 56.99 ? 185 LYS A CD  1 
ATOM   605 C CE  . LYS A 1 115 ? -10.682 -8.994  13.035  1.00 59.14 ? 185 LYS A CE  1 
ATOM   606 N NZ  . LYS A 1 115 ? -9.561  -9.120  14.024  1.00 55.27 ? 185 LYS A NZ  1 
ATOM   607 N N   . THR A 1 116 ? -11.590 -3.701  9.689   1.00 33.95 ? 186 THR A N   1 
ATOM   608 C CA  . THR A 1 116 ? -11.669 -2.263  9.904   1.00 29.19 ? 186 THR A CA  1 
ATOM   609 C C   . THR A 1 116 ? -12.876 -1.767  9.157   1.00 31.13 ? 186 THR A C   1 
ATOM   610 O O   . THR A 1 116 ? -13.061 -2.095  7.978   1.00 36.76 ? 186 THR A O   1 
ATOM   611 C CB  . THR A 1 116 ? -10.377 -1.561  9.414   1.00 34.06 ? 186 THR A CB  1 
ATOM   612 O OG1 . THR A 1 116 ? -9.270  -1.955  10.250  1.00 28.09 ? 186 THR A OG1 1 
ATOM   613 C CG2 . THR A 1 116 ? -10.527 -0.032  9.395   1.00 23.32 ? 186 THR A CG2 1 
ATOM   614 N N   . ASN A 1 117 ? -13.730 -1.039  9.863   1.00 26.82 ? 187 ASN A N   1 
ATOM   615 C CA  . ASN A 1 117 ? -14.926 -0.458  9.303   1.00 28.75 ? 187 ASN A CA  1 
ATOM   616 C C   . ASN A 1 117 ? -14.466 0.441   8.166   1.00 36.35 ? 187 ASN A C   1 
ATOM   617 O O   . ASN A 1 117 ? -13.583 1.272   8.344   1.00 33.11 ? 187 ASN A O   1 
ATOM   618 C CB  . ASN A 1 117 ? -15.643 0.318   10.425  1.00 39.37 ? 187 ASN A CB  1 
ATOM   619 C CG  . ASN A 1 117 ? -16.835 1.171   9.948   1.00 39.42 ? 187 ASN A CG  1 
ATOM   620 O OD1 . ASN A 1 117 ? -17.318 1.066   8.814   1.00 39.93 ? 187 ASN A OD1 1 
ATOM   621 N ND2 . ASN A 1 117 ? -17.324 2.018   10.858  1.00 40.01 ? 187 ASN A ND2 1 
ATOM   622 N N   . LEU A 1 118 ? -15.049 0.250   6.991   1.00 40.66 ? 188 LEU A N   1 
ATOM   623 C CA  . LEU A 1 118 ? -14.633 0.980   5.805   1.00 42.06 ? 188 LEU A CA  1 
ATOM   624 C C   . LEU A 1 118 ? -14.682 2.489   5.952   1.00 42.51 ? 188 LEU A C   1 
ATOM   625 O O   . LEU A 1 118 ? -13.898 3.196   5.313   1.00 43.42 ? 188 LEU A O   1 
ATOM   626 C CB  . LEU A 1 118 ? -15.492 0.587   4.595   1.00 47.82 ? 188 LEU A CB  1 
ATOM   627 C CG  . LEU A 1 118 ? -15.060 1.319   3.310   1.00 42.68 ? 188 LEU A CG  1 
ATOM   628 C CD1 . LEU A 1 118 ? -13.994 0.525   2.583   1.00 37.17 ? 188 LEU A CD1 1 
ATOM   629 C CD2 . LEU A 1 118 ? -16.243 1.642   2.417   1.00 46.05 ? 188 LEU A CD2 1 
ATOM   630 N N   . GLU A 1 119 ? -15.626 2.975   6.754   1.00 51.68 ? 189 GLU A N   1 
ATOM   631 C CA  . GLU A 1 119 ? -15.892 4.411   6.863   1.00 54.49 ? 189 GLU A CA  1 
ATOM   632 C C   . GLU A 1 119 ? -14.753 5.168   7.534   1.00 50.18 ? 189 GLU A C   1 
ATOM   633 O O   . GLU A 1 119 ? -14.522 6.327   7.235   1.00 51.67 ? 189 GLU A O   1 
ATOM   634 C CB  . GLU A 1 119 ? -17.195 4.656   7.631   1.00 56.43 ? 189 GLU A CB  1 
ATOM   635 C CG  . GLU A 1 119 ? -18.390 4.993   6.755   1.00 63.25 ? 189 GLU A CG  1 
ATOM   636 C CD  . GLU A 1 119 ? -18.470 6.467   6.392   1.00 71.17 ? 189 GLU A CD  1 
ATOM   637 O OE1 . GLU A 1 119 ? -17.854 6.871   5.376   1.00 73.08 ? 189 GLU A OE1 1 
ATOM   638 O OE2 . GLU A 1 119 ? -19.158 7.223   7.120   1.00 72.06 ? 189 GLU A OE2 1 
ATOM   639 N N   . ASP A 1 120 ? -14.069 4.502   8.457   1.00 37.78 ? 190 ASP A N   1 
ATOM   640 C CA  . ASP A 1 120 ? -12.899 5.058   9.130   1.00 41.34 ? 190 ASP A CA  1 
ATOM   641 C C   . ASP A 1 120 ? -11.757 5.217   8.131   1.00 39.80 ? 190 ASP A C   1 
ATOM   642 O O   . ASP A 1 120 ? -11.152 6.284   8.023   1.00 37.06 ? 190 ASP A O   1 
ATOM   643 C CB  . ASP A 1 120 ? -12.463 4.158   10.297  1.00 37.21 ? 190 ASP A CB  1 
ATOM   644 C CG  . ASP A 1 120 ? -13.537 4.018   11.364  1.00 35.02 ? 190 ASP A CG  1 
ATOM   645 O OD1 . ASP A 1 120 ? -14.375 4.925   11.486  1.00 43.56 ? 190 ASP A OD1 1 
ATOM   646 O OD2 . ASP A 1 120 ? -13.545 3.001   12.083  1.00 38.48 ? 190 ASP A OD2 1 
ATOM   647 N N   . ALA A 1 121 ? -11.477 4.139   7.404   1.00 35.60 ? 191 ALA A N   1 
ATOM   648 C CA  . ALA A 1 121 ? -10.535 4.174   6.296   1.00 35.37 ? 191 ALA A CA  1 
ATOM   649 C C   . ALA A 1 121 ? -10.887 5.314   5.373   1.00 30.78 ? 191 ALA A C   1 
ATOM   650 O O   . ALA A 1 121 ? -10.029 6.059   4.951   1.00 32.54 ? 191 ALA A O   1 
ATOM   651 C CB  . ALA A 1 121 ? -10.576 2.868   5.540   1.00 34.66 ? 191 ALA A CB  1 
ATOM   652 N N   . ALA A 1 122 ? -12.170 5.453   5.085   1.00 29.82 ? 192 ALA A N   1 
ATOM   653 C CA  . ALA A 1 122 ? -12.654 6.459   4.167   1.00 28.53 ? 192 ALA A CA  1 
ATOM   654 C C   . ALA A 1 122 ? -12.365 7.834   4.702   1.00 30.35 ? 192 ALA A C   1 
ATOM   655 O O   . ALA A 1 122 ? -11.883 8.672   3.965   1.00 32.33 ? 192 ALA A O   1 
ATOM   656 C CB  . ALA A 1 122 ? -14.125 6.274   3.916   1.00 37.64 ? 192 ALA A CB  1 
ATOM   657 N N   . LYS A 1 123 ? -12.615 8.054   5.988   1.00 37.47 ? 193 LYS A N   1 
ATOM   658 C CA  . LYS A 1 123 ? -12.250 9.320   6.625   1.00 38.41 ? 193 LYS A CA  1 
ATOM   659 C C   . LYS A 1 123 ? -10.770 9.633   6.406   1.00 41.14 ? 193 LYS A C   1 
ATOM   660 O O   . LYS A 1 123 ? -10.429 10.720  5.932   1.00 37.26 ? 193 LYS A O   1 
ATOM   661 C CB  . LYS A 1 123 ? -12.559 9.309   8.127   1.00 39.64 ? 193 LYS A CB  1 
ATOM   662 C CG  . LYS A 1 123 ? -14.030 9.350   8.466   1.00 45.26 ? 193 LYS A CG  1 
ATOM   663 C CD  . LYS A 1 123 ? -14.356 8.358   9.557   1.00 42.47 ? 193 LYS A CD  1 
ATOM   664 C CE  . LYS A 1 123 ? -15.806 8.414   9.966   1.00 44.07 ? 193 LYS A CE  1 
ATOM   665 N NZ  . LYS A 1 123 ? -16.132 7.258   10.878  1.00 48.47 ? 193 LYS A NZ  1 
ATOM   666 N N   . ILE A 1 124 ? -9.888  8.688   6.733   1.00 32.09 ? 194 ILE A N   1 
ATOM   667 C CA  . ILE A 1 124 ? -8.465  8.975   6.553   1.00 37.34 ? 194 ILE A CA  1 
ATOM   668 C C   . ILE A 1 124 ? -8.154  9.324   5.105   1.00 37.74 ? 194 ILE A C   1 
ATOM   669 O O   . ILE A 1 124 ? -7.603  10.383  4.810   1.00 41.54 ? 194 ILE A O   1 
ATOM   670 C CB  . ILE A 1 124 ? -7.568  7.805   6.970   1.00 35.78 ? 194 ILE A CB  1 
ATOM   671 C CG1 . ILE A 1 124 ? -7.775  7.480   8.450   1.00 34.64 ? 194 ILE A CG1 1 
ATOM   672 C CG2 . ILE A 1 124 ? -6.122  8.159   6.692   1.00 36.51 ? 194 ILE A CG2 1 
ATOM   673 C CD1 . ILE A 1 124 ? -7.588  8.673   9.334   1.00 35.70 ? 194 ILE A CD1 1 
ATOM   674 N N   . LEU A 1 125 ? -8.520  8.428   4.203   1.00 52.39 ? 195 LEU A N   1 
ATOM   675 C CA  . LEU A 1 125 ? -8.284  8.648   2.793   1.00 56.80 ? 195 LEU A CA  1 
ATOM   676 C C   . LEU A 1 125 ? -8.790  10.012  2.338   1.00 60.18 ? 195 LEU A C   1 
ATOM   677 O O   . LEU A 1 125 ? -8.124  10.703  1.573   1.00 65.83 ? 195 LEU A O   1 
ATOM   678 C CB  . LEU A 1 125 ? -8.932  7.544   1.959   1.00 54.04 ? 195 LEU A CB  1 
ATOM   679 C CG  . LEU A 1 125 ? -8.116  6.273   1.689   1.00 58.30 ? 195 LEU A CG  1 
ATOM   680 C CD1 . LEU A 1 125 ? -6.602  6.524   1.821   1.00 56.60 ? 195 LEU A CD1 1 
ATOM   681 C CD2 . LEU A 1 125 ? -8.563  5.109   2.559   1.00 51.39 ? 195 LEU A CD2 1 
ATOM   682 N N   . LEU A 1 126 ? -9.950  10.413  2.839   1.00 57.35 ? 196 LEU A N   1 
ATOM   683 C CA  . LEU A 1 126 ? -10.613 11.604  2.325   1.00 62.51 ? 196 LEU A CA  1 
ATOM   684 C C   . LEU A 1 126 ? -10.250 12.898  3.052   1.00 59.91 ? 196 LEU A C   1 
ATOM   685 O O   . LEU A 1 126 ? -10.685 13.961  2.652   1.00 69.81 ? 196 LEU A O   1 
ATOM   686 C CB  . LEU A 1 126 ? -12.135 11.403  2.305   1.00 61.59 ? 196 LEU A CB  1 
ATOM   687 C CG  . LEU A 1 126 ? -12.667 10.252  1.440   1.00 60.40 ? 196 LEU A CG  1 
ATOM   688 C CD1 . LEU A 1 126 ? -14.109 9.913   1.811   1.00 54.97 ? 196 LEU A CD1 1 
ATOM   689 C CD2 . LEU A 1 126 ? -12.539 10.571  -0.043  1.00 60.86 ? 196 LEU A CD2 1 
ATOM   690 N N   . GLU A 1 127 ? -9.456  12.814  4.111   1.00 60.00 ? 197 GLU A N   1 
ATOM   691 C CA  . GLU A 1 127 ? -9.101  14.004  4.881   1.00 60.22 ? 197 GLU A CA  1 
ATOM   692 C C   . GLU A 1 127 ? -7.589  14.213  4.994   1.00 62.04 ? 197 GLU A C   1 
ATOM   693 O O   . GLU A 1 127 ? -7.129  15.039  5.781   1.00 66.15 ? 197 GLU A O   1 
ATOM   694 C CB  . GLU A 1 127 ? -9.681  13.910  6.294   1.00 62.42 ? 197 GLU A CB  1 
ATOM   695 C CG  . GLU A 1 127 ? -11.144 14.275  6.440   1.00 67.40 ? 197 GLU A CG  1 
ATOM   696 C CD  . GLU A 1 127 ? -11.621 14.084  7.874   1.00 72.03 ? 197 GLU A CD  1 
ATOM   697 O OE1 . GLU A 1 127 ? -12.699 14.618  8.241   1.00 70.54 ? 197 GLU A OE1 1 
ATOM   698 O OE2 . GLU A 1 127 ? -10.901 13.391  8.631   1.00 67.90 ? 197 GLU A OE2 1 
ATOM   699 N N   . THR A 1 128 ? -6.818  13.456  4.224   1.00 52.73 ? 198 THR A N   1 
ATOM   700 C CA  . THR A 1 128 ? -5.365  13.471  4.342   1.00 51.42 ? 198 THR A CA  1 
ATOM   701 C C   . THR A 1 128 ? -4.674  13.277  3.002   1.00 51.63 ? 198 THR A C   1 
ATOM   702 O O   . THR A 1 128 ? -5.288  12.884  2.009   1.00 52.55 ? 198 THR A O   1 
ATOM   703 C CB  . THR A 1 128 ? -4.856  12.329  5.252   1.00 49.14 ? 198 THR A CB  1 
ATOM   704 O OG1 . THR A 1 128 ? -5.123  11.066  4.624   1.00 51.85 ? 198 THR A OG1 1 
ATOM   705 C CG2 . THR A 1 128 ? -5.500  12.366  6.643   1.00 46.26 ? 198 THR A CG2 1 
ATOM   706 N N   . LYS A 1 129 ? -3.370  13.523  3.001   1.00 64.57 ? 199 LYS A N   1 
ATOM   707 C CA  . LYS A 1 129 ? -2.532  13.347  1.820   1.00 59.99 ? 199 LYS A CA  1 
ATOM   708 C C   . LYS A 1 129 ? -2.494  11.896  1.337   1.00 57.44 ? 199 LYS A C   1 
ATOM   709 O O   . LYS A 1 129 ? -2.063  11.610  0.212   1.00 60.65 ? 199 LYS A O   1 
ATOM   710 C CB  . LYS A 1 129 ? -1.110  13.835  2.130   1.00 68.92 ? 199 LYS A CB  1 
ATOM   711 C CG  . LYS A 1 129 ? -1.012  15.325  2.466   1.00 73.16 ? 199 LYS A CG  1 
ATOM   712 C CD  . LYS A 1 129 ? -0.504  15.581  3.890   1.00 76.46 ? 199 LYS A CD  1 
ATOM   713 C CE  . LYS A 1 129 ? -0.565  17.077  4.228   1.00 72.91 ? 199 LYS A CE  1 
ATOM   714 N NZ  . LYS A 1 129 ? -0.189  17.384  5.635   1.00 64.57 ? 199 LYS A NZ  1 
ATOM   715 N N   . TYR A 1 130 ? -2.943  10.985  2.193   1.00 53.77 ? 200 TYR A N   1 
ATOM   716 C CA  . TYR A 1 130 ? -2.884  9.550   1.912   1.00 58.11 ? 200 TYR A CA  1 
ATOM   717 C C   . TYR A 1 130 ? -3.917  9.081   0.870   1.00 52.69 ? 200 TYR A C   1 
ATOM   718 O O   . TYR A 1 130 ? -5.124  9.329   0.991   1.00 46.67 ? 200 TYR A O   1 
ATOM   719 C CB  . TYR A 1 130 ? -3.020  8.745   3.216   1.00 57.30 ? 200 TYR A CB  1 
ATOM   720 C CG  . TYR A 1 130 ? -2.040  9.154   4.305   1.00 56.65 ? 200 TYR A CG  1 
ATOM   721 C CD1 . TYR A 1 130 ? -0.707  8.769   4.254   1.00 58.52 ? 200 TYR A CD1 1 
ATOM   722 C CD2 . TYR A 1 130 ? -2.457  9.922   5.386   1.00 60.74 ? 200 TYR A CD2 1 
ATOM   723 C CE1 . TYR A 1 130 ? 0.189   9.142   5.249   1.00 57.51 ? 200 TYR A CE1 1 
ATOM   724 C CE2 . TYR A 1 130 ? -1.582  10.308  6.385   1.00 62.51 ? 200 TYR A CE2 1 
ATOM   725 C CZ  . TYR A 1 130 ? -0.257  9.917   6.312   1.00 60.69 ? 200 TYR A CZ  1 
ATOM   726 O OH  . TYR A 1 130 ? 0.602   10.304  7.315   1.00 60.04 ? 200 TYR A OH  1 
ATOM   727 N N   . ARG A 1 131 ? -3.414  8.412   -0.160  1.00 67.02 ? 201 ARG A N   1 
ATOM   728 C CA  . ARG A 1 131 ? -4.244  7.875   -1.230  1.00 66.49 ? 201 ARG A CA  1 
ATOM   729 C C   . ARG A 1 131 ? -4.329  6.364   -1.108  1.00 62.73 ? 201 ARG A C   1 
ATOM   730 O O   . ARG A 1 131 ? -5.167  5.730   -1.728  1.00 64.39 ? 201 ARG A O   1 
ATOM   731 C CB  . ARG A 1 131 ? -3.651  8.236   -2.590  1.00 69.04 ? 201 ARG A CB  1 
ATOM   732 C CG  . ARG A 1 131 ? -4.040  9.585   -3.119  1.00 65.93 ? 201 ARG A CG  1 
ATOM   733 C CD  . ARG A 1 131 ? -4.430  9.451   -4.569  1.00 66.14 ? 201 ARG A CD  1 
ATOM   734 N NE  . ARG A 1 131 ? -4.986  10.690  -5.097  1.00 65.46 ? 201 ARG A NE  1 
ATOM   735 C CZ  . ARG A 1 131 ? -4.275  11.618  -5.727  1.00 70.10 ? 201 ARG A CZ  1 
ATOM   736 N NH1 . ARG A 1 131 ? -2.974  11.452  -5.914  1.00 73.46 ? 201 ARG A NH1 1 
ATOM   737 N NH2 . ARG A 1 131 ? -4.867  12.713  -6.176  1.00 68.30 ? 201 ARG A NH2 1 
ATOM   738 N N   . ARG A 1 132 ? -3.434  5.801   -0.311  1.00 44.10 ? 202 ARG A N   1 
ATOM   739 C CA  . ARG A 1 132 ? -3.333  4.365   -0.116  1.00 48.76 ? 202 ARG A CA  1 
ATOM   740 C C   . ARG A 1 132 ? -3.242  4.131   1.387   1.00 43.39 ? 202 ARG A C   1 
ATOM   741 O O   . ARG A 1 132 ? -2.877  5.045   2.117   1.00 44.73 ? 202 ARG A O   1 
ATOM   742 C CB  . ARG A 1 132 ? -2.082  3.815   -0.847  1.00 45.05 ? 202 ARG A CB  1 
ATOM   743 C CG  . ARG A 1 132 ? -2.003  4.281   -2.324  1.00 44.93 ? 202 ARG A CG  1 
ATOM   744 C CD  . ARG A 1 132 ? -0.782  3.751   -3.075  1.00 53.33 ? 202 ARG A CD  1 
ATOM   745 N NE  . ARG A 1 132 ? 0.033   4.814   -3.680  1.00 56.51 ? 202 ARG A NE  1 
ATOM   746 C CZ  . ARG A 1 132 ? 1.345   4.715   -3.890  1.00 46.13 ? 202 ARG A CZ  1 
ATOM   747 N NH1 . ARG A 1 132 ? 1.992   3.621   -3.532  1.00 38.88 ? 202 ARG A NH1 1 
ATOM   748 N NH2 . ARG A 1 132 ? 2.017   5.717   -4.442  1.00 55.21 ? 202 ARG A NH2 1 
ATOM   749 N N   . LEU A 1 133 ? -3.620  2.935   1.841   1.00 32.73 ? 203 LEU A N   1 
ATOM   750 C CA  . LEU A 1 133 ? -3.341  2.463   3.197   1.00 29.07 ? 203 LEU A CA  1 
ATOM   751 C C   . LEU A 1 133 ? -3.154  0.966   3.129   1.00 34.55 ? 203 LEU A C   1 
ATOM   752 O O   . LEU A 1 133 ? -3.985  0.271   2.588   1.00 32.48 ? 203 LEU A O   1 
ATOM   753 C CB  . LEU A 1 133 ? -4.470  2.767   4.176   1.00 32.01 ? 203 LEU A CB  1 
ATOM   754 C CG  . LEU A 1 133 ? -4.739  4.234   4.540   1.00 40.18 ? 203 LEU A CG  1 
ATOM   755 C CD1 . LEU A 1 133 ? -5.951  4.339   5.478   1.00 40.34 ? 203 LEU A CD1 1 
ATOM   756 C CD2 . LEU A 1 133 ? -3.512  4.905   5.148   1.00 32.71 ? 203 LEU A CD2 1 
ATOM   757 N N   . PRO A 1 134 ? -2.045  0.463   3.674   1.00 38.03 ? 204 PRO A N   1 
ATOM   758 C CA  . PRO A 1 134 ? -1.873  -0.986  3.682   1.00 33.68 ? 204 PRO A CA  1 
ATOM   759 C C   . PRO A 1 134 ? -2.840  -1.654  4.664   1.00 37.00 ? 204 PRO A C   1 
ATOM   760 O O   . PRO A 1 134 ? -3.158  -1.103  5.719   1.00 35.37 ? 204 PRO A O   1 
ATOM   761 C CB  . PRO A 1 134 ? -0.417  -1.170  4.124   1.00 33.97 ? 204 PRO A CB  1 
ATOM   762 C CG  . PRO A 1 134 ? -0.029  0.111   4.784   1.00 38.51 ? 204 PRO A CG  1 
ATOM   763 C CD  . PRO A 1 134 ? -0.871  1.190   4.185   1.00 33.76 ? 204 PRO A CD  1 
ATOM   764 N N   . VAL A 1 135 ? -3.301  -2.840  4.289   1.00 34.20 ? 205 VAL A N   1 
ATOM   765 C CA  . VAL A 1 135 ? -4.158  -3.652  5.122   1.00 32.46 ? 205 VAL A CA  1 
ATOM   766 C C   . VAL A 1 135 ? -3.374  -4.863  5.552   1.00 35.00 ? 205 VAL A C   1 
ATOM   767 O O   . VAL A 1 135 ? -2.808  -5.575  4.721   1.00 41.60 ? 205 VAL A O   1 
ATOM   768 C CB  . VAL A 1 135 ? -5.391  -4.146  4.370   1.00 37.03 ? 205 VAL A CB  1 
ATOM   769 C CG1 . VAL A 1 135 ? -6.413  -4.737  5.378   1.00 34.59 ? 205 VAL A CG1 1 
ATOM   770 C CG2 . VAL A 1 135 ? -6.013  -3.010  3.522   1.00 29.07 ? 205 VAL A CG2 1 
ATOM   771 N N   . VAL A 1 136 ? -3.306  -5.085  6.852   1.00 28.93 ? 206 VAL A N   1 
ATOM   772 C CA  . VAL A 1 136 ? -2.558  -6.216  7.373   1.00 31.32 ? 206 VAL A CA  1 
ATOM   773 C C   . VAL A 1 136 ? -3.433  -7.035  8.347   1.00 36.30 ? 206 VAL A C   1 
ATOM   774 O O   . VAL A 1 136 ? -4.469  -6.568  8.819   1.00 34.77 ? 206 VAL A O   1 
ATOM   775 C CB  . VAL A 1 136 ? -1.323  -5.756  8.139   1.00 33.58 ? 206 VAL A CB  1 
ATOM   776 C CG1 . VAL A 1 136 ? -0.525  -4.732  7.344   1.00 29.08 ? 206 VAL A CG1 1 
ATOM   777 C CG2 . VAL A 1 136 ? -1.734  -5.175  9.469   1.00 34.12 ? 206 VAL A CG2 1 
ATOM   778 N N   . ASP A 1 137 ? -3.005  -8.245  8.662   1.00 41.26 ? 207 ASP A N   1 
ATOM   779 C CA  . ASP A 1 137 ? -3.744  -9.054  9.603   1.00 44.54 ? 207 ASP A CA  1 
ATOM   780 C C   . ASP A 1 137 ? -3.170  -9.069  11.011  1.00 49.41 ? 207 ASP A C   1 
ATOM   781 O O   . ASP A 1 137 ? -2.189  -8.385  11.326  1.00 47.78 ? 207 ASP A O   1 
ATOM   782 C CB  . ASP A 1 137 ? -3.927  -10.490 9.093   1.00 44.61 ? 207 ASP A CB  1 
ATOM   783 C CG  . ASP A 1 137 ? -2.612  -11.187 8.805   1.00 48.55 ? 207 ASP A CG  1 
ATOM   784 O OD1 . ASP A 1 137 ? -1.621  -10.955 9.532   1.00 48.70 ? 207 ASP A OD1 1 
ATOM   785 O OD2 . ASP A 1 137 ? -2.579  -11.981 7.842   1.00 52.70 ? 207 ASP A OD2 1 
ATOM   786 N N   . SER A 1 138 ? -3.827  -9.878  11.833  1.00 43.98 ? 208 SER A N   1 
ATOM   787 C CA  . SER A 1 138 ? -3.466  -10.179 13.205  1.00 43.86 ? 208 SER A CA  1 
ATOM   788 C C   . SER A 1 138 ? -1.981  -10.418 13.400  1.00 45.75 ? 208 SER A C   1 
ATOM   789 O O   . SER A 1 138 ? -1.395  -9.980  14.390  1.00 48.83 ? 208 SER A O   1 
ATOM   790 C CB  . SER A 1 138 ? -4.250  -11.424 13.636  1.00 55.66 ? 208 SER A CB  1 
ATOM   791 O OG  . SER A 1 138 ? -5.092  -11.902 12.577  1.00 48.35 ? 208 SER A OG  1 
ATOM   792 N N   . ASP A 1 139 ? -1.362  -11.122 12.461  1.00 64.61 ? 209 ASP A N   1 
ATOM   793 C CA  . ASP A 1 139 ? 0.069   -11.399 12.568  1.00 65.94 ? 209 ASP A CA  1 
ATOM   794 C C   . ASP A 1 139 ? 0.933   -10.356 11.878  1.00 69.27 ? 209 ASP A C   1 
ATOM   795 O O   . ASP A 1 139 ? 2.107   -10.592 11.608  1.00 72.31 ? 209 ASP A O   1 
ATOM   796 C CB  . ASP A 1 139 ? 0.406   -12.794 12.057  1.00 67.09 ? 209 ASP A CB  1 
ATOM   797 C CG  . ASP A 1 139 ? 0.222   -13.849 13.118  1.00 73.31 ? 209 ASP A CG  1 
ATOM   798 O OD1 . ASP A 1 139 ? 1.126   -13.993 13.970  1.00 68.39 ? 209 ASP A OD1 1 
ATOM   799 O OD2 . ASP A 1 139 ? -0.830  -14.522 13.107  1.00 79.46 ? 209 ASP A OD2 1 
ATOM   800 N N   . GLY A 1 140 ? 0.351   -9.196  11.606  1.00 57.39 ? 210 GLY A N   1 
ATOM   801 C CA  . GLY A 1 140 ? 1.102   -8.113  11.004  1.00 55.07 ? 210 GLY A CA  1 
ATOM   802 C C   . GLY A 1 140 ? 1.423   -8.385  9.554   1.00 53.65 ? 210 GLY A C   1 
ATOM   803 O O   . GLY A 1 140 ? 2.199   -7.655  8.946   1.00 56.99 ? 210 GLY A O   1 
ATOM   804 N N   . LYS A 1 141 ? 0.823   -9.429  8.994   1.00 49.02 ? 211 LYS A N   1 
ATOM   805 C CA  . LYS A 1 141 ? 1.119   -9.795  7.626   1.00 48.42 ? 211 LYS A CA  1 
ATOM   806 C C   . LYS A 1 141 ? 0.263   -9.017  6.645   1.00 52.10 ? 211 LYS A C   1 
ATOM   807 O O   . LYS A 1 141 ? -0.949  -8.887  6.821   1.00 50.32 ? 211 LYS A O   1 
ATOM   808 C CB  . LYS A 1 141 ? 0.955   -11.295 7.414   1.00 54.11 ? 211 LYS A CB  1 
ATOM   809 C CG  . LYS A 1 141 ? 1.988   -12.123 8.150   1.00 60.29 ? 211 LYS A CG  1 
ATOM   810 C CD  . LYS A 1 141 ? 2.052   -13.536 7.583   1.00 65.00 ? 211 LYS A CD  1 
ATOM   811 C CE  . LYS A 1 141 ? 3.127   -14.368 8.266   1.00 66.58 ? 211 LYS A CE  1 
ATOM   812 N NZ  . LYS A 1 141 ? 3.723   -15.346 7.311   1.00 69.00 ? 211 LYS A NZ  1 
ATOM   813 N N   . LEU A 1 142 ? 0.908   -8.498  5.607   1.00 43.65 ? 212 LEU A N   1 
ATOM   814 C CA  . LEU A 1 142 ? 0.234   -7.635  4.651   1.00 42.13 ? 212 LEU A CA  1 
ATOM   815 C C   . LEU A 1 142 ? -0.742  -8.414  3.783   1.00 38.08 ? 212 LEU A C   1 
ATOM   816 O O   . LEU A 1 142 ? -0.334  -9.305  3.048   1.00 42.70 ? 212 LEU A O   1 
ATOM   817 C CB  . LEU A 1 142 ? 1.259   -6.909  3.774   1.00 34.57 ? 212 LEU A CB  1 
ATOM   818 C CG  . LEU A 1 142 ? 0.634   -6.192  2.580   1.00 37.41 ? 212 LEU A CG  1 
ATOM   819 C CD1 . LEU A 1 142 ? -0.111  -4.930  3.026   1.00 37.34 ? 212 LEU A CD1 1 
ATOM   820 C CD2 . LEU A 1 142 ? 1.688   -5.866  1.535   1.00 37.57 ? 212 LEU A CD2 1 
ATOM   821 N N   . VAL A 1 143 ? -2.025  -8.070  3.843   1.00 26.95 ? 213 VAL A N   1 
ATOM   822 C CA  . VAL A 1 143 ? -3.022  -8.823  3.089   1.00 26.55 ? 213 VAL A CA  1 
ATOM   823 C C   . VAL A 1 143 ? -3.769  -7.966  2.096   1.00 28.30 ? 213 VAL A C   1 
ATOM   824 O O   . VAL A 1 143 ? -4.677  -8.436  1.422   1.00 31.04 ? 213 VAL A O   1 
ATOM   825 C CB  . VAL A 1 143 ? -4.054  -9.518  4.010   1.00 32.43 ? 213 VAL A CB  1 
ATOM   826 C CG1 . VAL A 1 143 ? -3.357  -10.397 5.065   1.00 30.96 ? 213 VAL A CG1 1 
ATOM   827 C CG2 . VAL A 1 143 ? -4.960  -8.477  4.675   1.00 31.93 ? 213 VAL A CG2 1 
ATOM   828 N N   . GLY A 1 144 ? -3.425  -6.696  1.998   1.00 33.27 ? 214 GLY A N   1 
ATOM   829 C CA  . GLY A 1 144 ? -4.023  -5.916  0.929   1.00 33.34 ? 214 GLY A CA  1 
ATOM   830 C C   . GLY A 1 144 ? -3.658  -4.458  1.020   1.00 33.78 ? 214 GLY A C   1 
ATOM   831 O O   . GLY A 1 144 ? -2.764  -4.104  1.764   1.00 32.45 ? 214 GLY A O   1 
ATOM   832 N N   . ILE A 1 145 ? -4.358  -3.627  0.257   1.00 38.88 ? 215 ILE A N   1 
ATOM   833 C CA  . ILE A 1 145 ? -4.240  -2.180  0.336   1.00 37.07 ? 215 ILE A CA  1 
ATOM   834 C C   . ILE A 1 145 ? -5.609  -1.568  -0.009  1.00 42.33 ? 215 ILE A C   1 
ATOM   835 O O   . ILE A 1 145 ? -6.329  -2.075  -0.873  1.00 43.60 ? 215 ILE A O   1 
ATOM   836 C CB  . ILE A 1 145 ? -3.135  -1.646  -0.629  1.00 42.37 ? 215 ILE A CB  1 
ATOM   837 C CG1 . ILE A 1 145 ? -1.742  -1.930  -0.062  1.00 42.69 ? 215 ILE A CG1 1 
ATOM   838 C CG2 . ILE A 1 145 ? -3.278  -0.179  -0.855  1.00 42.36 ? 215 ILE A CG2 1 
ATOM   839 C CD1 . ILE A 1 145 ? -0.624  -1.215  -0.771  1.00 43.80 ? 215 ILE A CD1 1 
ATOM   840 N N   . ILE A 1 146 ? -5.983  -0.506  0.700   1.00 35.48 ? 216 ILE A N   1 
ATOM   841 C CA  . ILE A 1 146 ? -7.150  0.268   0.348   1.00 35.46 ? 216 ILE A CA  1 
ATOM   842 C C   . ILE A 1 146 ? -6.779  1.673   -0.123  1.00 42.19 ? 216 ILE A C   1 
ATOM   843 O O   . ILE A 1 146 ? -6.187  2.480   0.599   1.00 37.28 ? 216 ILE A O   1 
ATOM   844 C CB  . ILE A 1 146 ? -8.150  0.365   1.510   1.00 38.58 ? 216 ILE A CB  1 
ATOM   845 C CG1 . ILE A 1 146 ? -9.284  1.312   1.134   1.00 42.21 ? 216 ILE A CG1 1 
ATOM   846 C CG2 . ILE A 1 146 ? -7.455  0.800   2.809   1.00 32.91 ? 216 ILE A CG2 1 
ATOM   847 C CD1 . ILE A 1 146 ? -10.472 0.614   0.549   1.00 41.49 ? 216 ILE A CD1 1 
ATOM   848 N N   . THR A 1 147 ? -7.143  1.957   -1.361  1.00 45.94 ? 217 THR A N   1 
ATOM   849 C CA  . THR A 1 147 ? -6.887  3.262   -1.935  1.00 43.56 ? 217 THR A CA  1 
ATOM   850 C C   . THR A 1 147 ? -8.164  4.106   -1.915  1.00 39.63 ? 217 THR A C   1 
ATOM   851 O O   . THR A 1 147 ? -9.262  3.577   -1.771  1.00 42.47 ? 217 THR A O   1 
ATOM   852 C CB  . THR A 1 147 ? -6.351  3.128   -3.359  1.00 34.33 ? 217 THR A CB  1 
ATOM   853 O OG1 . THR A 1 147 ? -7.422  3.320   -4.281  1.00 41.79 ? 217 THR A OG1 1 
ATOM   854 C CG2 . THR A 1 147 ? -5.780  1.753   -3.558  1.00 34.25 ? 217 THR A CG2 1 
ATOM   855 N N   . ARG A 1 148 ? -7.998  5.420   -2.033  1.00 38.46 ? 218 ARG A N   1 
ATOM   856 C CA  . ARG A 1 148 ? -9.101  6.373   -2.148  1.00 38.81 ? 218 ARG A CA  1 
ATOM   857 C C   . ARG A 1 148 ? -9.977  6.008   -3.356  1.00 42.16 ? 218 ARG A C   1 
ATOM   858 O O   . ARG A 1 148 ? -11.196 6.214   -3.342  1.00 38.37 ? 218 ARG A O   1 
ATOM   859 C CB  . ARG A 1 148 ? -8.525  7.797   -2.295  1.00 39.41 ? 218 ARG A CB  1 
ATOM   860 C CG  . ARG A 1 148 ? -9.526  8.953   -2.284  1.00 40.02 ? 218 ARG A CG  1 
ATOM   861 C CD  . ARG A 1 148 ? -8.831  10.306  -2.511  1.00 40.00 ? 218 ARG A CD  1 
ATOM   862 N NE  . ARG A 1 148 ? -8.088  10.744  -1.328  1.00 47.74 ? 218 ARG A NE  1 
ATOM   863 C CZ  . ARG A 1 148 ? -7.179  11.716  -1.324  1.00 48.64 ? 218 ARG A CZ  1 
ATOM   864 N NH1 . ARG A 1 148 ? -6.887  12.371  -2.449  1.00 45.86 ? 218 ARG A NH1 1 
ATOM   865 N NH2 . ARG A 1 148 ? -6.554  12.027  -0.197  1.00 42.78 ? 218 ARG A NH2 1 
ATOM   866 N N   . GLY A 1 149 ? -9.333  5.475   -4.397  1.00 42.09 ? 219 GLY A N   1 
ATOM   867 C CA  . GLY A 1 149 ? -10.030 4.912   -5.531  1.00 36.76 ? 219 GLY A CA  1 
ATOM   868 C C   . GLY A 1 149 ? -11.011 3.835   -5.085  1.00 44.11 ? 219 GLY A C   1 
ATOM   869 O O   . GLY A 1 149 ? -12.201 3.935   -5.342  1.00 43.19 ? 219 GLY A O   1 
ATOM   870 N N   . ASN A 1 150 ? -10.500 2.803   -4.425  1.00 42.89 ? 220 ASN A N   1 
ATOM   871 C CA  . ASN A 1 150 ? -11.324 1.722   -3.911  1.00 42.60 ? 220 ASN A CA  1 
ATOM   872 C C   . ASN A 1 150 ? -12.507 2.243   -3.088  1.00 50.33 ? 220 ASN A C   1 
ATOM   873 O O   . ASN A 1 150 ? -13.636 1.749   -3.212  1.00 48.67 ? 220 ASN A O   1 
ATOM   874 C CB  . ASN A 1 150 ? -10.460 0.778   -3.068  1.00 43.08 ? 220 ASN A CB  1 
ATOM   875 C CG  . ASN A 1 150 ? -9.434  0.034   -3.903  1.00 42.96 ? 220 ASN A CG  1 
ATOM   876 O OD1 . ASN A 1 150 ? -9.612  -0.133  -5.101  1.00 41.12 ? 220 ASN A OD1 1 
ATOM   877 N ND2 . ASN A 1 150 ? -8.366  -0.434  -3.266  1.00 46.54 ? 220 ASN A ND2 1 
ATOM   878 N N   . VAL A 1 151 ? -12.255 3.262   -2.270  1.00 54.39 ? 221 VAL A N   1 
ATOM   879 C CA  . VAL A 1 151 ? -13.323 3.883   -1.491  1.00 52.84 ? 221 VAL A CA  1 
ATOM   880 C C   . VAL A 1 151 ? -14.363 4.512   -2.410  1.00 56.92 ? 221 VAL A C   1 
ATOM   881 O O   . VAL A 1 151 ? -15.572 4.375   -2.180  1.00 59.49 ? 221 VAL A O   1 
ATOM   882 C CB  . VAL A 1 151 ? -12.791 4.949   -0.510  1.00 55.22 ? 221 VAL A CB  1 
ATOM   883 C CG1 . VAL A 1 151 ? -13.945 5.754   0.084   1.00 53.15 ? 221 VAL A CG1 1 
ATOM   884 C CG2 . VAL A 1 151 ? -11.958 4.297   0.598   1.00 54.69 ? 221 VAL A CG2 1 
ATOM   885 N N   . VAL A 1 152 ? -13.888 5.202   -3.450  1.00 52.27 ? 222 VAL A N   1 
ATOM   886 C CA  . VAL A 1 152 ? -14.769 5.837   -4.434  1.00 53.57 ? 222 VAL A CA  1 
ATOM   887 C C   . VAL A 1 152 ? -15.658 4.797   -5.117  1.00 52.33 ? 222 VAL A C   1 
ATOM   888 O O   . VAL A 1 152 ? -16.874 4.959   -5.180  1.00 48.22 ? 222 VAL A O   1 
ATOM   889 C CB  . VAL A 1 152 ? -13.966 6.640   -5.495  1.00 46.16 ? 222 VAL A CB  1 
ATOM   890 C CG1 . VAL A 1 152 ? -14.793 6.845   -6.740  1.00 49.43 ? 222 VAL A CG1 1 
ATOM   891 C CG2 . VAL A 1 152 ? -13.525 7.982   -4.934  1.00 43.37 ? 222 VAL A CG2 1 
ATOM   892 N N   . ARG A 1 153 ? -15.020 3.732   -5.601  1.00 60.05 ? 223 ARG A N   1 
ATOM   893 C CA  . ARG A 1 153 ? -15.690 2.613   -6.236  1.00 62.42 ? 223 ARG A CA  1 
ATOM   894 C C   . ARG A 1 153 ? -16.773 2.079   -5.319  1.00 64.40 ? 223 ARG A C   1 
ATOM   895 O O   . ARG A 1 153 ? -17.899 1.856   -5.751  1.00 70.47 ? 223 ARG A O   1 
ATOM   896 C CB  . ARG A 1 153 ? -14.694 1.506   -6.594  1.00 59.40 ? 223 ARG A CB  1 
ATOM   897 C CG  . ARG A 1 153 ? -15.330 0.326   -7.302  1.00 65.50 ? 223 ARG A CG  1 
ATOM   898 C CD  . ARG A 1 153 ? -14.324 -0.532  -8.070  1.00 61.10 ? 223 ARG A CD  1 
ATOM   899 N NE  . ARG A 1 153 ? -13.581 -1.451  -7.218  1.00 67.29 ? 223 ARG A NE  1 
ATOM   900 C CZ  . ARG A 1 153 ? -14.055 -2.612  -6.771  1.00 71.76 ? 223 ARG A CZ  1 
ATOM   901 N NH1 . ARG A 1 153 ? -15.288 -2.992  -7.085  1.00 68.77 ? 223 ARG A NH1 1 
ATOM   902 N NH2 . ARG A 1 153 ? -13.299 -3.393  -6.003  1.00 73.13 ? 223 ARG A NH2 1 
ATOM   903 N N   . ALA A 1 154 ? -16.427 1.906   -4.049  1.00 64.04 ? 224 ALA A N   1 
ATOM   904 C CA  . ALA A 1 154 ? -17.377 1.469   -3.025  1.00 65.35 ? 224 ALA A CA  1 
ATOM   905 C C   . ALA A 1 154 ? -18.578 2.404   -2.901  1.00 68.54 ? 224 ALA A C   1 
ATOM   906 O O   . ALA A 1 154 ? -19.727 1.963   -2.816  1.00 67.87 ? 224 ALA A O   1 
ATOM   907 C CB  . ALA A 1 154 ? -16.675 1.361   -1.688  1.00 69.45 ? 224 ALA A CB  1 
ATOM   908 N N   . ALA A 1 155 ? -18.298 3.702   -2.870  1.00 62.81 ? 225 ALA A N   1 
ATOM   909 C CA  . ALA A 1 155 ? -19.344 4.704   -2.775  1.00 61.86 ? 225 ALA A CA  1 
ATOM   910 C C   . ALA A 1 155 ? -20.287 4.581   -3.968  1.00 68.32 ? 225 ALA A C   1 
ATOM   911 O O   . ALA A 1 155 ? -21.508 4.671   -3.828  1.00 66.59 ? 225 ALA A O   1 
ATOM   912 C CB  . ALA A 1 155 ? -18.738 6.097   -2.714  1.00 55.44 ? 225 ALA A CB  1 
ATOM   913 N N   . LEU A 1 156 ? -19.705 4.351   -5.140  1.00 75.07 ? 226 LEU A N   1 
ATOM   914 C CA  . LEU A 1 156 ? -20.465 4.319   -6.383  1.00 72.03 ? 226 LEU A CA  1 
ATOM   915 C C   . LEU A 1 156 ? -21.315 3.064   -6.512  1.00 73.57 ? 226 LEU A C   1 
ATOM   916 O O   . LEU A 1 156 ? -22.450 3.122   -6.974  1.00 78.28 ? 226 LEU A O   1 
ATOM   917 C CB  . LEU A 1 156 ? -19.525 4.427   -7.580  1.00 68.64 ? 226 LEU A CB  1 
ATOM   918 C CG  . LEU A 1 156 ? -18.727 5.725   -7.674  1.00 69.81 ? 226 LEU A CG  1 
ATOM   919 C CD1 . LEU A 1 156 ? -18.251 5.921   -9.100  1.00 68.42 ? 226 LEU A CD1 1 
ATOM   920 C CD2 . LEU A 1 156 ? -19.545 6.918   -7.189  1.00 66.48 ? 226 LEU A CD2 1 
ATOM   921 N N   . GLN A 1 157 ? -20.763 1.932   -6.094  1.00 69.80 ? 227 GLN A N   1 
ATOM   922 C CA  . GLN A 1 157 ? -21.447 0.650   -6.214  1.00 70.09 ? 227 GLN A CA  1 
ATOM   923 C C   . GLN A 1 157 ? -22.501 0.459   -5.131  1.00 71.65 ? 227 GLN A C   1 
ATOM   924 O O   . GLN A 1 157 ? -22.970 -0.652  -4.896  1.00 78.57 ? 227 GLN A O   1 
ATOM   925 C CB  . GLN A 1 157 ? -20.434 -0.489  -6.175  1.00 67.68 ? 227 GLN A CB  1 
ATOM   926 C CG  . GLN A 1 157 ? -19.416 -0.432  -7.296  1.00 69.13 ? 227 GLN A CG  1 
ATOM   927 C CD  . GLN A 1 157 ? -18.582 -1.681  -7.359  1.00 68.19 ? 227 GLN A CD  1 
ATOM   928 O OE1 . GLN A 1 157 ? -17.582 -1.742  -8.074  1.00 73.38 ? 227 GLN A OE1 1 
ATOM   929 N NE2 . GLN A 1 157 ? -18.991 -2.696  -6.611  1.00 69.84 ? 227 GLN A NE2 1 
ATOM   930 N N   . ILE A 1 158 ? -22.872 1.561   -4.488  1.00 77.50 ? 228 ILE A N   1 
ATOM   931 C CA  . ILE A 1 158 ? -23.914 1.582   -3.472  1.00 76.54 ? 228 ILE A CA  1 
ATOM   932 C C   . ILE A 1 158 ? -25.279 1.406   -4.120  1.00 78.99 ? 228 ILE A C   1 
ATOM   933 O O   . ILE A 1 158 ? -26.296 1.263   -3.437  1.00 80.53 ? 228 ILE A O   1 
ATOM   934 C CB  . ILE A 1 158 ? -23.904 2.929   -2.721  1.00 76.50 ? 228 ILE A CB  1 
ATOM   935 C CG1 . ILE A 1 158 ? -24.382 2.748   -1.275  1.00 83.82 ? 228 ILE A CG1 1 
ATOM   936 C CG2 . ILE A 1 158 ? -24.713 3.983   -3.480  1.00 70.83 ? 228 ILE A CG2 1 
ATOM   937 C CD1 . ILE A 1 158 ? -23.493 1.830   -0.453  1.00 77.37 ? 228 ILE A CD1 1 
ATOM   938 N N   . LYS A 1 159 ? -25.286 1.424   -5.449  1.00 69.02 ? 229 LYS A N   1 
ATOM   939 C CA  . LYS A 1 159 ? -26.514 1.353   -6.224  1.00 67.22 ? 229 LYS A CA  1 
ATOM   940 C C   . LYS A 1 159 ? -26.806 -0.071  -6.679  1.00 66.73 ? 229 LYS A C   1 
ATOM   941 O O   . LYS A 1 159 ? -27.866 -0.619  -6.378  1.00 66.67 ? 229 LYS A O   1 
ATOM   942 C CB  . LYS A 1 159 ? -26.423 2.291   -7.429  1.00 62.89 ? 229 LYS A CB  1 
ATOM   943 C CG  . LYS A 1 159 ? -26.312 3.751   -7.054  1.00 56.03 ? 229 LYS A CG  1 
ATOM   944 C CD  . LYS A 1 159 ? -26.470 4.637   -8.274  1.00 59.98 ? 229 LYS A CD  1 
ATOM   945 C CE  . LYS A 1 159 ? -26.703 6.087   -7.875  1.00 63.01 ? 229 LYS A CE  1 
ATOM   946 N NZ  . LYS A 1 159 ? -25.672 6.591   -6.916  1.00 57.48 ? 229 LYS A NZ  1 
HETATM 947 O O   . HOH B 2 .   ? 3.645   -5.938  10.200  1.00 31.37 ? 301 HOH A O   1 
HETATM 948 O O   . HOH B 2 .   ? -0.647  7.205   -2.253  1.00 62.16 ? 302 HOH A O   1 
HETATM 949 O O   . HOH B 2 .   ? 1.370   9.318   -1.374  1.00 51.22 ? 303 HOH A O   1 
HETATM 950 O O   . HOH B 2 .   ? -19.301 1.350   7.281   1.00 41.67 ? 304 HOH A O   1 
HETATM 951 O O   . HOH B 2 .   ? 0.298   10.755  0.214   1.00 38.68 ? 305 HOH A O   1 
HETATM 952 O O   . HOH B 2 .   ? 5.064   6.157   -0.271  1.00 60.38 ? 306 HOH A O   1 
HETATM 953 O O   . HOH B 2 .   ? -6.060  6.293   -5.369  1.00 40.69 ? 307 HOH A O   1 
HETATM 954 O O   . HOH B 2 .   ? 5.696   8.176   -11.108 1.00 43.15 ? 308 HOH A O   1 
HETATM 955 O O   . HOH B 2 .   ? -15.830 9.697   15.561  1.00 71.81 ? 309 HOH A O   1 
HETATM 956 O O   . HOH B 2 .   ? -16.942 2.039   14.269  1.00 44.48 ? 310 HOH A O   1 
HETATM 957 O O   . HOH B 2 .   ? -14.451 8.320   12.992  1.00 64.42 ? 311 HOH A O   1 
HETATM 958 O O   . HOH B 2 .   ? -2.097  -7.868  -11.009 1.00 54.65 ? 312 HOH A O   1 
HETATM 959 O O   . HOH B 2 .   ? -21.703 9.255   7.803   1.00 64.66 ? 313 HOH A O   1 
HETATM 960 O O   . HOH B 2 .   ? 3.034   10.003  5.046   1.00 63.98 ? 314 HOH A O   1 
HETATM 961 O O   . HOH B 2 .   ? 25.564  0.894   -2.741  1.00 57.47 ? 315 HOH A O   1 
HETATM 962 O O   . HOH B 2 .   ? 11.755  -7.216  9.454   1.00 52.26 ? 316 HOH A O   1 
HETATM 963 O O   . HOH B 2 .   ? -15.115 16.429  8.985   1.00 67.74 ? 317 HOH A O   1 
HETATM 964 O O   . HOH B 2 .   ? -20.482 1.533   16.732  1.00 51.64 ? 318 HOH A O   1 
HETATM 965 O O   . HOH B 2 .   ? -7.880  3.436   -7.215  1.00 52.68 ? 319 HOH A O   1 
HETATM 966 O O   . HOH B 2 .   ? 24.201  2.246   -11.052 1.00 59.03 ? 320 HOH A O   1 
HETATM 967 O O   . HOH B 2 .   ? 25.763  -2.323  -7.581  1.00 56.23 ? 321 HOH A O   1 
HETATM 968 O O   . HOH B 2 .   ? 3.957   -19.173 8.670   1.00 69.45 ? 322 HOH A O   1 
HETATM 969 O O   . HOH B 2 .   ? 6.096   4.429   6.617   1.00 57.16 ? 323 HOH A O   1 
HETATM 970 O O   . HOH B 2 .   ? -6.780  -10.924 0.051   1.00 57.82 ? 324 HOH A O   1 
HETATM 971 O O   . HOH B 2 .   ? 5.181   -2.157  9.989   1.00 46.34 ? 325 HOH A O   1 
HETATM 972 O O   . HOH B 2 .   ? 8.330   -15.945 0.993   1.00 67.55 ? 326 HOH A O   1 
HETATM 973 O O   . HOH B 2 .   ? -4.549  13.897  -2.046  1.00 44.80 ? 327 HOH A O   1 
HETATM 974 O O   . HOH B 2 .   ? 17.387  10.354  -12.703 1.00 44.67 ? 328 HOH A O   1 
HETATM 975 O O   . HOH B 2 .   ? 22.282  7.423   -13.601 1.00 46.45 ? 329 HOH A O   1 
HETATM 976 O O   . HOH B 2 .   ? -10.395 2.542   -7.655  1.00 47.10 ? 330 HOH A O   1 
HETATM 977 O O   . HOH B 2 .   ? -3.195  10.247  -15.734 1.00 59.45 ? 331 HOH A O   1 
HETATM 978 O O   . HOH B 2 .   ? -15.691 -5.149  -3.963  1.00 32.07 ? 332 HOH A O   1 
HETATM 979 O O   . HOH B 2 .   ? 20.421  2.447   -9.836  1.00 53.24 ? 333 HOH A O   1 
HETATM 980 O O   . HOH B 2 .   ? 17.848  16.925  -8.570  1.00 70.04 ? 334 HOH A O   1 
# 
